data_9GJ0
#
_entry.id   9GJ0
#
_cell.length_a   109.770
_cell.length_b   109.770
_cell.length_c   244.985
_cell.angle_alpha   90.00
_cell.angle_beta   90.00
_cell.angle_gamma   120.00
#
_symmetry.space_group_name_H-M   'P 32 2 1'
#
loop_
_entity.id
_entity.type
_entity.pdbx_description
1 polymer 'Probable vanillyl-alcohol oxidase'
2 non-polymer 'FLAVIN-ADENINE DINUCLEOTIDE'
#
_entity_poly.entity_id   1
_entity_poly.type   'polypeptide(L)'
_entity_poly.pdbx_seq_one_letter_code
;MTRTLPPGVSDERFDAALQRFRDVVGDKWVLSTADELEAFRDPYPVGAAEANLPSAVVSPESTEQVQDIVRIANEYGIPL
HPVSTGKNNGYGGAAPRLSGSVIVKTGERMNRILEVNEKYGYALLEPGVTYFDLYEYLQSHDSGLMLDCPDLGWGSVVGN
TLDRGVGYTPYGDHFMWQTGLEVVLPQGEVMRTGMGALPGSDAWQLFPYGFGPFPDGMFTQSNLGIVTKMGIALMQRPPA
SQSFLITFDKEEDLEQIVDIMLPLRINMAPLQNVPVLQNIFMHAAAVSKRTEWFDGDGPMPAEAIERMKKDLDLGFWNFY
GTLYGPPPLIEMYYGMIKEAFGKIPGARFFTHEERDDRGGHVLQDRHKINNGIPSLDDLQLLDWVPNGGHIGFVPVSAPD
GREAMKQFEMVRNRANEYNKDYMAGFTIGLREMYHVCLFIYDTADPEAREEILQMTKVLVREAAEAGYGEYRTHNALMDD
VMATFNWGDGALLKFHEKIKDALDPNGIIAPGKSGIWPQRFRGQNLGKLGPEQKLISEEDLNSAVDHHHHHH
;
_entity_poly.pdbx_strand_id   A,B,C
#
# COMPACT_ATOMS: atom_id res chain seq x y z
N THR A 2 10.28 11.52 19.48
CA THR A 2 9.10 12.15 18.84
C THR A 2 8.36 13.06 19.82
N ARG A 3 9.05 13.66 20.80
CA ARG A 3 8.38 14.29 21.94
C ARG A 3 7.22 15.14 21.44
N THR A 4 5.99 14.84 21.86
CA THR A 4 4.82 15.60 21.47
C THR A 4 4.91 17.02 22.06
N LEU A 5 4.70 18.02 21.21
CA LEU A 5 4.78 19.41 21.58
C LEU A 5 3.50 20.09 21.15
N PRO A 6 3.01 21.09 21.93
CA PRO A 6 1.88 21.92 21.52
C PRO A 6 2.23 22.72 20.26
N PRO A 7 1.26 22.89 19.32
CA PRO A 7 1.47 23.72 18.15
C PRO A 7 2.30 24.99 18.36
N GLY A 8 3.44 25.07 17.67
CA GLY A 8 4.22 26.29 17.58
C GLY A 8 4.91 26.65 18.90
N VAL A 9 5.11 25.67 19.77
CA VAL A 9 5.80 25.90 21.03
C VAL A 9 7.11 25.12 21.02
N SER A 10 8.19 25.82 21.33
CA SER A 10 9.52 25.23 21.32
C SER A 10 9.68 24.30 22.52
N ASP A 11 10.58 23.33 22.39
CA ASP A 11 11.00 22.44 23.46
C ASP A 11 11.28 23.22 24.73
N GLU A 12 11.85 24.44 24.59
CA GLU A 12 12.29 25.24 25.73
C GLU A 12 11.09 25.80 26.47
N ARG A 13 10.21 26.48 25.71
CA ARG A 13 9.08 27.18 26.29
C ARG A 13 8.18 26.15 27.00
N PHE A 14 8.06 24.94 26.42
CA PHE A 14 7.23 23.91 26.98
C PHE A 14 7.82 23.42 28.30
N ASP A 15 9.16 23.35 28.38
CA ASP A 15 9.86 22.94 29.60
C ASP A 15 9.62 23.98 30.70
N ALA A 16 9.65 25.25 30.33
CA ALA A 16 9.29 26.32 31.24
C ALA A 16 7.86 26.12 31.72
N ALA A 17 6.91 26.07 30.77
CA ALA A 17 5.50 25.94 31.10
C ALA A 17 5.27 24.75 32.02
N LEU A 18 5.84 23.58 31.66
CA LEU A 18 5.72 22.37 32.46
C LEU A 18 6.14 22.68 33.89
N GLN A 19 7.24 23.41 34.02
CA GLN A 19 7.75 23.79 35.33
C GLN A 19 6.68 24.61 36.06
N ARG A 20 6.11 25.59 35.36
CA ARG A 20 5.13 26.48 35.96
C ARG A 20 3.88 25.68 36.34
N PHE A 21 3.53 24.67 35.53
CA PHE A 21 2.42 23.75 35.83
C PHE A 21 2.70 22.95 37.09
N ARG A 22 3.91 22.38 37.21
CA ARG A 22 4.32 21.64 38.39
C ARG A 22 4.27 22.57 39.62
N ASP A 23 4.70 23.83 39.46
CA ASP A 23 4.60 24.82 40.52
C ASP A 23 3.16 24.98 41.02
N VAL A 24 2.18 24.84 40.13
CA VAL A 24 0.78 25.03 40.50
C VAL A 24 0.28 23.80 41.23
N VAL A 25 0.40 22.61 40.62
CA VAL A 25 -0.29 21.43 41.13
C VAL A 25 0.63 20.52 41.92
N GLY A 26 1.93 20.48 41.58
CA GLY A 26 2.90 19.62 42.25
C GLY A 26 3.48 18.58 41.29
N ASP A 27 4.77 18.28 41.46
CA ASP A 27 5.53 17.53 40.46
C ASP A 27 4.86 16.18 40.17
N LYS A 28 4.30 15.57 41.21
CA LYS A 28 3.65 14.28 41.13
C LYS A 28 2.53 14.26 40.10
N TRP A 29 1.81 15.38 39.94
CA TRP A 29 0.56 15.42 39.22
C TRP A 29 0.68 16.07 37.85
N VAL A 30 1.92 16.24 37.37
CA VAL A 30 2.16 16.62 35.99
C VAL A 30 2.91 15.46 35.33
N LEU A 31 2.26 14.84 34.33
CA LEU A 31 2.85 13.76 33.56
C LEU A 31 3.29 14.30 32.20
N SER A 32 4.43 13.81 31.70
CA SER A 32 4.98 14.25 30.43
C SER A 32 6.08 13.32 29.93
N THR A 33 5.80 12.01 29.89
CA THR A 33 6.69 11.05 29.26
C THR A 33 5.83 10.02 28.53
N ALA A 34 6.47 9.29 27.61
CA ALA A 34 5.77 8.36 26.74
C ALA A 34 5.00 7.34 27.57
N ASP A 35 5.70 6.67 28.50
CA ASP A 35 5.08 5.62 29.30
C ASP A 35 3.87 6.18 30.04
N GLU A 36 4.06 7.33 30.71
CA GLU A 36 3.03 7.96 31.51
C GLU A 36 1.82 8.36 30.66
N LEU A 37 2.08 8.81 29.43
CA LEU A 37 1.03 9.38 28.58
C LEU A 37 0.28 8.30 27.80
N GLU A 38 0.77 7.06 27.87
CA GLU A 38 0.13 5.95 27.16
C GLU A 38 -1.27 5.74 27.73
N ALA A 39 -1.42 6.00 29.03
CA ALA A 39 -2.63 5.66 29.75
C ALA A 39 -3.83 6.47 29.26
N PHE A 40 -3.58 7.60 28.58
CA PHE A 40 -4.66 8.52 28.23
C PHE A 40 -5.00 8.46 26.74
N ARG A 41 -4.65 7.34 26.10
CA ARG A 41 -5.04 7.06 24.73
C ARG A 41 -6.52 6.66 24.69
N ASP A 42 -7.28 7.17 23.70
CA ASP A 42 -8.64 6.73 23.42
C ASP A 42 -8.63 5.21 23.48
N PRO A 43 -9.37 4.57 24.43
CA PRO A 43 -9.24 3.12 24.63
C PRO A 43 -9.98 2.35 23.54
N TYR A 44 -10.93 3.03 22.86
CA TYR A 44 -11.60 2.52 21.68
C TYR A 44 -11.22 3.41 20.49
N PRO A 45 -9.97 3.28 19.95
CA PRO A 45 -9.52 4.09 18.82
C PRO A 45 -10.37 3.87 17.58
N VAL A 46 -10.45 4.91 16.76
CA VAL A 46 -11.19 4.87 15.52
C VAL A 46 -10.27 5.51 14.48
N GLY A 47 -10.35 5.02 13.24
CA GLY A 47 -9.32 5.26 12.25
C GLY A 47 -8.16 4.26 12.37
N ALA A 48 -7.46 4.05 11.27
CA ALA A 48 -6.23 3.29 11.30
C ALA A 48 -5.13 4.13 11.96
N ALA A 49 -5.16 5.44 11.71
CA ALA A 49 -4.05 6.33 12.02
C ALA A 49 -4.06 6.70 13.51
N GLU A 50 -2.85 6.93 14.06
CA GLU A 50 -2.68 7.57 15.35
C GLU A 50 -3.20 9.01 15.23
N ALA A 51 -4.42 9.28 15.74
CA ALA A 51 -4.95 10.64 15.85
C ALA A 51 -5.21 10.96 17.32
N ASN A 52 -4.99 12.22 17.70
CA ASN A 52 -5.09 12.67 19.08
C ASN A 52 -3.90 12.15 19.89
N LEU A 53 -3.06 13.03 20.46
CA LEU A 53 -1.85 12.62 21.18
C LEU A 53 -1.44 13.72 22.16
N PRO A 54 -1.57 13.52 23.50
CA PRO A 54 -1.38 14.61 24.46
C PRO A 54 0.06 14.91 24.84
N SER A 55 0.37 16.20 24.98
CA SER A 55 1.73 16.65 25.27
C SER A 55 2.02 16.58 26.77
N ALA A 56 0.98 16.63 27.61
CA ALA A 56 1.11 16.40 29.04
C ALA A 56 -0.26 16.12 29.64
N VAL A 57 -0.28 15.65 30.89
CA VAL A 57 -1.51 15.63 31.66
C VAL A 57 -1.23 16.35 32.98
N VAL A 58 -2.18 17.20 33.38
CA VAL A 58 -2.08 18.01 34.58
C VAL A 58 -3.33 17.75 35.42
N SER A 59 -3.13 17.32 36.68
CA SER A 59 -4.24 17.01 37.55
C SER A 59 -4.32 18.05 38.66
N PRO A 60 -5.18 19.08 38.55
CA PRO A 60 -5.34 20.06 39.60
C PRO A 60 -6.31 19.56 40.65
N GLU A 61 -6.24 20.21 41.82
CA GLU A 61 -6.96 19.81 43.01
C GLU A 61 -7.97 20.90 43.39
N SER A 62 -7.81 22.13 42.88
CA SER A 62 -8.70 23.22 43.29
C SER A 62 -9.13 24.04 42.07
N THR A 63 -10.31 24.69 42.18
CA THR A 63 -10.64 25.74 41.23
C THR A 63 -9.44 26.66 40.99
N GLU A 64 -8.78 27.10 42.08
CA GLU A 64 -7.76 28.15 42.01
C GLU A 64 -6.60 27.68 41.14
N GLN A 65 -6.33 26.36 41.21
CA GLN A 65 -5.28 25.76 40.42
C GLN A 65 -5.67 25.77 38.95
N VAL A 66 -6.92 25.36 38.68
CA VAL A 66 -7.47 25.39 37.33
C VAL A 66 -7.29 26.79 36.75
N GLN A 67 -7.55 27.84 37.54
CA GLN A 67 -7.36 29.21 37.08
C GLN A 67 -5.89 29.45 36.72
N ASP A 68 -4.96 28.98 37.57
CA ASP A 68 -3.54 29.22 37.37
C ASP A 68 -3.07 28.53 36.08
N ILE A 69 -3.46 27.26 35.91
CA ILE A 69 -3.15 26.50 34.71
C ILE A 69 -3.62 27.28 33.48
N VAL A 70 -4.86 27.77 33.53
CA VAL A 70 -5.44 28.40 32.37
C VAL A 70 -4.63 29.65 32.02
N ARG A 71 -4.29 30.45 33.04
CA ARG A 71 -3.48 31.65 32.84
C ARG A 71 -2.13 31.29 32.19
N ILE A 72 -1.52 30.20 32.65
CA ILE A 72 -0.24 29.75 32.11
C ILE A 72 -0.43 29.33 30.66
N ALA A 73 -1.46 28.53 30.39
CA ALA A 73 -1.74 28.08 29.04
C ALA A 73 -1.97 29.26 28.11
N ASN A 74 -2.65 30.31 28.60
CA ASN A 74 -2.84 31.51 27.82
C ASN A 74 -1.49 32.11 27.41
N GLU A 75 -0.59 32.30 28.38
CA GLU A 75 0.70 32.94 28.15
C GLU A 75 1.45 32.23 27.04
N TYR A 76 1.48 30.89 27.10
CA TYR A 76 2.33 30.09 26.24
C TYR A 76 1.59 29.66 24.98
N GLY A 77 0.26 29.88 24.91
CA GLY A 77 -0.53 29.41 23.79
C GLY A 77 -0.63 27.88 23.73
N ILE A 78 -0.57 27.23 24.89
CA ILE A 78 -0.76 25.80 25.00
C ILE A 78 -2.25 25.48 24.93
N PRO A 79 -2.72 24.61 24.00
CA PRO A 79 -4.11 24.16 24.04
C PRO A 79 -4.37 23.25 25.24
N LEU A 80 -5.54 23.42 25.86
CA LEU A 80 -5.93 22.60 26.99
C LEU A 80 -7.11 21.70 26.62
N HIS A 81 -7.09 20.43 27.03
CA HIS A 81 -8.24 19.54 26.88
C HIS A 81 -8.82 19.14 28.23
N PRO A 82 -9.84 19.87 28.75
CA PRO A 82 -10.47 19.51 30.02
C PRO A 82 -11.26 18.21 29.96
N VAL A 83 -11.04 17.37 30.98
CA VAL A 83 -11.81 16.17 31.19
C VAL A 83 -12.19 16.06 32.67
N SER A 84 -13.32 15.41 32.97
CA SER A 84 -13.66 15.01 34.33
C SER A 84 -13.01 13.67 34.66
N THR A 85 -13.61 12.57 34.20
CA THR A 85 -13.05 11.24 34.40
C THR A 85 -12.28 10.80 33.16
N GLY A 86 -12.73 11.24 31.98
CA GLY A 86 -12.08 10.88 30.73
C GLY A 86 -12.41 9.45 30.31
N LYS A 87 -13.66 9.03 30.61
CA LYS A 87 -14.20 7.75 30.24
C LYS A 87 -15.34 7.94 29.25
N ASN A 88 -15.24 8.97 28.39
CA ASN A 88 -16.22 9.27 27.36
C ASN A 88 -16.05 8.21 26.27
N ASN A 89 -16.44 6.97 26.60
CA ASN A 89 -16.19 5.80 25.78
C ASN A 89 -17.40 5.57 24.87
N GLY A 90 -17.12 5.58 23.57
CA GLY A 90 -18.16 5.66 22.55
C GLY A 90 -18.07 6.99 21.82
N TYR A 91 -17.34 7.95 22.41
CA TYR A 91 -17.27 9.31 21.91
C TYR A 91 -15.84 9.87 22.00
N GLY A 92 -14.85 9.04 22.39
CA GLY A 92 -13.45 9.39 22.19
C GLY A 92 -12.62 9.40 23.47
N GLY A 93 -13.18 8.86 24.56
CA GLY A 93 -12.43 8.63 25.77
C GLY A 93 -11.88 9.94 26.31
N ALA A 94 -10.53 10.02 26.43
CA ALA A 94 -9.87 11.18 27.01
C ALA A 94 -8.96 11.84 25.99
N ALA A 95 -9.02 11.44 24.72
CA ALA A 95 -8.04 11.91 23.74
C ALA A 95 -8.43 13.27 23.15
N PRO A 96 -7.49 14.24 23.10
CA PRO A 96 -7.81 15.60 22.64
C PRO A 96 -7.98 15.71 21.13
N ARG A 97 -9.08 16.34 20.71
CA ARG A 97 -9.35 16.66 19.32
C ARG A 97 -8.09 17.19 18.61
N LEU A 98 -7.24 17.94 19.32
CA LEU A 98 -6.05 18.51 18.72
C LEU A 98 -4.79 17.98 19.39
N SER A 99 -3.87 17.50 18.57
CA SER A 99 -2.66 16.85 19.03
C SER A 99 -1.71 17.89 19.63
N GLY A 100 -0.94 17.48 20.64
CA GLY A 100 -0.04 18.36 21.36
C GLY A 100 -0.72 19.12 22.51
N SER A 101 -2.02 18.83 22.76
CA SER A 101 -2.76 19.50 23.82
C SER A 101 -2.41 18.97 25.20
N VAL A 102 -2.46 19.82 26.22
CA VAL A 102 -2.33 19.40 27.61
C VAL A 102 -3.71 18.99 28.11
N ILE A 103 -3.84 17.74 28.60
CA ILE A 103 -5.08 17.29 29.22
C ILE A 103 -5.12 17.80 30.66
N VAL A 104 -6.21 18.47 31.03
CA VAL A 104 -6.47 18.85 32.40
C VAL A 104 -7.43 17.82 32.98
N LYS A 105 -6.93 16.94 33.85
CA LYS A 105 -7.78 15.95 34.48
C LYS A 105 -8.28 16.52 35.81
N THR A 106 -9.47 17.13 35.77
CA THR A 106 -10.00 17.80 36.95
C THR A 106 -10.48 16.76 37.95
N GLY A 107 -10.96 15.62 37.44
CA GLY A 107 -11.65 14.66 38.29
C GLY A 107 -10.71 13.77 39.07
N GLU A 108 -9.41 13.78 38.73
CA GLU A 108 -8.44 12.98 39.46
C GLU A 108 -8.46 13.41 40.92
N ARG A 109 -8.36 14.72 41.19
CA ARG A 109 -8.25 15.21 42.56
C ARG A 109 -9.49 16.01 42.98
N MET A 110 -10.24 16.58 42.04
CA MET A 110 -11.43 17.34 42.38
C MET A 110 -12.62 16.40 42.30
N ASN A 111 -12.80 15.58 43.34
CA ASN A 111 -13.72 14.45 43.31
C ASN A 111 -14.62 14.41 44.54
N ARG A 112 -14.81 15.56 45.19
CA ARG A 112 -15.58 15.65 46.42
C ARG A 112 -17.07 15.75 46.11
N ILE A 113 -17.88 15.10 46.94
CA ILE A 113 -19.31 15.35 47.03
C ILE A 113 -19.56 16.50 47.99
N LEU A 114 -19.65 17.72 47.47
CA LEU A 114 -19.61 18.94 48.27
C LEU A 114 -20.84 19.05 49.16
N GLU A 115 -21.95 18.46 48.73
CA GLU A 115 -23.19 18.63 49.48
C GLU A 115 -24.26 17.74 48.87
N VAL A 116 -25.05 17.12 49.73
CA VAL A 116 -26.26 16.44 49.31
C VAL A 116 -27.33 16.84 50.31
N ASN A 117 -28.49 17.26 49.80
CA ASN A 117 -29.49 17.94 50.60
C ASN A 117 -30.81 17.22 50.45
N GLU A 118 -31.25 16.58 51.54
CA GLU A 118 -32.37 15.65 51.47
C GLU A 118 -33.66 16.45 51.36
N LYS A 119 -33.70 17.61 52.05
CA LYS A 119 -34.93 18.38 52.14
C LYS A 119 -35.34 18.90 50.76
N TYR A 120 -34.41 19.54 50.05
CA TYR A 120 -34.70 20.16 48.77
C TYR A 120 -34.31 19.25 47.60
N GLY A 121 -33.56 18.20 47.85
CA GLY A 121 -33.43 17.15 46.85
C GLY A 121 -32.46 17.53 45.72
N TYR A 122 -31.21 17.81 46.10
CA TYR A 122 -30.15 18.12 45.15
C TYR A 122 -28.81 17.67 45.69
N ALA A 123 -27.80 17.72 44.81
CA ALA A 123 -26.41 17.56 45.17
C ALA A 123 -25.56 18.60 44.45
N LEU A 124 -24.45 18.99 45.07
CA LEU A 124 -23.45 19.82 44.43
C LEU A 124 -22.16 19.02 44.38
N LEU A 125 -21.62 18.86 43.17
CA LEU A 125 -20.59 17.86 42.92
C LEU A 125 -19.40 18.50 42.24
N GLU A 126 -18.27 17.81 42.38
CA GLU A 126 -17.06 18.13 41.66
C GLU A 126 -16.97 17.14 40.51
N PRO A 127 -16.10 17.42 39.50
CA PRO A 127 -16.03 16.60 38.30
C PRO A 127 -15.66 15.12 38.53
N GLY A 128 -14.92 14.83 39.58
CA GLY A 128 -14.39 13.48 39.83
C GLY A 128 -15.41 12.54 40.43
N VAL A 129 -16.53 13.07 40.92
CA VAL A 129 -17.58 12.23 41.47
C VAL A 129 -18.17 11.37 40.37
N THR A 130 -17.99 10.05 40.49
CA THR A 130 -18.59 9.10 39.57
C THR A 130 -19.97 8.73 40.07
N TYR A 131 -20.73 8.01 39.24
CA TYR A 131 -22.06 7.53 39.57
C TYR A 131 -21.97 6.50 40.69
N PHE A 132 -20.88 5.72 40.71
CA PHE A 132 -20.65 4.79 41.80
C PHE A 132 -20.37 5.60 43.08
N ASP A 133 -19.42 6.54 43.01
CA ASP A 133 -19.06 7.37 44.16
C ASP A 133 -20.33 7.96 44.80
N LEU A 134 -21.25 8.48 43.97
CA LEU A 134 -22.43 9.17 44.48
C LEU A 134 -23.42 8.17 45.05
N TYR A 135 -23.63 7.04 44.36
CA TYR A 135 -24.58 6.04 44.80
C TYR A 135 -24.16 5.47 46.16
N GLU A 136 -22.85 5.22 46.32
CA GLU A 136 -22.27 4.81 47.58
C GLU A 136 -22.66 5.82 48.67
N TYR A 137 -22.46 7.11 48.38
CA TYR A 137 -22.76 8.13 49.39
C TYR A 137 -24.23 8.00 49.80
N LEU A 138 -25.11 7.85 48.81
CA LEU A 138 -26.54 7.78 49.04
C LEU A 138 -26.90 6.56 49.90
N GLN A 139 -26.25 5.41 49.64
CA GLN A 139 -26.49 4.21 50.42
C GLN A 139 -25.88 4.36 51.82
N SER A 140 -24.60 4.77 51.89
CA SER A 140 -23.93 5.01 53.16
C SER A 140 -24.80 5.84 54.11
N HIS A 141 -25.37 6.94 53.61
CA HIS A 141 -26.09 7.91 54.44
C HIS A 141 -27.59 7.63 54.46
N ASP A 142 -27.98 6.45 53.92
CA ASP A 142 -29.36 6.01 53.83
C ASP A 142 -30.27 7.15 53.39
N SER A 143 -30.05 7.66 52.17
CA SER A 143 -30.78 8.80 51.64
C SER A 143 -32.18 8.38 51.21
N GLY A 144 -33.09 9.37 51.08
CA GLY A 144 -34.37 9.17 50.42
C GLY A 144 -34.35 9.58 48.94
N LEU A 145 -33.15 9.87 48.44
CA LEU A 145 -32.97 10.37 47.08
C LEU A 145 -32.42 9.25 46.20
N MET A 146 -32.70 9.34 44.90
CA MET A 146 -32.07 8.47 43.91
C MET A 146 -31.45 9.29 42.79
N LEU A 147 -30.33 8.77 42.28
CA LEU A 147 -29.67 9.39 41.15
C LEU A 147 -30.25 8.78 39.88
N ASP A 148 -29.83 9.33 38.74
CA ASP A 148 -30.23 8.88 37.42
C ASP A 148 -28.93 8.62 36.65
N CYS A 149 -28.70 7.36 36.26
CA CYS A 149 -27.40 7.00 35.76
C CYS A 149 -27.49 6.64 34.29
N PRO A 150 -26.41 6.86 33.52
CA PRO A 150 -26.30 6.32 32.18
C PRO A 150 -25.97 4.83 32.29
N ASP A 151 -25.74 4.20 31.14
CA ASP A 151 -25.47 2.77 31.10
C ASP A 151 -24.19 2.48 31.86
N LEU A 152 -23.14 3.29 31.65
CA LEU A 152 -21.84 3.04 32.27
C LEU A 152 -21.60 4.00 33.43
N GLY A 153 -21.52 3.43 34.63
CA GLY A 153 -21.55 4.16 35.88
C GLY A 153 -20.18 4.67 36.30
N TRP A 154 -19.11 4.26 35.60
CA TRP A 154 -17.77 4.66 36.01
C TRP A 154 -17.45 6.10 35.63
N GLY A 155 -18.34 6.73 34.85
CA GLY A 155 -18.09 8.07 34.35
C GLY A 155 -18.50 9.14 35.36
N SER A 156 -18.13 10.38 35.06
CA SER A 156 -18.47 11.54 35.87
C SER A 156 -19.94 11.92 35.71
N VAL A 157 -20.53 12.40 36.79
CA VAL A 157 -21.87 12.91 36.78
C VAL A 157 -21.87 14.26 36.06
N VAL A 158 -20.86 15.08 36.35
CA VAL A 158 -20.69 16.37 35.73
C VAL A 158 -20.36 16.18 34.25
N GLY A 159 -19.33 15.37 33.98
CA GLY A 159 -18.93 15.13 32.61
C GLY A 159 -20.14 14.75 31.77
N ASN A 160 -20.91 13.78 32.24
CA ASN A 160 -22.05 13.27 31.51
C ASN A 160 -23.03 14.42 31.27
N THR A 161 -23.39 15.10 32.35
CA THR A 161 -24.37 16.17 32.27
C THR A 161 -23.96 17.15 31.18
N LEU A 162 -22.66 17.49 31.12
CA LEU A 162 -22.18 18.55 30.25
C LEU A 162 -22.06 18.06 28.80
N ASP A 163 -22.16 16.74 28.55
CA ASP A 163 -22.32 16.28 27.18
C ASP A 163 -23.82 16.06 26.86
N ARG A 164 -24.70 16.55 27.73
CA ARG A 164 -26.14 16.38 27.60
C ARG A 164 -26.44 14.90 27.45
N GLY A 165 -25.77 14.09 28.27
CA GLY A 165 -26.06 12.67 28.38
C GLY A 165 -27.44 12.47 28.99
N VAL A 166 -27.91 11.21 28.89
CA VAL A 166 -29.26 10.91 29.29
C VAL A 166 -29.24 9.64 30.11
N GLY A 167 -30.31 9.45 30.86
CA GLY A 167 -30.56 8.25 31.64
C GLY A 167 -32.02 7.87 31.49
N TYR A 168 -32.51 6.95 32.33
CA TYR A 168 -33.75 6.27 31.99
C TYR A 168 -34.79 6.35 33.10
N THR A 169 -34.46 6.99 34.24
CA THR A 169 -35.46 7.32 35.24
C THR A 169 -36.24 8.54 34.72
N PRO A 170 -37.32 9.00 35.40
CA PRO A 170 -37.98 10.26 35.03
C PRO A 170 -37.07 11.49 35.05
N TYR A 171 -35.97 11.44 35.80
CA TYR A 171 -35.00 12.52 35.76
C TYR A 171 -33.92 12.25 34.70
N GLY A 172 -34.33 11.72 33.54
CA GLY A 172 -33.40 11.18 32.57
C GLY A 172 -32.74 12.24 31.69
N ASP A 173 -33.34 13.44 31.64
CA ASP A 173 -32.74 14.56 30.93
C ASP A 173 -31.85 15.31 31.93
N HIS A 174 -30.56 14.93 31.94
CA HIS A 174 -29.64 15.36 32.95
C HIS A 174 -29.52 16.89 32.97
N PHE A 175 -29.33 17.49 31.78
CA PHE A 175 -29.15 18.92 31.66
C PHE A 175 -30.34 19.66 32.28
N MET A 176 -31.55 19.11 32.10
CA MET A 176 -32.76 19.74 32.63
C MET A 176 -32.63 19.98 34.13
N TRP A 177 -32.01 19.01 34.83
CA TRP A 177 -31.95 19.00 36.28
C TRP A 177 -30.68 19.63 36.81
N GLN A 178 -29.67 19.78 35.94
CA GLN A 178 -28.51 20.59 36.26
C GLN A 178 -28.99 21.95 36.77
N THR A 179 -28.49 22.33 37.94
CA THR A 179 -28.83 23.60 38.54
C THR A 179 -27.56 24.16 39.16
N GLY A 180 -27.09 25.27 38.58
CA GLY A 180 -25.91 25.98 39.07
C GLY A 180 -24.65 25.29 38.59
N LEU A 181 -23.69 26.09 38.12
CA LEU A 181 -22.34 25.61 38.00
C LEU A 181 -21.35 26.74 38.25
N GLU A 182 -20.13 26.31 38.57
CA GLU A 182 -18.96 27.16 38.68
C GLU A 182 -18.04 26.78 37.54
N VAL A 183 -17.58 27.78 36.79
CA VAL A 183 -16.71 27.50 35.67
C VAL A 183 -15.58 28.52 35.64
N VAL A 184 -14.43 28.03 35.20
CA VAL A 184 -13.28 28.85 34.88
C VAL A 184 -13.31 29.12 33.38
N LEU A 185 -13.44 30.41 33.04
CA LEU A 185 -13.55 30.83 31.65
C LEU A 185 -12.17 30.75 31.00
N PRO A 186 -12.09 30.85 29.66
CA PRO A 186 -10.84 30.56 28.95
C PRO A 186 -9.61 31.42 29.23
N GLN A 187 -9.79 32.61 29.82
CA GLN A 187 -8.66 33.44 30.19
C GLN A 187 -8.38 33.37 31.68
N GLY A 188 -9.08 32.49 32.41
CA GLY A 188 -8.72 32.15 33.78
C GLY A 188 -9.69 32.75 34.80
N GLU A 189 -10.55 33.68 34.36
CA GLU A 189 -11.61 34.21 35.20
C GLU A 189 -12.45 33.04 35.70
N VAL A 190 -13.14 33.24 36.83
CA VAL A 190 -14.00 32.22 37.40
C VAL A 190 -15.38 32.84 37.59
N MET A 191 -16.41 32.02 37.38
CA MET A 191 -17.77 32.52 37.32
C MET A 191 -18.74 31.48 37.86
N ARG A 192 -19.83 31.98 38.44
CA ARG A 192 -20.94 31.15 38.88
C ARG A 192 -22.21 31.62 38.19
N THR A 193 -23.05 30.63 37.82
CA THR A 193 -24.29 30.89 37.11
C THR A 193 -25.45 30.87 38.09
N GLY A 194 -26.56 31.47 37.67
CA GLY A 194 -27.79 31.34 38.41
C GLY A 194 -27.68 32.08 39.73
N MET A 195 -28.30 31.52 40.75
CA MET A 195 -28.37 32.17 42.04
C MET A 195 -27.01 32.04 42.75
N GLY A 196 -26.12 31.22 42.21
CA GLY A 196 -24.72 31.18 42.65
C GLY A 196 -24.01 32.52 42.47
N ALA A 197 -24.53 33.35 41.55
CA ALA A 197 -23.90 34.62 41.21
C ALA A 197 -24.27 35.70 42.23
N LEU A 198 -25.26 35.39 43.08
CA LEU A 198 -25.68 36.29 44.13
C LEU A 198 -25.09 35.85 45.47
N PRO A 199 -24.17 36.61 46.09
CA PRO A 199 -23.48 36.13 47.28
C PRO A 199 -24.53 35.95 48.37
N GLY A 200 -24.50 34.78 49.04
CA GLY A 200 -25.38 34.52 50.17
C GLY A 200 -26.59 33.66 49.79
N SER A 201 -26.94 33.60 48.50
CA SER A 201 -28.13 32.89 48.07
C SER A 201 -28.04 31.40 48.39
N ASP A 202 -29.15 30.84 48.87
CA ASP A 202 -29.27 29.42 49.10
C ASP A 202 -29.86 28.71 47.87
N ALA A 203 -30.13 29.46 46.80
CA ALA A 203 -30.97 28.91 45.73
C ALA A 203 -30.14 28.44 44.53
N TRP A 204 -28.81 28.38 44.68
CA TRP A 204 -27.92 28.00 43.60
C TRP A 204 -28.33 26.68 42.94
N GLN A 205 -28.79 25.72 43.75
CA GLN A 205 -29.23 24.43 43.24
C GLN A 205 -30.74 24.31 43.31
N LEU A 206 -31.46 25.43 43.37
CA LEU A 206 -32.91 25.40 43.56
C LEU A 206 -33.62 26.06 42.38
N PHE A 207 -32.95 27.04 41.78
CA PHE A 207 -33.46 27.79 40.64
C PHE A 207 -32.37 27.94 39.60
N PRO A 208 -32.52 27.35 38.40
CA PRO A 208 -31.43 27.32 37.41
C PRO A 208 -31.06 28.63 36.72
N TYR A 209 -32.06 29.53 36.57
CA TYR A 209 -31.99 30.57 35.55
C TYR A 209 -31.29 31.82 36.08
N GLY A 210 -31.40 32.11 37.36
CA GLY A 210 -30.86 33.36 37.85
C GLY A 210 -31.48 34.55 37.13
N PHE A 211 -30.63 35.51 36.74
CA PHE A 211 -31.09 36.77 36.15
C PHE A 211 -30.25 37.12 34.93
N GLY A 212 -30.94 37.70 33.93
CA GLY A 212 -30.31 38.04 32.67
C GLY A 212 -30.22 36.80 31.80
N PRO A 213 -29.40 36.84 30.73
CA PRO A 213 -29.27 35.67 29.85
C PRO A 213 -28.86 34.44 30.64
N PHE A 214 -29.48 33.31 30.28
CA PHE A 214 -29.28 32.05 30.97
C PHE A 214 -28.17 31.29 30.24
N PRO A 215 -26.94 31.25 30.79
CA PRO A 215 -25.78 30.70 30.07
C PRO A 215 -25.39 29.24 30.20
N ASP A 216 -25.97 28.51 31.16
CA ASP A 216 -25.45 27.18 31.48
C ASP A 216 -25.37 26.32 30.23
N GLY A 217 -26.44 26.30 29.43
CA GLY A 217 -26.47 25.53 28.20
C GLY A 217 -25.20 25.71 27.37
N MET A 218 -24.63 26.92 27.36
CA MET A 218 -23.47 27.23 26.55
C MET A 218 -22.24 26.51 27.07
N PHE A 219 -22.31 25.87 28.25
CA PHE A 219 -21.18 25.09 28.75
C PHE A 219 -21.41 23.59 28.57
N THR A 220 -22.43 23.21 27.78
CA THR A 220 -22.65 21.82 27.42
C THR A 220 -22.18 21.63 25.98
N GLN A 221 -21.53 20.50 25.69
CA GLN A 221 -20.91 20.25 24.40
C GLN A 221 -20.12 21.48 23.98
N SER A 222 -19.27 21.96 24.90
CA SER A 222 -18.73 23.30 24.80
C SER A 222 -17.23 23.30 25.09
N ASN A 223 -16.58 24.34 24.60
CA ASN A 223 -15.17 24.59 24.84
C ASN A 223 -15.03 26.01 25.37
N LEU A 224 -15.99 26.44 26.18
CA LEU A 224 -16.04 27.81 26.65
C LEU A 224 -15.56 27.89 28.09
N GLY A 225 -15.16 26.76 28.69
CA GLY A 225 -14.58 26.83 30.02
C GLY A 225 -14.28 25.44 30.61
N ILE A 226 -13.88 25.46 31.87
CA ILE A 226 -13.67 24.24 32.62
C ILE A 226 -14.53 24.30 33.87
N VAL A 227 -15.50 23.37 33.97
CA VAL A 227 -16.44 23.36 35.07
C VAL A 227 -15.75 22.73 36.28
N THR A 228 -15.85 23.40 37.43
CA THR A 228 -15.18 22.97 38.65
C THR A 228 -16.19 22.51 39.70
N LYS A 229 -17.44 22.96 39.57
CA LYS A 229 -18.52 22.56 40.44
C LYS A 229 -19.82 22.66 39.65
N MET A 230 -20.77 21.78 39.96
CA MET A 230 -22.03 21.73 39.24
C MET A 230 -23.07 21.09 40.13
N GLY A 231 -24.27 21.66 40.15
CA GLY A 231 -25.37 21.11 40.91
C GLY A 231 -26.30 20.31 40.00
N ILE A 232 -27.02 19.37 40.62
CA ILE A 232 -27.96 18.49 39.96
C ILE A 232 -29.07 18.16 40.96
N ALA A 233 -30.31 18.22 40.50
CA ALA A 233 -31.43 17.80 41.33
C ALA A 233 -31.47 16.28 41.37
N LEU A 234 -31.96 15.76 42.49
CA LEU A 234 -32.08 14.32 42.69
C LEU A 234 -33.52 14.05 43.09
N MET A 235 -34.16 13.18 42.30
CA MET A 235 -35.53 12.78 42.56
C MET A 235 -35.57 11.97 43.85
N GLN A 236 -36.73 11.98 44.52
CA GLN A 236 -36.98 11.16 45.68
C GLN A 236 -37.27 9.72 45.25
N ARG A 237 -36.65 8.76 45.96
CA ARG A 237 -36.90 7.34 45.73
C ARG A 237 -38.41 7.09 45.89
N PRO A 238 -39.10 6.48 44.90
CA PRO A 238 -40.52 6.15 45.07
C PRO A 238 -40.76 5.01 46.05
N PRO A 239 -42.01 4.81 46.51
CA PRO A 239 -42.35 3.71 47.40
C PRO A 239 -42.02 2.34 46.80
N ALA A 240 -42.23 2.18 45.49
CA ALA A 240 -42.00 0.90 44.84
C ALA A 240 -41.94 1.05 43.32
N SER A 241 -41.45 0.00 42.65
CA SER A 241 -41.19 0.05 41.22
C SER A 241 -41.32 -1.33 40.58
N GLN A 242 -41.64 -1.32 39.29
CA GLN A 242 -41.84 -2.55 38.56
C GLN A 242 -41.28 -2.33 37.16
N SER A 243 -40.32 -3.15 36.74
CA SER A 243 -39.82 -3.13 35.37
C SER A 243 -40.53 -4.21 34.56
N PHE A 244 -40.49 -4.12 33.23
CA PHE A 244 -41.19 -5.09 32.39
C PHE A 244 -40.67 -5.11 30.96
N LEU A 245 -40.84 -6.29 30.31
CA LEU A 245 -40.42 -6.54 28.94
C LEU A 245 -41.65 -6.79 28.08
N ILE A 246 -41.58 -6.40 26.80
CA ILE A 246 -42.58 -6.72 25.80
C ILE A 246 -41.85 -7.15 24.53
N THR A 247 -41.99 -8.44 24.20
CA THR A 247 -41.34 -9.02 23.04
C THR A 247 -42.30 -8.93 21.85
N PHE A 248 -41.77 -8.47 20.72
CA PHE A 248 -42.53 -8.36 19.49
C PHE A 248 -41.83 -9.19 18.42
N ASP A 249 -42.57 -10.10 17.78
CA ASP A 249 -41.96 -11.07 16.89
C ASP A 249 -41.40 -10.40 15.64
N LYS A 250 -42.26 -9.65 14.94
CA LYS A 250 -41.98 -9.25 13.56
C LYS A 250 -41.06 -8.02 13.56
N GLU A 251 -40.10 -8.00 12.64
CA GLU A 251 -39.28 -6.81 12.42
C GLU A 251 -40.14 -5.62 12.02
N GLU A 252 -41.35 -5.90 11.48
CA GLU A 252 -42.25 -4.87 11.00
C GLU A 252 -43.10 -4.33 12.14
N ASP A 253 -43.00 -4.92 13.33
CA ASP A 253 -43.77 -4.46 14.48
C ASP A 253 -43.34 -3.06 14.91
N LEU A 254 -42.11 -2.64 14.54
CA LEU A 254 -41.56 -1.32 14.87
C LEU A 254 -42.60 -0.23 14.64
N GLU A 255 -43.23 -0.24 13.45
CA GLU A 255 -44.12 0.83 13.04
C GLU A 255 -45.21 1.07 14.09
N GLN A 256 -45.92 -0.01 14.45
CA GLN A 256 -47.04 0.09 15.37
C GLN A 256 -46.55 0.27 16.82
N ILE A 257 -45.33 -0.20 17.13
CA ILE A 257 -44.78 -0.06 18.47
C ILE A 257 -44.55 1.42 18.77
N VAL A 258 -43.87 2.11 17.85
CA VAL A 258 -43.60 3.53 17.98
C VAL A 258 -44.92 4.26 18.12
N ASP A 259 -45.83 4.05 17.15
CA ASP A 259 -47.06 4.82 17.09
C ASP A 259 -47.93 4.60 18.33
N ILE A 260 -47.65 3.53 19.09
CA ILE A 260 -48.38 3.25 20.32
C ILE A 260 -47.63 3.80 21.54
N MET A 261 -46.29 3.82 21.48
CA MET A 261 -45.45 4.30 22.56
C MET A 261 -45.69 5.78 22.82
N LEU A 262 -45.70 6.54 21.72
CA LEU A 262 -45.76 7.99 21.80
C LEU A 262 -46.88 8.43 22.73
N PRO A 263 -48.18 8.13 22.46
CA PRO A 263 -49.27 8.65 23.28
C PRO A 263 -49.29 8.12 24.71
N LEU A 264 -48.52 7.06 25.00
CA LEU A 264 -48.40 6.54 26.34
C LEU A 264 -47.32 7.31 27.11
N ARG A 265 -46.38 7.92 26.37
CA ARG A 265 -45.25 8.63 26.97
C ARG A 265 -45.52 10.13 27.13
N ILE A 266 -46.15 10.77 26.12
CA ILE A 266 -46.14 12.21 26.00
C ILE A 266 -46.64 12.93 27.26
N ASN A 267 -47.48 12.29 28.07
CA ASN A 267 -47.96 12.92 29.31
C ASN A 267 -47.27 12.28 30.51
N MET A 268 -46.05 11.75 30.30
CA MET A 268 -45.18 11.21 31.35
C MET A 268 -45.91 10.13 32.14
N ALA A 269 -47.03 9.65 31.58
CA ALA A 269 -47.79 8.55 32.12
C ALA A 269 -48.68 7.99 31.03
N PRO A 270 -48.91 6.65 30.99
CA PRO A 270 -48.39 5.74 32.00
C PRO A 270 -46.93 5.30 31.89
N LEU A 271 -46.25 5.64 30.78
CA LEU A 271 -44.82 5.40 30.63
C LEU A 271 -44.02 6.50 31.34
N GLN A 272 -43.60 6.23 32.56
CA GLN A 272 -43.09 7.29 33.42
C GLN A 272 -41.58 7.41 33.32
N ASN A 273 -40.92 6.30 32.91
CA ASN A 273 -39.51 6.30 32.58
C ASN A 273 -39.37 6.55 31.08
N VAL A 274 -38.13 6.58 30.59
CA VAL A 274 -37.87 6.73 29.18
C VAL A 274 -38.12 5.39 28.50
N PRO A 275 -39.13 5.25 27.63
CA PRO A 275 -39.36 3.99 26.92
C PRO A 275 -38.18 3.66 26.02
N VAL A 276 -37.64 2.45 26.17
CA VAL A 276 -36.50 2.00 25.38
C VAL A 276 -36.84 0.67 24.72
N LEU A 277 -36.61 0.60 23.41
CA LEU A 277 -36.89 -0.58 22.61
C LEU A 277 -35.61 -0.99 21.90
N GLN A 278 -35.11 -2.19 22.19
CA GLN A 278 -33.83 -2.64 21.64
C GLN A 278 -34.01 -3.94 20.87
N ASN A 279 -33.23 -4.08 19.80
CA ASN A 279 -33.34 -5.21 18.92
C ASN A 279 -32.64 -6.43 19.52
N ILE A 280 -32.76 -7.55 18.79
CA ILE A 280 -32.35 -8.86 19.26
C ILE A 280 -30.83 -8.92 19.38
N PHE A 281 -30.11 -8.44 18.36
CA PHE A 281 -28.65 -8.44 18.38
C PHE A 281 -28.11 -7.81 19.66
N MET A 282 -28.85 -6.82 20.18
CA MET A 282 -28.44 -6.13 21.40
C MET A 282 -28.47 -7.09 22.59
N HIS A 283 -29.42 -8.04 22.58
CA HIS A 283 -29.59 -8.98 23.68
C HIS A 283 -28.60 -10.13 23.57
N ALA A 284 -28.30 -10.55 22.35
CA ALA A 284 -27.28 -11.57 22.12
C ALA A 284 -25.93 -11.12 22.68
N ALA A 285 -25.49 -9.92 22.33
CA ALA A 285 -24.17 -9.44 22.74
C ALA A 285 -24.06 -9.37 24.26
N ALA A 286 -25.19 -9.14 24.94
CA ALA A 286 -25.21 -9.00 26.39
C ALA A 286 -24.73 -10.29 27.06
N VAL A 287 -25.04 -11.43 26.45
CA VAL A 287 -24.82 -12.72 27.10
C VAL A 287 -23.75 -13.51 26.35
N SER A 288 -23.84 -13.56 25.01
CA SER A 288 -23.05 -14.50 24.23
C SER A 288 -21.96 -13.82 23.41
N LYS A 289 -21.14 -14.64 22.74
CA LYS A 289 -20.17 -14.21 21.75
C LYS A 289 -20.81 -14.43 20.37
N ARG A 290 -20.26 -13.79 19.33
CA ARG A 290 -20.86 -13.83 18.00
C ARG A 290 -20.71 -15.22 17.38
N THR A 291 -19.54 -15.84 17.62
CA THR A 291 -19.21 -17.16 17.09
C THR A 291 -20.28 -18.17 17.50
N GLU A 292 -20.96 -17.97 18.63
CA GLU A 292 -22.01 -18.87 19.10
C GLU A 292 -23.16 -19.00 18.09
N TRP A 293 -23.48 -17.92 17.37
CA TRP A 293 -24.66 -17.91 16.53
C TRP A 293 -24.34 -18.05 15.05
N PHE A 294 -23.11 -17.71 14.67
CA PHE A 294 -22.66 -17.78 13.28
C PHE A 294 -21.16 -17.51 13.31
N ASP A 295 -20.44 -18.24 12.45
CA ASP A 295 -18.98 -18.26 12.49
C ASP A 295 -18.43 -17.75 11.16
N GLY A 296 -19.31 -17.34 10.24
CA GLY A 296 -18.87 -16.64 9.06
C GLY A 296 -18.48 -15.21 9.41
N ASP A 297 -17.44 -14.70 8.76
CA ASP A 297 -17.20 -13.26 8.70
C ASP A 297 -18.28 -12.65 7.80
N GLY A 298 -18.86 -11.53 8.24
CA GLY A 298 -19.89 -10.85 7.45
C GLY A 298 -21.29 -11.13 8.00
N PRO A 299 -22.36 -10.62 7.35
CA PRO A 299 -23.66 -10.46 7.99
C PRO A 299 -24.25 -11.78 8.47
N MET A 300 -25.21 -11.69 9.39
CA MET A 300 -25.87 -12.88 9.91
C MET A 300 -27.01 -13.29 8.99
N PRO A 301 -27.20 -14.60 8.72
CA PRO A 301 -28.36 -15.06 7.97
C PRO A 301 -29.60 -15.08 8.87
N ALA A 302 -30.78 -15.15 8.23
CA ALA A 302 -32.05 -15.08 8.91
C ALA A 302 -32.24 -16.24 9.89
N GLU A 303 -31.62 -17.40 9.59
CA GLU A 303 -31.75 -18.58 10.43
C GLU A 303 -31.10 -18.34 11.78
N ALA A 304 -29.95 -17.64 11.76
CA ALA A 304 -29.25 -17.27 12.98
C ALA A 304 -30.16 -16.39 13.86
N ILE A 305 -30.74 -15.37 13.22
CA ILE A 305 -31.62 -14.42 13.89
C ILE A 305 -32.76 -15.16 14.58
N GLU A 306 -33.34 -16.16 13.90
CA GLU A 306 -34.45 -16.94 14.42
C GLU A 306 -33.98 -17.84 15.57
N ARG A 307 -32.75 -18.34 15.46
CA ARG A 307 -32.18 -19.16 16.51
C ARG A 307 -31.98 -18.30 17.76
N MET A 308 -31.55 -17.04 17.55
CA MET A 308 -31.32 -16.10 18.65
C MET A 308 -32.65 -15.81 19.34
N LYS A 309 -33.68 -15.55 18.53
CA LYS A 309 -35.02 -15.31 19.06
C LYS A 309 -35.49 -16.52 19.88
N LYS A 310 -35.43 -17.72 19.29
CA LYS A 310 -35.99 -18.91 19.91
C LYS A 310 -35.22 -19.29 21.16
N ASP A 311 -33.87 -19.23 21.10
CA ASP A 311 -33.02 -19.69 22.19
C ASP A 311 -33.20 -18.78 23.40
N LEU A 312 -33.10 -17.46 23.18
CA LEU A 312 -33.21 -16.49 24.26
C LEU A 312 -34.68 -16.24 24.61
N ASP A 313 -35.59 -16.59 23.70
CA ASP A 313 -37.02 -16.42 23.89
C ASP A 313 -37.34 -14.92 23.90
N LEU A 314 -37.07 -14.27 22.76
CA LEU A 314 -37.17 -12.82 22.60
C LEU A 314 -37.62 -12.48 21.19
N GLY A 315 -38.39 -11.38 21.07
CA GLY A 315 -38.78 -10.82 19.78
C GLY A 315 -37.61 -10.17 19.06
N PHE A 316 -37.84 -9.70 17.83
CA PHE A 316 -36.83 -8.96 17.09
C PHE A 316 -36.60 -7.60 17.74
N TRP A 317 -37.70 -6.99 18.19
CA TRP A 317 -37.69 -5.80 19.03
C TRP A 317 -38.16 -6.17 20.43
N ASN A 318 -37.54 -5.58 21.44
CA ASN A 318 -37.85 -5.88 22.83
C ASN A 318 -37.93 -4.58 23.60
N PHE A 319 -39.06 -4.35 24.27
CA PHE A 319 -39.35 -3.08 24.90
C PHE A 319 -39.18 -3.22 26.41
N TYR A 320 -38.56 -2.20 27.03
CA TYR A 320 -38.32 -2.20 28.46
C TYR A 320 -38.85 -0.89 29.03
N GLY A 321 -39.77 -1.00 29.99
CA GLY A 321 -40.27 0.15 30.73
C GLY A 321 -40.17 -0.10 32.22
N THR A 322 -40.36 0.95 33.01
CA THR A 322 -40.43 0.83 34.46
C THR A 322 -41.50 1.78 34.97
N LEU A 323 -42.20 1.35 36.02
CA LEU A 323 -43.27 2.14 36.63
C LEU A 323 -42.92 2.43 38.08
N TYR A 324 -43.33 3.61 38.56
CA TYR A 324 -42.97 4.05 39.90
C TYR A 324 -44.23 4.53 40.60
N GLY A 325 -44.34 4.22 41.90
CA GLY A 325 -45.37 4.78 42.74
C GLY A 325 -45.92 3.75 43.73
N PRO A 326 -47.07 4.07 44.38
CA PRO A 326 -47.80 3.09 45.17
C PRO A 326 -48.30 1.94 44.29
N PRO A 327 -48.33 0.67 44.78
CA PRO A 327 -48.77 -0.46 43.95
C PRO A 327 -50.10 -0.34 43.19
N PRO A 328 -51.16 0.34 43.73
CA PRO A 328 -52.34 0.66 42.92
C PRO A 328 -52.01 1.33 41.58
N LEU A 329 -51.25 2.43 41.64
CA LEU A 329 -50.90 3.23 40.47
C LEU A 329 -50.08 2.40 39.49
N ILE A 330 -49.18 1.56 40.03
CA ILE A 330 -48.35 0.68 39.21
C ILE A 330 -49.24 -0.29 38.43
N GLU A 331 -50.18 -0.93 39.14
CA GLU A 331 -51.09 -1.87 38.53
C GLU A 331 -51.94 -1.15 37.50
N MET A 332 -52.49 0.02 37.88
CA MET A 332 -53.38 0.79 37.03
C MET A 332 -52.69 1.12 35.70
N TYR A 333 -51.40 1.48 35.79
CA TYR A 333 -50.61 1.89 34.63
C TYR A 333 -50.16 0.67 33.83
N TYR A 334 -49.76 -0.41 34.53
CA TYR A 334 -49.31 -1.61 33.85
C TYR A 334 -50.43 -2.16 32.98
N GLY A 335 -51.66 -2.11 33.51
CA GLY A 335 -52.85 -2.50 32.77
C GLY A 335 -53.02 -1.69 31.49
N MET A 336 -52.99 -0.36 31.64
CA MET A 336 -53.16 0.54 30.50
C MET A 336 -52.13 0.20 29.42
N ILE A 337 -50.91 -0.17 29.85
CA ILE A 337 -49.81 -0.47 28.95
C ILE A 337 -50.04 -1.83 28.27
N LYS A 338 -50.60 -2.80 29.02
CA LYS A 338 -50.89 -4.12 28.47
C LYS A 338 -52.01 -4.01 27.43
N GLU A 339 -53.06 -3.26 27.77
CA GLU A 339 -54.18 -3.06 26.87
C GLU A 339 -53.69 -2.37 25.59
N ALA A 340 -52.69 -1.49 25.74
CA ALA A 340 -52.24 -0.63 24.65
C ALA A 340 -51.40 -1.40 23.64
N PHE A 341 -50.34 -2.06 24.13
CA PHE A 341 -49.43 -2.81 23.27
C PHE A 341 -50.01 -4.19 22.96
N GLY A 342 -51.00 -4.61 23.77
CA GLY A 342 -51.66 -5.88 23.58
C GLY A 342 -52.28 -6.02 22.19
N LYS A 343 -52.56 -4.88 21.55
CA LYS A 343 -53.19 -4.87 20.25
C LYS A 343 -52.21 -5.21 19.13
N ILE A 344 -51.02 -5.74 19.46
CA ILE A 344 -50.09 -6.15 18.42
C ILE A 344 -49.91 -7.66 18.45
N PRO A 345 -50.24 -8.36 17.33
CA PRO A 345 -50.06 -9.81 17.22
C PRO A 345 -48.72 -10.33 17.72
N GLY A 346 -48.76 -11.13 18.79
CA GLY A 346 -47.59 -11.91 19.21
C GLY A 346 -46.78 -11.19 20.27
N ALA A 347 -47.47 -10.32 21.01
CA ALA A 347 -46.84 -9.46 21.99
C ALA A 347 -46.97 -10.10 23.37
N ARG A 348 -45.86 -10.68 23.86
CA ARG A 348 -45.84 -11.28 25.18
C ARG A 348 -45.27 -10.27 26.17
N PHE A 349 -45.69 -10.41 27.44
CA PHE A 349 -45.35 -9.50 28.52
C PHE A 349 -44.75 -10.26 29.68
N PHE A 350 -43.70 -9.70 30.28
CA PHE A 350 -42.97 -10.33 31.37
C PHE A 350 -42.48 -9.26 32.34
N THR A 351 -42.67 -9.48 33.65
CA THR A 351 -42.11 -8.61 34.66
C THR A 351 -40.68 -9.06 35.01
N HIS A 352 -40.04 -8.32 35.94
CA HIS A 352 -38.67 -8.62 36.35
C HIS A 352 -38.63 -9.83 37.28
N GLU A 353 -39.81 -10.30 37.70
CA GLU A 353 -39.96 -11.54 38.45
C GLU A 353 -39.93 -12.74 37.50
N GLU A 354 -40.63 -12.60 36.36
CA GLU A 354 -41.05 -13.72 35.55
C GLU A 354 -39.93 -14.23 34.65
N ARG A 355 -38.75 -13.59 34.62
CA ARG A 355 -37.69 -14.08 33.74
C ARG A 355 -36.32 -14.00 34.40
N ASP A 356 -35.80 -15.21 34.70
CA ASP A 356 -34.46 -15.45 35.18
C ASP A 356 -33.65 -16.25 34.15
N ASP A 357 -34.25 -16.51 32.98
CA ASP A 357 -33.54 -17.18 31.91
C ASP A 357 -32.48 -16.23 31.36
N ARG A 358 -31.81 -16.66 30.29
CA ARG A 358 -30.63 -15.97 29.78
C ARG A 358 -31.05 -14.83 28.85
N GLY A 359 -32.28 -14.86 28.34
CA GLY A 359 -32.83 -13.76 27.55
C GLY A 359 -33.30 -12.60 28.43
N GLY A 360 -33.64 -12.91 29.69
CA GLY A 360 -34.08 -11.91 30.65
C GLY A 360 -32.91 -11.23 31.38
N HIS A 361 -31.67 -11.46 30.92
CA HIS A 361 -30.50 -10.79 31.49
C HIS A 361 -30.65 -9.29 31.32
N VAL A 362 -31.00 -8.85 30.10
CA VAL A 362 -31.16 -7.44 29.81
C VAL A 362 -32.24 -6.84 30.71
N LEU A 363 -33.40 -7.51 30.81
CA LEU A 363 -34.47 -7.05 31.68
C LEU A 363 -33.98 -6.83 33.12
N GLN A 364 -33.12 -7.72 33.62
CA GLN A 364 -32.56 -7.58 34.96
C GLN A 364 -31.70 -6.30 35.02
N ASP A 365 -30.96 -6.04 33.93
CA ASP A 365 -30.04 -4.92 33.86
C ASP A 365 -30.81 -3.60 33.78
N ARG A 366 -31.86 -3.55 32.95
CA ARG A 366 -32.64 -2.33 32.79
C ARG A 366 -33.42 -2.04 34.06
N HIS A 367 -33.75 -3.09 34.83
CA HIS A 367 -34.39 -2.89 36.12
C HIS A 367 -33.44 -2.14 37.07
N LYS A 368 -32.13 -2.44 37.01
CA LYS A 368 -31.14 -1.74 37.82
C LYS A 368 -30.99 -0.27 37.38
N ILE A 369 -30.81 -0.09 36.06
CA ILE A 369 -30.51 1.23 35.49
C ILE A 369 -31.73 2.14 35.69
N ASN A 370 -32.93 1.61 35.43
CA ASN A 370 -34.16 2.39 35.48
C ASN A 370 -34.49 2.74 36.94
N ASN A 371 -33.65 2.30 37.87
CA ASN A 371 -33.88 2.55 39.30
C ASN A 371 -32.70 3.26 39.95
N GLY A 372 -31.76 3.77 39.15
CA GLY A 372 -30.68 4.58 39.68
C GLY A 372 -29.60 3.75 40.35
N ILE A 373 -29.36 2.57 39.80
CA ILE A 373 -28.33 1.66 40.28
C ILE A 373 -27.24 1.54 39.20
N PRO A 374 -26.09 2.22 39.37
CA PRO A 374 -25.02 2.16 38.37
C PRO A 374 -24.52 0.74 38.17
N SER A 375 -24.34 0.37 36.90
CA SER A 375 -23.75 -0.90 36.52
C SER A 375 -22.59 -0.64 35.58
N LEU A 376 -21.88 -1.71 35.18
CA LEU A 376 -21.01 -1.68 34.02
C LEU A 376 -21.41 -2.82 33.09
N ASP A 377 -22.70 -3.19 33.15
CA ASP A 377 -23.17 -4.38 32.47
C ASP A 377 -22.93 -4.30 30.97
N ASP A 378 -22.94 -3.09 30.39
CA ASP A 378 -22.92 -2.95 28.94
C ASP A 378 -21.52 -3.18 28.37
N LEU A 379 -20.52 -3.37 29.25
CA LEU A 379 -19.19 -3.74 28.77
C LEU A 379 -19.19 -5.18 28.26
N GLN A 380 -20.12 -5.99 28.75
CA GLN A 380 -20.28 -7.38 28.30
C GLN A 380 -20.58 -7.44 26.81
N LEU A 381 -21.11 -6.33 26.28
CA LEU A 381 -21.42 -6.26 24.86
C LEU A 381 -20.12 -6.20 24.05
N LEU A 382 -18.97 -5.94 24.68
CA LEU A 382 -17.70 -5.89 23.96
C LEU A 382 -17.10 -7.30 23.74
N ASP A 383 -17.70 -8.33 24.33
CA ASP A 383 -17.21 -9.70 24.18
C ASP A 383 -17.87 -10.38 22.99
N TRP A 384 -18.77 -9.65 22.32
CA TRP A 384 -19.41 -10.11 21.09
C TRP A 384 -18.36 -10.50 20.05
N VAL A 385 -17.31 -9.69 19.93
CA VAL A 385 -16.17 -9.99 19.08
C VAL A 385 -14.90 -9.75 19.88
N PRO A 386 -13.74 -10.28 19.44
CA PRO A 386 -12.49 -10.11 20.18
C PRO A 386 -11.97 -8.68 20.06
N ASN A 387 -11.30 -8.22 21.13
CA ASN A 387 -10.75 -6.88 21.21
C ASN A 387 -11.85 -5.86 21.01
N GLY A 388 -13.09 -6.23 21.41
CA GLY A 388 -14.26 -5.43 21.12
C GLY A 388 -14.12 -4.02 21.67
N GLY A 389 -14.45 -3.03 20.83
CA GLY A 389 -14.71 -1.66 21.24
C GLY A 389 -15.95 -1.14 20.52
N HIS A 390 -16.35 0.11 20.79
CA HIS A 390 -17.60 0.60 20.22
C HIS A 390 -17.56 2.08 19.88
N ILE A 391 -18.41 2.44 18.93
CA ILE A 391 -18.68 3.81 18.54
C ILE A 391 -20.19 4.02 18.54
N GLY A 392 -20.64 5.17 19.03
CA GLY A 392 -22.05 5.48 19.11
C GLY A 392 -22.50 6.40 17.98
N PHE A 393 -23.71 6.16 17.48
CA PHE A 393 -24.32 7.01 16.48
C PHE A 393 -25.82 7.11 16.79
N VAL A 394 -26.33 8.31 17.06
CA VAL A 394 -27.67 8.44 17.59
C VAL A 394 -28.43 9.59 16.92
N PRO A 395 -29.01 9.39 15.72
CA PRO A 395 -29.83 10.42 15.08
C PRO A 395 -31.16 10.68 15.79
N VAL A 396 -31.71 11.88 15.59
CA VAL A 396 -32.90 12.36 16.26
C VAL A 396 -33.94 12.73 15.20
N SER A 397 -35.18 12.36 15.51
CA SER A 397 -36.27 12.44 14.56
C SER A 397 -37.59 12.52 15.30
N ALA A 398 -38.66 12.74 14.53
CA ALA A 398 -40.00 12.73 15.08
C ALA A 398 -40.38 11.29 15.41
N PRO A 399 -41.16 11.05 16.49
CA PRO A 399 -41.54 9.70 16.89
C PRO A 399 -42.74 9.20 16.08
N ASP A 400 -42.43 8.73 14.87
CA ASP A 400 -43.38 8.23 13.90
C ASP A 400 -42.89 6.89 13.38
N GLY A 401 -43.81 5.92 13.30
CA GLY A 401 -43.49 4.55 12.92
C GLY A 401 -42.80 4.46 11.56
N ARG A 402 -43.42 5.07 10.54
CA ARG A 402 -42.89 5.05 9.18
C ARG A 402 -41.47 5.62 9.19
N GLU A 403 -41.27 6.67 9.98
CA GLU A 403 -39.99 7.36 10.06
C GLU A 403 -38.98 6.42 10.73
N ALA A 404 -39.44 5.68 11.74
CA ALA A 404 -38.59 4.72 12.41
C ALA A 404 -38.20 3.60 11.45
N MET A 405 -39.19 3.11 10.69
CA MET A 405 -38.98 2.00 9.80
C MET A 405 -37.96 2.39 8.73
N LYS A 406 -38.02 3.66 8.31
CA LYS A 406 -37.14 4.20 7.29
C LYS A 406 -35.71 4.26 7.82
N GLN A 407 -35.55 4.60 9.10
CA GLN A 407 -34.24 4.68 9.74
C GLN A 407 -33.66 3.27 9.88
N PHE A 408 -34.48 2.33 10.36
CA PHE A 408 -34.10 0.93 10.48
C PHE A 408 -33.52 0.41 9.16
N GLU A 409 -34.30 0.55 8.07
CA GLU A 409 -33.87 0.09 6.75
C GLU A 409 -32.56 0.79 6.35
N MET A 410 -32.58 2.11 6.48
CA MET A 410 -31.48 2.96 6.06
C MET A 410 -30.16 2.50 6.67
N VAL A 411 -30.16 2.34 8.00
CA VAL A 411 -28.95 2.05 8.76
C VAL A 411 -28.54 0.60 8.53
N ARG A 412 -29.43 -0.35 8.84
CA ARG A 412 -29.11 -1.77 8.70
C ARG A 412 -28.53 -2.05 7.31
N ASN A 413 -29.13 -1.47 6.28
CA ASN A 413 -28.64 -1.59 4.92
C ASN A 413 -27.16 -1.24 4.87
N ARG A 414 -26.80 0.02 5.18
CA ARG A 414 -25.44 0.50 5.06
C ARG A 414 -24.49 -0.22 6.03
N ALA A 415 -25.06 -0.76 7.12
CA ALA A 415 -24.29 -1.49 8.12
C ALA A 415 -23.82 -2.83 7.57
N ASN A 416 -24.69 -3.50 6.81
CA ASN A 416 -24.39 -4.81 6.26
C ASN A 416 -23.38 -4.68 5.13
N GLU A 417 -23.44 -3.56 4.39
CA GLU A 417 -22.46 -3.27 3.36
C GLU A 417 -21.06 -3.20 3.96
N TYR A 418 -20.95 -2.82 5.24
CA TYR A 418 -19.65 -2.74 5.91
C TYR A 418 -19.42 -3.96 6.81
N ASN A 419 -20.24 -5.00 6.64
CA ASN A 419 -20.05 -6.29 7.29
C ASN A 419 -20.21 -6.17 8.80
N LYS A 420 -21.08 -5.26 9.26
CA LYS A 420 -21.25 -5.03 10.68
C LYS A 420 -22.70 -5.29 11.07
N ASP A 421 -22.90 -5.56 12.36
CA ASP A 421 -24.19 -5.96 12.88
C ASP A 421 -24.98 -4.75 13.33
N TYR A 422 -26.30 -4.83 13.06
CA TYR A 422 -27.24 -3.79 13.44
C TYR A 422 -27.64 -3.98 14.90
N MET A 423 -26.76 -3.53 15.81
CA MET A 423 -27.07 -3.41 17.22
C MET A 423 -27.74 -2.06 17.46
N ALA A 424 -29.07 -2.01 17.43
CA ALA A 424 -29.76 -0.74 17.43
C ALA A 424 -30.93 -0.76 18.40
N GLY A 425 -31.35 0.43 18.81
CA GLY A 425 -32.59 0.61 19.56
C GLY A 425 -33.29 1.91 19.16
N PHE A 426 -34.57 2.00 19.51
CA PHE A 426 -35.31 3.25 19.47
C PHE A 426 -35.74 3.59 20.88
N THR A 427 -35.52 4.85 21.30
CA THR A 427 -36.08 5.31 22.56
C THR A 427 -36.78 6.63 22.31
N ILE A 428 -37.59 7.05 23.29
CA ILE A 428 -38.37 8.26 23.17
C ILE A 428 -38.26 9.09 24.44
N GLY A 429 -37.94 10.38 24.29
CA GLY A 429 -37.78 11.27 25.43
C GLY A 429 -39.14 11.71 25.95
N LEU A 430 -39.68 12.76 25.35
CA LEU A 430 -41.08 13.13 25.49
C LEU A 430 -41.74 13.15 24.12
N ARG A 431 -41.21 13.99 23.20
CA ARG A 431 -41.81 14.20 21.91
C ARG A 431 -40.80 13.99 20.77
N GLU A 432 -39.81 13.12 20.97
CA GLU A 432 -38.60 13.08 20.17
C GLU A 432 -38.19 11.63 20.04
N MET A 433 -37.46 11.28 18.97
CA MET A 433 -37.08 9.89 18.82
C MET A 433 -35.58 9.77 18.58
N TYR A 434 -34.97 8.85 19.33
CA TYR A 434 -33.57 8.53 19.19
C TYR A 434 -33.45 7.18 18.48
N HIS A 435 -32.47 7.11 17.57
CA HIS A 435 -32.11 5.85 16.95
C HIS A 435 -30.75 5.44 17.49
N VAL A 436 -30.77 4.77 18.64
CA VAL A 436 -29.57 4.46 19.39
C VAL A 436 -28.86 3.26 18.75
N CYS A 437 -27.91 3.56 17.86
CA CYS A 437 -27.12 2.53 17.19
C CYS A 437 -25.76 2.45 17.88
N LEU A 438 -25.34 1.20 18.18
CA LEU A 438 -24.04 0.89 18.73
C LEU A 438 -23.36 -0.07 17.77
N PHE A 439 -22.09 0.20 17.43
CA PHE A 439 -21.37 -0.64 16.50
C PHE A 439 -20.11 -1.15 17.17
N ILE A 440 -19.97 -2.48 17.20
CA ILE A 440 -18.89 -3.12 17.92
C ILE A 440 -17.90 -3.68 16.90
N TYR A 441 -16.61 -3.55 17.20
CA TYR A 441 -15.57 -3.78 16.21
C TYR A 441 -14.25 -4.18 16.88
N ASP A 442 -13.40 -4.82 16.09
CA ASP A 442 -12.08 -5.24 16.52
C ASP A 442 -11.18 -4.02 16.63
N THR A 443 -10.76 -3.67 17.85
CA THR A 443 -9.98 -2.45 18.06
C THR A 443 -8.50 -2.67 17.71
N ALA A 444 -8.08 -3.94 17.55
CA ALA A 444 -6.68 -4.26 17.31
C ALA A 444 -6.39 -4.40 15.81
N ASP A 445 -7.42 -4.20 14.97
CA ASP A 445 -7.31 -4.39 13.53
C ASP A 445 -7.41 -3.04 12.82
N PRO A 446 -6.30 -2.40 12.38
CA PRO A 446 -6.36 -1.09 11.72
C PRO A 446 -7.38 -0.93 10.58
N GLU A 447 -7.62 -2.01 9.82
CA GLU A 447 -8.63 -2.01 8.78
C GLU A 447 -10.01 -1.77 9.40
N ALA A 448 -10.34 -2.58 10.42
CA ALA A 448 -11.63 -2.51 11.07
C ALA A 448 -11.91 -1.09 11.55
N ARG A 449 -10.87 -0.42 12.09
CA ARG A 449 -11.03 0.91 12.65
C ARG A 449 -11.34 1.90 11.54
N GLU A 450 -10.57 1.85 10.46
CA GLU A 450 -10.80 2.74 9.32
C GLU A 450 -12.21 2.50 8.76
N GLU A 451 -12.66 1.24 8.73
CA GLU A 451 -13.96 0.88 8.16
C GLU A 451 -15.07 1.51 8.99
N ILE A 452 -14.99 1.37 10.31
CA ILE A 452 -15.98 1.94 11.22
C ILE A 452 -16.09 3.45 11.01
N LEU A 453 -14.94 4.13 10.98
CA LEU A 453 -14.93 5.57 10.82
C LEU A 453 -15.70 5.95 9.55
N GLN A 454 -15.33 5.33 8.41
CA GLN A 454 -15.99 5.59 7.15
C GLN A 454 -17.50 5.32 7.27
N MET A 455 -17.85 4.20 7.91
CA MET A 455 -19.23 3.76 7.95
C MET A 455 -20.10 4.81 8.64
N THR A 456 -19.68 5.25 9.82
CA THR A 456 -20.44 6.23 10.57
C THR A 456 -20.53 7.53 9.75
N LYS A 457 -19.41 8.00 9.19
CA LYS A 457 -19.38 9.20 8.36
C LYS A 457 -20.44 9.09 7.27
N VAL A 458 -20.68 7.88 6.77
CA VAL A 458 -21.67 7.66 5.73
C VAL A 458 -23.06 7.70 6.35
N LEU A 459 -23.22 7.00 7.49
CA LEU A 459 -24.49 6.98 8.18
C LEU A 459 -24.93 8.41 8.54
N VAL A 460 -23.94 9.24 8.93
CA VAL A 460 -24.17 10.62 9.31
C VAL A 460 -24.64 11.42 8.11
N ARG A 461 -23.90 11.35 7.01
CA ARG A 461 -24.23 12.04 5.76
C ARG A 461 -25.64 11.63 5.32
N GLU A 462 -25.92 10.32 5.37
CA GLU A 462 -27.18 9.81 4.84
C GLU A 462 -28.33 10.30 5.72
N ALA A 463 -28.20 10.10 7.03
CA ALA A 463 -29.21 10.54 7.99
C ALA A 463 -29.51 12.01 7.79
N ALA A 464 -28.48 12.83 7.68
CA ALA A 464 -28.66 14.26 7.55
C ALA A 464 -29.44 14.58 6.29
N GLU A 465 -29.23 13.80 5.21
CA GLU A 465 -29.93 14.04 3.96
C GLU A 465 -31.42 13.71 4.10
N ALA A 466 -31.76 12.84 5.05
CA ALA A 466 -33.14 12.48 5.35
C ALA A 466 -33.73 13.34 6.47
N GLY A 467 -32.96 14.30 7.00
CA GLY A 467 -33.45 15.26 7.99
C GLY A 467 -33.17 14.85 9.44
N TYR A 468 -32.14 14.02 9.65
CA TYR A 468 -31.84 13.46 10.97
C TYR A 468 -30.44 13.89 11.41
N GLY A 469 -30.40 14.66 12.49
CA GLY A 469 -29.16 15.09 13.12
C GLY A 469 -28.85 14.31 14.40
N GLU A 470 -27.55 14.23 14.72
CA GLU A 470 -27.09 13.50 15.89
C GLU A 470 -27.19 14.45 17.08
N TYR A 471 -27.53 13.91 18.25
CA TYR A 471 -27.68 14.73 19.44
C TYR A 471 -26.31 14.83 20.10
N ARG A 472 -25.43 13.88 19.76
CA ARG A 472 -24.09 13.81 20.31
C ARG A 472 -23.24 12.86 19.44
N THR A 473 -21.92 13.12 19.35
CA THR A 473 -21.08 12.30 18.49
C THR A 473 -19.67 12.08 19.06
N HIS A 474 -18.92 11.19 18.39
CA HIS A 474 -17.56 10.84 18.74
C HIS A 474 -16.63 11.99 18.37
N ASN A 475 -15.49 12.07 19.06
CA ASN A 475 -14.44 13.02 18.77
C ASN A 475 -14.24 13.08 17.25
N ALA A 476 -14.24 11.90 16.61
CA ALA A 476 -13.78 11.74 15.24
C ALA A 476 -14.73 12.33 14.22
N LEU A 477 -15.99 12.61 14.59
CA LEU A 477 -16.96 13.08 13.63
C LEU A 477 -17.55 14.43 14.01
N MET A 478 -16.86 15.17 14.87
CA MET A 478 -17.39 16.44 15.36
C MET A 478 -17.53 17.42 14.20
N ASP A 479 -16.47 17.51 13.38
CA ASP A 479 -16.47 18.42 12.25
C ASP A 479 -17.61 18.07 11.30
N ASP A 480 -17.74 16.75 11.02
CA ASP A 480 -18.73 16.23 10.10
C ASP A 480 -20.14 16.55 10.58
N VAL A 481 -20.43 16.24 11.85
CA VAL A 481 -21.76 16.45 12.41
C VAL A 481 -22.12 17.93 12.40
N MET A 482 -21.20 18.81 12.81
CA MET A 482 -21.54 20.22 12.86
C MET A 482 -21.83 20.73 11.45
N ALA A 483 -21.21 20.11 10.44
CA ALA A 483 -21.46 20.49 9.06
C ALA A 483 -22.89 20.13 8.63
N THR A 484 -23.54 19.17 9.30
CA THR A 484 -24.92 18.87 8.97
C THR A 484 -25.88 19.97 9.46
N PHE A 485 -25.49 20.77 10.45
CA PHE A 485 -26.37 21.78 11.03
C PHE A 485 -26.09 23.13 10.40
N ASN A 486 -26.22 23.15 9.07
CA ASN A 486 -25.72 24.23 8.25
C ASN A 486 -26.83 25.13 7.71
N TRP A 487 -28.04 25.09 8.28
CA TRP A 487 -29.12 25.97 7.84
C TRP A 487 -28.64 27.41 7.86
N GLY A 488 -29.17 28.22 6.94
CA GLY A 488 -28.77 29.61 6.82
C GLY A 488 -27.31 29.77 6.42
N ASP A 489 -26.80 28.79 5.68
CA ASP A 489 -25.41 28.77 5.23
C ASP A 489 -24.48 28.73 6.45
N GLY A 490 -24.69 27.73 7.31
CA GLY A 490 -23.84 27.50 8.48
C GLY A 490 -23.90 28.65 9.48
N ALA A 491 -25.12 29.13 9.74
CA ALA A 491 -25.34 30.27 10.63
C ALA A 491 -24.96 29.91 12.06
N LEU A 492 -25.37 28.71 12.46
CA LEU A 492 -25.17 28.25 13.81
C LEU A 492 -23.69 28.21 14.18
N LEU A 493 -22.87 27.64 13.30
CA LEU A 493 -21.46 27.51 13.63
C LEU A 493 -20.79 28.89 13.65
N LYS A 494 -21.23 29.81 12.81
CA LYS A 494 -20.60 31.11 12.77
C LYS A 494 -20.85 31.83 14.08
N PHE A 495 -22.01 31.57 14.66
CA PHE A 495 -22.38 32.13 15.94
C PHE A 495 -21.47 31.59 17.04
N HIS A 496 -21.35 30.26 17.04
CA HIS A 496 -20.49 29.58 18.01
C HIS A 496 -19.08 30.18 17.93
N GLU A 497 -18.61 30.48 16.71
CA GLU A 497 -17.25 30.93 16.48
C GLU A 497 -17.07 32.33 17.05
N LYS A 498 -18.05 33.20 16.81
CA LYS A 498 -17.98 34.56 17.32
C LYS A 498 -17.81 34.50 18.85
N ILE A 499 -18.58 33.62 19.51
CA ILE A 499 -18.54 33.52 20.97
C ILE A 499 -17.23 32.90 21.43
N LYS A 500 -16.86 31.79 20.80
CA LYS A 500 -15.58 31.14 21.07
C LYS A 500 -14.44 32.15 21.02
N ASP A 501 -14.45 33.05 20.02
CA ASP A 501 -13.32 33.96 19.86
C ASP A 501 -13.39 35.09 20.88
N ALA A 502 -14.59 35.40 21.37
CA ALA A 502 -14.74 36.47 22.34
C ALA A 502 -14.26 36.01 23.72
N LEU A 503 -14.57 34.78 24.12
CA LEU A 503 -14.22 34.31 25.45
C LEU A 503 -12.82 33.73 25.46
N ASP A 504 -12.36 33.24 24.30
CA ASP A 504 -11.10 32.53 24.23
C ASP A 504 -10.23 33.13 23.13
N PRO A 505 -9.77 34.40 23.30
CA PRO A 505 -8.95 35.07 22.28
C PRO A 505 -7.61 34.44 21.96
N ASN A 506 -7.05 33.66 22.90
CA ASN A 506 -5.81 32.95 22.58
C ASN A 506 -6.07 31.55 22.04
N GLY A 507 -7.34 31.14 21.92
CA GLY A 507 -7.67 29.85 21.33
C GLY A 507 -7.09 28.69 22.16
N ILE A 508 -7.37 28.70 23.46
CA ILE A 508 -6.76 27.78 24.40
C ILE A 508 -7.60 26.51 24.58
N ILE A 509 -8.91 26.64 24.79
CA ILE A 509 -9.69 25.55 25.34
C ILE A 509 -10.20 24.63 24.23
N ALA A 510 -9.92 23.33 24.39
CA ALA A 510 -10.46 22.23 23.60
C ALA A 510 -10.77 22.66 22.17
N PRO A 511 -9.75 23.11 21.41
CA PRO A 511 -9.98 23.50 20.02
C PRO A 511 -10.58 22.35 19.23
N GLY A 512 -11.70 22.63 18.53
CA GLY A 512 -12.34 21.68 17.64
C GLY A 512 -13.58 21.00 18.25
N LYS A 513 -13.72 21.06 19.57
CA LYS A 513 -14.83 20.42 20.25
C LYS A 513 -16.13 20.86 19.60
N SER A 514 -16.96 19.88 19.23
CA SER A 514 -18.25 20.15 18.61
C SER A 514 -18.07 20.92 17.29
N GLY A 515 -16.87 20.83 16.72
CA GLY A 515 -16.58 21.43 15.43
C GLY A 515 -16.22 22.91 15.54
N ILE A 516 -16.00 23.41 16.76
CA ILE A 516 -15.82 24.84 16.96
C ILE A 516 -14.35 25.13 17.17
N TRP A 517 -13.77 25.80 16.16
CA TRP A 517 -12.36 26.14 16.21
C TRP A 517 -12.19 27.63 16.41
N PRO A 518 -11.25 28.05 17.28
CA PRO A 518 -10.96 29.48 17.43
C PRO A 518 -10.13 30.00 16.25
N GLN A 519 -10.15 31.32 16.03
CA GLN A 519 -9.57 31.97 14.86
C GLN A 519 -8.23 31.34 14.48
N ARG A 520 -7.30 31.16 15.42
CA ARG A 520 -5.94 30.80 15.04
C ARG A 520 -5.87 29.39 14.46
N PHE A 521 -6.93 28.59 14.54
CA PHE A 521 -6.91 27.25 13.96
C PHE A 521 -7.80 27.15 12.71
N ARG A 522 -8.35 28.27 12.23
CA ARG A 522 -9.32 28.20 11.14
C ARG A 522 -8.72 28.51 9.79
N GLY A 523 -9.11 27.70 8.79
CA GLY A 523 -8.41 27.61 7.52
C GLY A 523 -7.71 26.26 7.37
N GLN A 524 -8.00 25.33 8.30
CA GLN A 524 -7.37 24.01 8.35
C GLN A 524 -8.44 22.93 8.66
N THR B 2 -26.32 -27.98 -2.90
CA THR B 2 -26.07 -28.27 -1.47
C THR B 2 -24.60 -28.02 -1.15
N ARG B 3 -23.73 -28.75 -1.85
CA ARG B 3 -22.30 -28.71 -1.59
C ARG B 3 -21.52 -28.66 -2.91
N THR B 4 -20.76 -27.58 -3.09
CA THR B 4 -19.88 -27.45 -4.25
C THR B 4 -18.76 -28.50 -4.16
N LEU B 5 -18.46 -29.17 -5.27
CA LEU B 5 -17.38 -30.13 -5.34
C LEU B 5 -16.38 -29.73 -6.43
N PRO B 6 -15.07 -30.04 -6.26
CA PRO B 6 -14.10 -29.85 -7.34
C PRO B 6 -14.39 -30.77 -8.53
N PRO B 7 -14.21 -30.30 -9.78
CA PRO B 7 -14.38 -31.16 -10.96
C PRO B 7 -13.83 -32.59 -10.81
N GLY B 8 -14.73 -33.56 -10.99
CA GLY B 8 -14.35 -34.96 -11.09
C GLY B 8 -13.90 -35.54 -9.75
N VAL B 9 -14.31 -34.92 -8.65
CA VAL B 9 -13.98 -35.43 -7.33
C VAL B 9 -15.28 -35.86 -6.64
N SER B 10 -15.29 -37.09 -6.15
CA SER B 10 -16.46 -37.63 -5.48
C SER B 10 -16.58 -37.03 -4.08
N ASP B 11 -17.81 -37.01 -3.55
CA ASP B 11 -18.09 -36.62 -2.18
C ASP B 11 -17.12 -37.30 -1.20
N GLU B 12 -16.73 -38.55 -1.49
CA GLU B 12 -15.90 -39.35 -0.60
C GLU B 12 -14.46 -38.81 -0.61
N ARG B 13 -13.90 -38.70 -1.82
CA ARG B 13 -12.50 -38.30 -1.98
C ARG B 13 -12.30 -36.91 -1.39
N PHE B 14 -13.31 -36.04 -1.53
CA PHE B 14 -13.23 -34.68 -1.02
C PHE B 14 -13.22 -34.69 0.50
N ASP B 15 -13.99 -35.60 1.11
CA ASP B 15 -14.04 -35.75 2.55
C ASP B 15 -12.69 -36.23 3.07
N ALA B 16 -12.06 -37.17 2.33
CA ALA B 16 -10.70 -37.58 2.63
C ALA B 16 -9.77 -36.38 2.60
N ALA B 17 -9.73 -35.70 1.44
CA ALA B 17 -8.82 -34.58 1.25
C ALA B 17 -9.03 -33.55 2.37
N LEU B 18 -10.29 -33.16 2.62
CA LEU B 18 -10.62 -32.22 3.67
C LEU B 18 -9.96 -32.67 4.98
N GLN B 19 -10.06 -33.97 5.27
CA GLN B 19 -9.47 -34.53 6.47
C GLN B 19 -7.96 -34.32 6.46
N ARG B 20 -7.32 -34.61 5.31
CA ARG B 20 -5.88 -34.49 5.18
C ARG B 20 -5.49 -33.01 5.35
N PHE B 21 -6.34 -32.10 4.85
CA PHE B 21 -6.13 -30.66 5.00
C PHE B 21 -6.21 -30.25 6.47
N ARG B 22 -7.23 -30.73 7.18
CA ARG B 22 -7.37 -30.47 8.61
C ARG B 22 -6.14 -31.00 9.36
N ASP B 23 -5.65 -32.19 8.97
CA ASP B 23 -4.42 -32.76 9.52
C ASP B 23 -3.25 -31.79 9.39
N VAL B 24 -3.21 -31.01 8.30
CA VAL B 24 -2.09 -30.10 8.06
C VAL B 24 -2.26 -28.84 8.91
N VAL B 25 -3.40 -28.15 8.79
CA VAL B 25 -3.54 -26.81 9.33
C VAL B 25 -4.28 -26.82 10.67
N GLY B 26 -5.24 -27.73 10.86
CA GLY B 26 -6.04 -27.78 12.07
C GLY B 26 -7.52 -27.50 11.79
N ASP B 27 -8.39 -28.20 12.51
CA ASP B 27 -9.81 -28.30 12.16
C ASP B 27 -10.44 -26.92 12.06
N LYS B 28 -10.01 -26.01 12.94
CA LYS B 28 -10.53 -24.65 13.01
C LYS B 28 -10.41 -23.91 11.67
N TRP B 29 -9.35 -24.19 10.91
CA TRP B 29 -8.95 -23.36 9.80
C TRP B 29 -9.27 -23.99 8.45
N VAL B 30 -10.09 -25.04 8.45
CA VAL B 30 -10.62 -25.60 7.22
C VAL B 30 -12.14 -25.41 7.26
N LEU B 31 -12.65 -24.58 6.34
CA LEU B 31 -14.07 -24.29 6.23
C LEU B 31 -14.66 -25.02 5.02
N SER B 32 -15.92 -25.45 5.16
CA SER B 32 -16.63 -26.12 4.08
C SER B 32 -18.12 -26.21 4.38
N THR B 33 -18.76 -25.06 4.59
CA THR B 33 -20.22 -25.02 4.69
C THR B 33 -20.73 -23.77 3.98
N ALA B 34 -22.02 -23.81 3.63
CA ALA B 34 -22.64 -22.76 2.82
C ALA B 34 -22.47 -21.41 3.51
N ASP B 35 -22.88 -21.33 4.78
CA ASP B 35 -22.82 -20.09 5.52
C ASP B 35 -21.39 -19.54 5.51
N GLU B 36 -20.43 -20.39 5.85
CA GLU B 36 -19.03 -20.00 5.96
C GLU B 36 -18.48 -19.53 4.61
N LEU B 37 -18.91 -20.19 3.52
CA LEU B 37 -18.34 -19.99 2.19
C LEU B 37 -19.00 -18.81 1.48
N GLU B 38 -20.04 -18.21 2.09
CA GLU B 38 -20.73 -17.09 1.51
C GLU B 38 -19.77 -15.91 1.32
N ALA B 39 -18.81 -15.80 2.25
CA ALA B 39 -17.92 -14.65 2.34
C ALA B 39 -17.03 -14.53 1.11
N PHE B 40 -16.81 -15.64 0.38
CA PHE B 40 -15.78 -15.67 -0.64
C PHE B 40 -16.40 -15.69 -2.04
N ARG B 41 -17.70 -15.38 -2.13
CA ARG B 41 -18.36 -15.17 -3.41
C ARG B 41 -18.02 -13.76 -3.89
N ASP B 42 -17.76 -13.60 -5.20
CA ASP B 42 -17.38 -12.32 -5.78
C ASP B 42 -18.35 -11.26 -5.24
N PRO B 43 -17.89 -10.25 -4.48
CA PRO B 43 -18.79 -9.31 -3.81
C PRO B 43 -19.41 -8.32 -4.80
N TYR B 44 -18.74 -8.14 -5.95
CA TYR B 44 -19.26 -7.38 -7.07
C TYR B 44 -19.45 -8.34 -8.24
N PRO B 45 -20.50 -9.21 -8.23
CA PRO B 45 -20.69 -10.21 -9.29
C PRO B 45 -20.96 -9.56 -10.63
N VAL B 46 -20.57 -10.25 -11.71
CA VAL B 46 -20.74 -9.75 -13.06
C VAL B 46 -21.35 -10.88 -13.89
N GLY B 47 -22.19 -10.50 -14.86
CA GLY B 47 -23.07 -11.43 -15.55
C GLY B 47 -24.37 -11.62 -14.78
N ALA B 48 -25.44 -12.04 -15.45
CA ALA B 48 -26.62 -12.50 -14.73
C ALA B 48 -26.32 -13.87 -14.10
N ALA B 49 -25.54 -14.69 -14.80
CA ALA B 49 -25.34 -16.09 -14.46
C ALA B 49 -24.35 -16.24 -13.31
N GLU B 50 -24.54 -17.28 -12.48
CA GLU B 50 -23.78 -17.49 -11.26
C GLU B 50 -22.57 -18.38 -11.56
N ALA B 51 -21.38 -17.77 -11.66
CA ALA B 51 -20.12 -18.47 -11.91
C ALA B 51 -19.13 -18.19 -10.77
N ASN B 52 -18.18 -19.10 -10.54
CA ASN B 52 -17.24 -19.00 -9.43
C ASN B 52 -17.97 -19.31 -8.12
N LEU B 53 -17.53 -20.37 -7.42
CA LEU B 53 -18.16 -20.86 -6.19
C LEU B 53 -17.16 -21.80 -5.49
N PRO B 54 -16.57 -21.44 -4.33
CA PRO B 54 -15.48 -22.23 -3.76
C PRO B 54 -15.91 -23.44 -2.95
N SER B 55 -15.18 -24.55 -3.07
CA SER B 55 -15.57 -25.81 -2.47
C SER B 55 -15.13 -25.89 -1.01
N ALA B 56 -14.07 -25.16 -0.66
CA ALA B 56 -13.62 -25.04 0.72
C ALA B 56 -12.64 -23.87 0.84
N VAL B 57 -12.32 -23.49 2.07
CA VAL B 57 -11.23 -22.56 2.31
C VAL B 57 -10.28 -23.18 3.33
N VAL B 58 -8.98 -23.06 3.06
CA VAL B 58 -7.93 -23.61 3.91
C VAL B 58 -6.97 -22.49 4.26
N SER B 59 -6.76 -22.25 5.57
CA SER B 59 -5.91 -21.16 6.03
C SER B 59 -4.66 -21.71 6.67
N PRO B 60 -3.53 -21.83 5.94
CA PRO B 60 -2.30 -22.32 6.53
C PRO B 60 -1.56 -21.20 7.25
N GLU B 61 -0.61 -21.62 8.09
CA GLU B 61 0.13 -20.74 8.98
C GLU B 61 1.61 -20.71 8.60
N SER B 62 2.09 -21.69 7.83
CA SER B 62 3.50 -21.75 7.47
C SER B 62 3.68 -22.10 5.99
N THR B 63 4.82 -21.69 5.42
CA THR B 63 5.27 -22.22 4.15
C THR B 63 5.10 -23.74 4.14
N GLU B 64 5.55 -24.43 5.19
CA GLU B 64 5.64 -25.88 5.20
C GLU B 64 4.25 -26.48 5.04
N GLN B 65 3.25 -25.81 5.61
CA GLN B 65 1.87 -26.22 5.49
C GLN B 65 1.40 -26.05 4.05
N VAL B 66 1.70 -24.88 3.47
CA VAL B 66 1.40 -24.61 2.07
C VAL B 66 1.95 -25.72 1.20
N GLN B 67 3.17 -26.19 1.49
CA GLN B 67 3.76 -27.30 0.75
C GLN B 67 2.90 -28.55 0.90
N ASP B 68 2.47 -28.84 2.12
CA ASP B 68 1.73 -30.07 2.40
C ASP B 68 0.38 -30.02 1.67
N ILE B 69 -0.33 -28.89 1.76
CA ILE B 69 -1.58 -28.68 1.07
C ILE B 69 -1.40 -28.97 -0.41
N VAL B 70 -0.34 -28.40 -1.00
CA VAL B 70 -0.15 -28.51 -2.43
C VAL B 70 0.07 -29.99 -2.79
N ARG B 71 0.88 -30.70 -2.00
CA ARG B 71 1.13 -32.12 -2.21
C ARG B 71 -0.19 -32.89 -2.20
N ILE B 72 -1.06 -32.55 -1.23
CA ILE B 72 -2.35 -33.21 -1.08
C ILE B 72 -3.21 -32.90 -2.31
N ALA B 73 -3.26 -31.63 -2.70
CA ALA B 73 -4.05 -31.20 -3.85
C ALA B 73 -3.59 -31.94 -5.11
N ASN B 74 -2.27 -32.13 -5.25
CA ASN B 74 -1.74 -32.87 -6.38
C ASN B 74 -2.34 -34.28 -6.40
N GLU B 75 -2.26 -35.00 -5.27
CA GLU B 75 -2.72 -36.38 -5.15
C GLU B 75 -4.18 -36.51 -5.60
N TYR B 76 -5.04 -35.61 -5.12
CA TYR B 76 -6.48 -35.71 -5.27
C TYR B 76 -6.97 -34.93 -6.51
N GLY B 77 -6.08 -34.18 -7.16
CA GLY B 77 -6.43 -33.41 -8.35
C GLY B 77 -7.35 -32.23 -8.03
N ILE B 78 -7.30 -31.72 -6.80
CA ILE B 78 -8.13 -30.61 -6.37
C ILE B 78 -7.49 -29.30 -6.85
N PRO B 79 -8.23 -28.45 -7.61
CA PRO B 79 -7.71 -27.12 -7.96
C PRO B 79 -7.62 -26.22 -6.74
N LEU B 80 -6.53 -25.44 -6.66
CA LEU B 80 -6.29 -24.53 -5.58
C LEU B 80 -6.35 -23.10 -6.08
N HIS B 81 -7.00 -22.21 -5.31
CA HIS B 81 -7.01 -20.80 -5.63
C HIS B 81 -6.29 -20.00 -4.54
N PRO B 82 -4.98 -19.70 -4.70
CA PRO B 82 -4.25 -18.92 -3.71
C PRO B 82 -4.70 -17.45 -3.65
N VAL B 83 -4.91 -16.97 -2.41
CA VAL B 83 -5.25 -15.58 -2.15
C VAL B 83 -4.44 -15.09 -0.94
N SER B 84 -4.17 -13.78 -0.90
CA SER B 84 -3.56 -13.14 0.26
C SER B 84 -4.65 -12.67 1.21
N THR B 85 -5.31 -11.54 0.92
CA THR B 85 -6.47 -11.09 1.68
C THR B 85 -7.75 -11.47 0.96
N GLY B 86 -7.73 -11.37 -0.38
CA GLY B 86 -8.90 -11.70 -1.19
C GLY B 86 -9.85 -10.52 -1.29
N LYS B 87 -9.30 -9.32 -1.56
CA LYS B 87 -10.07 -8.11 -1.72
C LYS B 87 -9.85 -7.55 -3.12
N ASN B 88 -9.68 -8.44 -4.11
CA ASN B 88 -9.43 -8.02 -5.49
C ASN B 88 -10.75 -7.52 -6.09
N ASN B 89 -11.22 -6.36 -5.59
CA ASN B 89 -12.55 -5.84 -5.86
C ASN B 89 -12.50 -4.89 -7.06
N GLY B 90 -13.25 -5.24 -8.11
CA GLY B 90 -13.07 -4.63 -9.41
C GLY B 90 -12.50 -5.62 -10.42
N TYR B 91 -11.99 -6.74 -9.90
CA TYR B 91 -11.34 -7.76 -10.70
C TYR B 91 -11.74 -9.16 -10.24
N GLY B 92 -12.68 -9.29 -9.29
CA GLY B 92 -13.32 -10.57 -9.05
C GLY B 92 -13.25 -11.03 -7.60
N GLY B 93 -12.80 -10.15 -6.70
CA GLY B 93 -12.75 -10.45 -5.27
C GLY B 93 -11.86 -11.64 -4.95
N ALA B 94 -12.35 -12.53 -4.08
CA ALA B 94 -11.62 -13.72 -3.70
C ALA B 94 -11.99 -14.90 -4.58
N ALA B 95 -12.71 -14.65 -5.67
CA ALA B 95 -13.48 -15.70 -6.33
C ALA B 95 -12.63 -16.48 -7.33
N PRO B 96 -12.63 -17.82 -7.27
CA PRO B 96 -11.80 -18.63 -8.18
C PRO B 96 -12.37 -18.72 -9.59
N ARG B 97 -11.51 -18.44 -10.58
CA ARG B 97 -11.81 -18.57 -12.00
C ARG B 97 -12.53 -19.89 -12.29
N LEU B 98 -12.22 -20.95 -11.53
CA LEU B 98 -12.85 -22.23 -11.77
C LEU B 98 -13.61 -22.68 -10.53
N SER B 99 -14.88 -23.02 -10.73
CA SER B 99 -15.80 -23.33 -9.65
C SER B 99 -15.42 -24.68 -9.05
N GLY B 100 -15.64 -24.81 -7.73
CA GLY B 100 -15.28 -26.01 -6.99
C GLY B 100 -13.84 -25.99 -6.51
N SER B 101 -13.12 -24.88 -6.71
CA SER B 101 -11.73 -24.77 -6.28
C SER B 101 -11.62 -24.54 -4.78
N VAL B 102 -10.55 -25.06 -4.17
CA VAL B 102 -10.24 -24.81 -2.77
C VAL B 102 -9.44 -23.52 -2.68
N ILE B 103 -9.94 -22.53 -1.92
CA ILE B 103 -9.21 -21.30 -1.70
C ILE B 103 -8.18 -21.54 -0.60
N VAL B 104 -6.92 -21.19 -0.91
CA VAL B 104 -5.87 -21.18 0.09
C VAL B 104 -5.70 -19.74 0.56
N LYS B 105 -6.19 -19.43 1.76
CA LYS B 105 -6.08 -18.10 2.31
C LYS B 105 -4.78 -18.04 3.11
N THR B 106 -3.70 -17.60 2.44
CA THR B 106 -2.39 -17.57 3.04
C THR B 106 -2.35 -16.44 4.07
N GLY B 107 -3.10 -15.35 3.79
CA GLY B 107 -3.01 -14.15 4.57
C GLY B 107 -3.75 -14.20 5.90
N GLU B 108 -4.61 -15.21 6.10
CA GLU B 108 -5.34 -15.30 7.33
C GLU B 108 -4.34 -15.47 8.48
N ARG B 109 -3.41 -16.42 8.35
CA ARG B 109 -2.48 -16.69 9.44
C ARG B 109 -1.05 -16.28 9.12
N MET B 110 -0.70 -16.19 7.82
CA MET B 110 0.62 -15.75 7.43
C MET B 110 0.55 -14.24 7.18
N ASN B 111 0.55 -13.47 8.27
CA ASN B 111 0.31 -12.04 8.22
C ASN B 111 1.35 -11.24 9.01
N ARG B 112 2.54 -11.84 9.20
CA ARG B 112 3.61 -11.22 9.97
C ARG B 112 4.39 -10.23 9.09
N ILE B 113 4.80 -9.13 9.71
CA ILE B 113 5.76 -8.19 9.14
C ILE B 113 7.15 -8.67 9.53
N LEU B 114 7.78 -9.48 8.66
CA LEU B 114 8.98 -10.23 9.00
C LEU B 114 10.17 -9.32 9.23
N GLU B 115 10.16 -8.13 8.64
CA GLU B 115 11.26 -7.21 8.78
C GLU B 115 10.91 -5.88 8.14
N VAL B 116 11.31 -4.80 8.80
CA VAL B 116 11.35 -3.50 8.17
C VAL B 116 12.68 -2.87 8.52
N ASN B 117 13.36 -2.33 7.51
CA ASN B 117 14.76 -1.99 7.63
C ASN B 117 14.94 -0.53 7.20
N GLU B 118 15.27 0.31 8.17
CA GLU B 118 15.29 1.74 7.95
C GLU B 118 16.50 2.13 7.14
N LYS B 119 17.62 1.43 7.39
CA LYS B 119 18.90 1.80 6.80
C LYS B 119 18.84 1.64 5.28
N TYR B 120 18.41 0.47 4.81
CA TYR B 120 18.41 0.14 3.40
C TYR B 120 17.02 0.36 2.77
N GLY B 121 15.99 0.57 3.58
CA GLY B 121 14.73 1.06 3.05
C GLY B 121 13.92 -0.01 2.33
N TYR B 122 13.57 -1.08 3.07
CA TYR B 122 12.74 -2.16 2.53
C TYR B 122 11.90 -2.78 3.65
N ALA B 123 10.96 -3.63 3.23
CA ALA B 123 10.24 -4.51 4.13
C ALA B 123 10.16 -5.91 3.51
N LEU B 124 10.11 -6.93 4.37
CA LEU B 124 9.86 -8.29 3.94
C LEU B 124 8.57 -8.74 4.62
N LEU B 125 7.58 -9.16 3.81
CA LEU B 125 6.23 -9.29 4.29
C LEU B 125 5.70 -10.68 3.95
N GLU B 126 4.69 -11.07 4.72
CA GLU B 126 3.89 -12.23 4.42
C GLU B 126 2.63 -11.71 3.71
N PRO B 127 1.87 -12.61 3.07
CA PRO B 127 0.69 -12.19 2.31
C PRO B 127 -0.41 -11.47 3.07
N GLY B 128 -0.51 -11.73 4.38
CA GLY B 128 -1.60 -11.21 5.19
C GLY B 128 -1.40 -9.75 5.59
N VAL B 129 -0.19 -9.24 5.43
CA VAL B 129 0.07 -7.86 5.80
C VAL B 129 -0.72 -6.94 4.86
N THR B 130 -1.67 -6.19 5.44
CA THR B 130 -2.44 -5.22 4.67
C THR B 130 -1.71 -3.90 4.69
N TYR B 131 -2.21 -2.93 3.88
CA TYR B 131 -1.64 -1.60 3.79
C TYR B 131 -1.86 -0.87 5.13
N PHE B 132 -2.95 -1.18 5.81
CA PHE B 132 -3.24 -0.63 7.13
C PHE B 132 -2.25 -1.23 8.12
N ASP B 133 -2.14 -2.55 8.14
CA ASP B 133 -1.21 -3.24 9.02
C ASP B 133 0.17 -2.63 8.93
N LEU B 134 0.65 -2.37 7.70
CA LEU B 134 2.01 -1.92 7.48
C LEU B 134 2.14 -0.45 7.88
N TYR B 135 1.14 0.38 7.55
CA TYR B 135 1.17 1.79 7.88
C TYR B 135 1.23 1.99 9.40
N GLU B 136 0.42 1.19 10.12
CA GLU B 136 0.43 1.15 11.57
C GLU B 136 1.85 0.86 12.04
N TYR B 137 2.49 -0.16 11.48
CA TYR B 137 3.83 -0.54 11.90
C TYR B 137 4.75 0.66 11.76
N LEU B 138 4.66 1.34 10.61
CA LEU B 138 5.51 2.47 10.30
C LEU B 138 5.30 3.60 11.30
N GLN B 139 4.05 3.88 11.68
CA GLN B 139 3.77 4.92 12.64
C GLN B 139 4.20 4.47 14.05
N SER B 140 3.79 3.26 14.44
CA SER B 140 4.16 2.70 15.74
C SER B 140 5.65 2.86 16.01
N HIS B 141 6.49 2.50 15.02
CA HIS B 141 7.94 2.42 15.19
C HIS B 141 8.61 3.71 14.73
N ASP B 142 7.79 4.74 14.47
CA ASP B 142 8.24 6.05 14.01
C ASP B 142 9.31 5.92 12.93
N SER B 143 8.93 5.32 11.80
CA SER B 143 9.82 5.06 10.69
C SER B 143 10.06 6.34 9.90
N GLY B 144 11.16 6.37 9.13
CA GLY B 144 11.38 7.40 8.15
C GLY B 144 11.02 6.91 6.75
N LEU B 145 10.28 5.79 6.66
CA LEU B 145 9.88 5.18 5.41
C LEU B 145 8.40 5.45 5.17
N MET B 146 8.01 5.46 3.90
CA MET B 146 6.61 5.53 3.52
C MET B 146 6.29 4.42 2.51
N LEU B 147 5.07 3.93 2.59
CA LEU B 147 4.62 2.90 1.68
C LEU B 147 3.96 3.61 0.51
N ASP B 148 3.58 2.83 -0.51
CA ASP B 148 2.87 3.31 -1.69
C ASP B 148 1.60 2.47 -1.81
N CYS B 149 0.44 3.12 -1.70
CA CYS B 149 -0.79 2.37 -1.54
C CYS B 149 -1.65 2.55 -2.79
N PRO B 150 -2.51 1.55 -3.09
CA PRO B 150 -3.57 1.74 -4.09
C PRO B 150 -4.69 2.57 -3.46
N ASP B 151 -5.78 2.77 -4.19
CA ASP B 151 -6.88 3.60 -3.68
C ASP B 151 -7.48 2.95 -2.43
N LEU B 152 -7.67 1.63 -2.46
CA LEU B 152 -8.24 0.89 -1.35
C LEU B 152 -7.18 0.14 -0.58
N GLY B 153 -6.98 0.53 0.68
CA GLY B 153 -5.85 0.09 1.49
C GLY B 153 -6.13 -1.21 2.24
N TRP B 154 -7.36 -1.74 2.12
CA TRP B 154 -7.71 -2.94 2.88
C TRP B 154 -7.14 -4.20 2.24
N GLY B 155 -6.53 -4.05 1.06
CA GLY B 155 -5.90 -5.18 0.38
C GLY B 155 -4.54 -5.56 0.96
N SER B 156 -4.01 -6.71 0.53
CA SER B 156 -2.65 -7.13 0.83
C SER B 156 -1.66 -6.31 0.01
N VAL B 157 -0.49 -6.07 0.58
CA VAL B 157 0.62 -5.44 -0.13
C VAL B 157 1.18 -6.44 -1.14
N VAL B 158 1.31 -7.69 -0.71
CA VAL B 158 1.77 -8.76 -1.59
C VAL B 158 0.74 -9.03 -2.67
N GLY B 159 -0.51 -9.27 -2.27
CA GLY B 159 -1.59 -9.49 -3.22
C GLY B 159 -1.53 -8.45 -4.35
N ASN B 160 -1.50 -7.18 -3.95
CA ASN B 160 -1.53 -6.09 -4.92
C ASN B 160 -0.31 -6.20 -5.83
N THR B 161 0.86 -6.31 -5.23
CA THR B 161 2.11 -6.39 -5.97
C THR B 161 2.02 -7.48 -7.03
N LEU B 162 1.44 -8.63 -6.66
CA LEU B 162 1.45 -9.80 -7.53
C LEU B 162 0.42 -9.67 -8.66
N ASP B 163 -0.49 -8.70 -8.59
CA ASP B 163 -1.32 -8.39 -9.74
C ASP B 163 -0.74 -7.21 -10.51
N ARG B 164 0.51 -6.82 -10.21
CA ARG B 164 1.15 -5.66 -10.80
C ARG B 164 0.26 -4.44 -10.64
N GLY B 165 -0.32 -4.29 -9.44
CA GLY B 165 -1.07 -3.09 -9.08
C GLY B 165 -0.15 -1.88 -9.00
N VAL B 166 -0.76 -0.70 -8.94
CA VAL B 166 -0.02 0.54 -9.02
C VAL B 166 -0.53 1.49 -7.96
N GLY B 167 0.29 2.49 -7.65
CA GLY B 167 -0.02 3.55 -6.70
C GLY B 167 0.50 4.86 -7.25
N TYR B 168 0.56 5.90 -6.41
CA TYR B 168 0.64 7.26 -6.93
C TYR B 168 1.79 8.05 -6.33
N THR B 169 2.59 7.45 -5.45
CA THR B 169 3.83 8.05 -5.01
C THR B 169 4.87 7.79 -6.11
N PRO B 170 6.11 8.33 -6.03
CA PRO B 170 7.16 7.97 -6.98
C PRO B 170 7.49 6.48 -7.03
N TYR B 171 7.17 5.73 -5.97
CA TYR B 171 7.34 4.28 -5.98
C TYR B 171 6.04 3.59 -6.41
N GLY B 172 5.39 4.15 -7.45
CA GLY B 172 4.03 3.75 -7.79
C GLY B 172 3.96 2.44 -8.58
N ASP B 173 5.08 2.04 -9.18
CA ASP B 173 5.17 0.78 -9.88
C ASP B 173 5.60 -0.29 -8.88
N HIS B 174 4.61 -0.97 -8.28
CA HIS B 174 4.85 -1.87 -7.16
C HIS B 174 5.82 -2.98 -7.54
N PHE B 175 5.56 -3.65 -8.68
CA PHE B 175 6.38 -4.76 -9.12
C PHE B 175 7.85 -4.32 -9.27
N MET B 176 8.07 -3.08 -9.72
CA MET B 176 9.42 -2.56 -9.91
C MET B 176 10.22 -2.64 -8.61
N TRP B 177 9.53 -2.41 -7.49
CA TRP B 177 10.16 -2.30 -6.18
C TRP B 177 10.13 -3.62 -5.43
N GLN B 178 9.28 -4.54 -5.87
CA GLN B 178 9.33 -5.92 -5.37
C GLN B 178 10.76 -6.43 -5.49
N THR B 179 11.28 -6.95 -4.38
CA THR B 179 12.62 -7.49 -4.34
C THR B 179 12.58 -8.75 -3.50
N GLY B 180 12.82 -9.89 -4.16
CA GLY B 180 12.86 -11.18 -3.49
C GLY B 180 11.46 -11.70 -3.24
N LEU B 181 11.26 -12.99 -3.50
CA LEU B 181 10.13 -13.69 -2.94
C LEU B 181 10.49 -15.15 -2.70
N GLU B 182 9.68 -15.76 -1.82
CA GLU B 182 9.67 -17.19 -1.57
C GLU B 182 8.36 -17.74 -2.13
N VAL B 183 8.46 -18.81 -2.91
CA VAL B 183 7.26 -19.36 -3.52
C VAL B 183 7.30 -20.88 -3.45
N VAL B 184 6.10 -21.43 -3.22
CA VAL B 184 5.84 -22.85 -3.30
C VAL B 184 5.33 -23.15 -4.70
N LEU B 185 6.10 -23.96 -5.45
CA LEU B 185 5.79 -24.29 -6.82
C LEU B 185 4.64 -25.29 -6.84
N PRO B 186 4.04 -25.54 -8.03
CA PRO B 186 2.79 -26.31 -8.10
C PRO B 186 2.79 -27.76 -7.63
N GLN B 187 3.97 -28.40 -7.53
CA GLN B 187 4.04 -29.76 -7.01
C GLN B 187 4.57 -29.78 -5.58
N GLY B 188 4.72 -28.60 -4.96
CA GLY B 188 4.95 -28.53 -3.53
C GLY B 188 6.39 -28.14 -3.18
N GLU B 189 7.29 -28.15 -4.18
CA GLU B 189 8.65 -27.66 -4.01
C GLU B 189 8.57 -26.22 -3.52
N VAL B 190 9.63 -25.76 -2.85
CA VAL B 190 9.71 -24.39 -2.39
C VAL B 190 11.00 -23.79 -2.94
N MET B 191 10.95 -22.48 -3.24
CA MET B 191 12.04 -21.82 -3.93
C MET B 191 12.11 -20.36 -3.51
N ARG B 192 13.31 -19.80 -3.59
CA ARG B 192 13.55 -18.39 -3.35
C ARG B 192 14.27 -17.79 -4.55
N THR B 193 13.91 -16.54 -4.87
CA THR B 193 14.44 -15.85 -6.03
C THR B 193 15.53 -14.88 -5.60
N GLY B 194 16.38 -14.50 -6.55
CA GLY B 194 17.37 -13.47 -6.33
C GLY B 194 18.42 -13.92 -5.32
N MET B 195 18.85 -12.99 -4.49
CA MET B 195 19.91 -13.24 -3.53
C MET B 195 19.36 -14.07 -2.36
N GLY B 196 18.03 -14.22 -2.29
CA GLY B 196 17.42 -15.17 -1.38
C GLY B 196 17.83 -16.62 -1.66
N ALA B 197 18.27 -16.90 -2.88
CA ALA B 197 18.64 -18.24 -3.27
C ALA B 197 20.05 -18.58 -2.82
N LEU B 198 20.79 -17.57 -2.34
CA LEU B 198 22.14 -17.75 -1.85
C LEU B 198 22.15 -17.75 -0.33
N PRO B 199 22.44 -18.88 0.35
CA PRO B 199 22.29 -18.95 1.80
C PRO B 199 23.28 -17.95 2.39
N GLY B 200 22.81 -17.15 3.36
CA GLY B 200 23.67 -16.22 4.07
C GLY B 200 23.52 -14.78 3.57
N SER B 201 23.03 -14.60 2.35
CA SER B 201 23.00 -13.29 1.73
C SER B 201 22.03 -12.38 2.47
N ASP B 202 22.47 -11.13 2.68
CA ASP B 202 21.65 -10.08 3.23
C ASP B 202 20.96 -9.28 2.13
N ALA B 203 21.16 -9.65 0.86
CA ALA B 203 20.79 -8.79 -0.24
C ALA B 203 19.46 -9.19 -0.88
N TRP B 204 18.72 -10.11 -0.24
CA TRP B 204 17.46 -10.61 -0.77
C TRP B 204 16.51 -9.49 -1.15
N GLN B 205 16.47 -8.43 -0.32
CA GLN B 205 15.61 -7.29 -0.57
C GLN B 205 16.42 -6.08 -1.03
N LEU B 206 17.63 -6.31 -1.53
CA LEU B 206 18.52 -5.21 -1.90
C LEU B 206 18.81 -5.23 -3.40
N PHE B 207 18.78 -6.43 -3.99
CA PHE B 207 19.08 -6.65 -5.39
C PHE B 207 18.08 -7.67 -5.93
N PRO B 208 17.20 -7.28 -6.89
CA PRO B 208 16.14 -8.19 -7.35
C PRO B 208 16.56 -9.38 -8.21
N TYR B 209 17.65 -9.23 -8.98
CA TYR B 209 17.89 -10.06 -10.16
C TYR B 209 18.65 -11.34 -9.83
N GLY B 210 19.46 -11.36 -8.78
CA GLY B 210 20.24 -12.55 -8.49
C GLY B 210 21.10 -12.97 -9.69
N PHE B 211 21.08 -14.27 -10.03
CA PHE B 211 21.98 -14.81 -11.04
C PHE B 211 21.25 -15.80 -11.94
N GLY B 212 21.55 -15.76 -13.24
CA GLY B 212 20.84 -16.54 -14.25
C GLY B 212 19.50 -15.88 -14.58
N PRO B 213 18.55 -16.61 -15.21
CA PRO B 213 17.26 -16.03 -15.57
C PRO B 213 16.54 -15.39 -14.39
N PHE B 214 15.94 -14.23 -14.64
CA PHE B 214 15.21 -13.47 -13.62
C PHE B 214 13.74 -13.87 -13.66
N PRO B 215 13.26 -14.70 -12.71
CA PRO B 215 11.90 -15.25 -12.77
C PRO B 215 10.73 -14.57 -12.07
N ASP B 216 11.00 -13.58 -11.23
CA ASP B 216 9.95 -13.07 -10.35
C ASP B 216 8.71 -12.68 -11.16
N GLY B 217 8.91 -11.92 -12.25
CA GLY B 217 7.81 -11.49 -13.10
C GLY B 217 6.82 -12.60 -13.41
N MET B 218 7.34 -13.82 -13.59
CA MET B 218 6.50 -14.95 -13.96
C MET B 218 5.56 -15.34 -12.83
N PHE B 219 5.73 -14.77 -11.62
CA PHE B 219 4.81 -15.07 -10.54
C PHE B 219 3.80 -13.94 -10.32
N THR B 220 3.75 -12.97 -11.25
CA THR B 220 2.76 -11.91 -11.19
C THR B 220 1.68 -12.19 -12.24
N GLN B 221 0.41 -11.95 -11.90
CA GLN B 221 -0.71 -12.31 -12.75
C GLN B 221 -0.53 -13.76 -13.19
N SER B 222 -0.24 -14.64 -12.23
CA SER B 222 0.31 -15.94 -12.55
C SER B 222 -0.38 -17.03 -11.73
N ASN B 223 -0.23 -18.26 -12.22
CA ASN B 223 -0.74 -19.44 -11.56
C ASN B 223 0.40 -20.44 -11.47
N LEU B 224 1.62 -19.94 -11.25
CA LEU B 224 2.79 -20.82 -11.26
C LEU B 224 3.27 -21.12 -9.85
N GLY B 225 2.58 -20.61 -8.83
CA GLY B 225 2.88 -21.00 -7.46
C GLY B 225 2.08 -20.23 -6.42
N ILE B 226 2.46 -20.41 -5.16
CA ILE B 226 1.88 -19.66 -4.06
C ILE B 226 3.01 -18.94 -3.33
N VAL B 227 2.98 -17.61 -3.35
CA VAL B 227 3.99 -16.80 -2.71
C VAL B 227 3.71 -16.79 -1.21
N THR B 228 4.77 -17.06 -0.41
CA THR B 228 4.65 -17.18 1.04
C THR B 228 5.39 -16.04 1.73
N LYS B 229 6.33 -15.42 1.00
CA LYS B 229 7.05 -14.25 1.48
C LYS B 229 7.46 -13.43 0.28
N MET B 230 7.47 -12.10 0.44
CA MET B 230 7.83 -11.20 -0.65
C MET B 230 8.40 -9.92 -0.08
N GLY B 231 9.46 -9.40 -0.68
CA GLY B 231 10.05 -8.15 -0.25
C GLY B 231 9.60 -7.01 -1.16
N ILE B 232 9.67 -5.78 -0.63
CA ILE B 232 9.32 -4.56 -1.32
C ILE B 232 10.21 -3.44 -0.78
N ALA B 233 10.74 -2.60 -1.67
CA ALA B 233 11.46 -1.43 -1.24
C ALA B 233 10.46 -0.37 -0.78
N LEU B 234 10.89 0.46 0.16
CA LEU B 234 10.08 1.53 0.68
C LEU B 234 10.88 2.82 0.58
N MET B 235 10.26 3.81 -0.07
CA MET B 235 10.88 5.11 -0.22
C MET B 235 10.94 5.81 1.13
N GLN B 236 11.93 6.70 1.28
CA GLN B 236 12.08 7.52 2.46
C GLN B 236 11.06 8.66 2.46
N ARG B 237 10.39 8.86 3.60
CA ARG B 237 9.48 9.96 3.83
C ARG B 237 10.23 11.26 3.54
N PRO B 238 9.70 12.14 2.66
CA PRO B 238 10.38 13.40 2.36
C PRO B 238 10.31 14.41 3.50
N PRO B 239 11.09 15.50 3.44
CA PRO B 239 11.02 16.56 4.44
C PRO B 239 9.63 17.19 4.52
N ALA B 240 8.97 17.33 3.37
CA ALA B 240 7.64 17.95 3.31
C ALA B 240 7.01 17.70 1.94
N SER B 241 5.71 17.98 1.83
CA SER B 241 4.94 17.65 0.65
C SER B 241 3.77 18.61 0.46
N GLN B 242 3.36 18.77 -0.80
CA GLN B 242 2.26 19.63 -1.14
C GLN B 242 1.49 18.94 -2.27
N SER B 243 0.19 18.73 -2.07
CA SER B 243 -0.69 18.22 -3.12
C SER B 243 -1.42 19.40 -3.75
N PHE B 244 -1.96 19.20 -4.96
CA PHE B 244 -2.60 20.30 -5.67
C PHE B 244 -3.56 19.79 -6.73
N LEU B 245 -4.55 20.64 -7.02
CA LEU B 245 -5.56 20.40 -8.03
C LEU B 245 -5.40 21.43 -9.14
N ILE B 246 -5.75 21.03 -10.36
CA ILE B 246 -5.86 21.94 -11.48
C ILE B 246 -7.16 21.61 -12.22
N THR B 247 -8.11 22.56 -12.16
CA THR B 247 -9.40 22.41 -12.79
C THR B 247 -9.34 22.96 -14.20
N PHE B 248 -9.85 22.18 -15.16
CA PHE B 248 -9.90 22.59 -16.55
C PHE B 248 -11.36 22.53 -16.99
N ASP B 249 -11.87 23.63 -17.53
CA ASP B 249 -13.31 23.74 -17.73
C ASP B 249 -13.73 22.86 -18.91
N LYS B 250 -13.05 23.01 -20.06
CA LYS B 250 -13.52 22.43 -21.31
C LYS B 250 -13.17 20.93 -21.37
N GLU B 251 -14.12 20.12 -21.85
CA GLU B 251 -13.85 18.70 -22.02
C GLU B 251 -12.80 18.51 -23.11
N GLU B 252 -12.54 19.54 -23.92
CA GLU B 252 -11.56 19.46 -24.98
C GLU B 252 -10.16 19.84 -24.46
N ASP B 253 -10.08 20.28 -23.20
CA ASP B 253 -8.80 20.64 -22.61
C ASP B 253 -7.87 19.42 -22.49
N LEU B 254 -8.44 18.20 -22.49
CA LEU B 254 -7.71 16.93 -22.42
C LEU B 254 -6.45 16.97 -23.28
N GLU B 255 -6.61 17.35 -24.56
CA GLU B 255 -5.56 17.25 -25.55
C GLU B 255 -4.31 17.97 -25.06
N GLN B 256 -4.48 19.25 -24.69
CA GLN B 256 -3.34 20.08 -24.31
C GLN B 256 -2.85 19.71 -22.90
N ILE B 257 -3.74 19.16 -22.05
CA ILE B 257 -3.36 18.75 -20.70
C ILE B 257 -2.33 17.63 -20.79
N VAL B 258 -2.67 16.58 -21.56
CA VAL B 258 -1.80 15.44 -21.77
C VAL B 258 -0.47 15.94 -22.34
N ASP B 259 -0.53 16.66 -23.46
CA ASP B 259 0.67 17.05 -24.18
C ASP B 259 1.57 17.94 -23.33
N ILE B 260 1.03 18.53 -22.25
CA ILE B 260 1.82 19.36 -21.36
C ILE B 260 2.33 18.53 -20.17
N MET B 261 1.56 17.54 -19.74
CA MET B 261 1.92 16.72 -18.58
C MET B 261 3.14 15.86 -18.94
N LEU B 262 3.17 15.28 -20.15
CA LEU B 262 4.19 14.34 -20.52
C LEU B 262 5.58 14.92 -20.24
N PRO B 263 5.99 16.05 -20.87
CA PRO B 263 7.35 16.56 -20.69
C PRO B 263 7.65 17.09 -19.29
N LEU B 264 6.62 17.23 -18.44
CA LEU B 264 6.83 17.57 -17.04
C LEU B 264 7.10 16.32 -16.21
N ARG B 265 6.65 15.16 -16.72
CA ARG B 265 6.72 13.90 -15.99
C ARG B 265 7.96 13.08 -16.37
N ILE B 266 8.28 13.01 -17.67
CA ILE B 266 9.20 12.00 -18.19
C ILE B 266 10.54 12.01 -17.46
N ASN B 267 10.96 13.16 -16.90
CA ASN B 267 12.20 13.23 -16.15
C ASN B 267 11.93 13.25 -14.64
N MET B 268 10.80 12.65 -14.23
CA MET B 268 10.42 12.46 -12.84
C MET B 268 10.46 13.77 -12.06
N ALA B 269 10.50 14.89 -12.80
CA ALA B 269 10.40 16.22 -12.24
C ALA B 269 10.06 17.20 -13.37
N PRO B 270 9.25 18.25 -13.10
CA PRO B 270 8.76 18.55 -11.75
C PRO B 270 7.56 17.75 -11.23
N LEU B 271 6.92 16.95 -12.11
CA LEU B 271 5.88 16.02 -11.68
C LEU B 271 6.51 14.74 -11.12
N GLN B 272 6.64 14.68 -9.79
CA GLN B 272 7.46 13.69 -9.14
C GLN B 272 6.65 12.46 -8.76
N ASN B 273 5.33 12.68 -8.57
CA ASN B 273 4.37 11.59 -8.34
C ASN B 273 3.79 11.19 -9.69
N VAL B 274 2.90 10.20 -9.68
CA VAL B 274 2.17 9.80 -10.87
C VAL B 274 1.09 10.84 -11.15
N PRO B 275 1.17 11.62 -12.26
CA PRO B 275 0.09 12.54 -12.60
C PRO B 275 -1.19 11.76 -12.89
N VAL B 276 -2.27 12.16 -12.23
CA VAL B 276 -3.57 11.56 -12.40
C VAL B 276 -4.59 12.67 -12.70
N LEU B 277 -5.33 12.46 -13.79
CA LEU B 277 -6.30 13.42 -14.29
C LEU B 277 -7.65 12.72 -14.38
N GLN B 278 -8.65 13.22 -13.65
CA GLN B 278 -9.88 12.48 -13.61
C GLN B 278 -11.09 13.39 -13.69
N ASN B 279 -12.16 12.82 -14.27
CA ASN B 279 -13.24 13.63 -14.80
C ASN B 279 -14.20 13.95 -13.66
N ILE B 280 -15.22 14.76 -14.01
CA ILE B 280 -16.13 15.35 -13.05
C ILE B 280 -17.00 14.27 -12.41
N PHE B 281 -17.55 13.34 -13.22
CA PHE B 281 -18.39 12.25 -12.72
C PHE B 281 -17.67 11.50 -11.59
N MET B 282 -16.33 11.42 -11.68
CA MET B 282 -15.55 10.74 -10.67
C MET B 282 -15.65 11.45 -9.32
N HIS B 283 -15.76 12.79 -9.37
CA HIS B 283 -15.81 13.61 -8.16
C HIS B 283 -17.20 13.62 -7.55
N ALA B 284 -18.22 13.59 -8.41
CA ALA B 284 -19.59 13.53 -7.95
C ALA B 284 -19.82 12.27 -7.11
N ALA B 285 -19.41 11.11 -7.65
CA ALA B 285 -19.66 9.84 -6.99
C ALA B 285 -19.01 9.80 -5.61
N ALA B 286 -17.89 10.51 -5.46
CA ALA B 286 -17.13 10.55 -4.22
C ALA B 286 -17.97 11.06 -3.06
N VAL B 287 -18.85 12.02 -3.35
CA VAL B 287 -19.58 12.69 -2.28
C VAL B 287 -21.08 12.38 -2.37
N SER B 288 -21.64 12.45 -3.59
CA SER B 288 -23.09 12.44 -3.73
C SER B 288 -23.64 11.12 -4.30
N LYS B 289 -24.97 11.03 -4.33
CA LYS B 289 -25.70 9.97 -5.03
C LYS B 289 -26.10 10.50 -6.42
N ARG B 290 -26.43 9.60 -7.35
CA ARG B 290 -26.71 10.00 -8.72
C ARG B 290 -28.05 10.73 -8.78
N THR B 291 -29.03 10.27 -7.97
CA THR B 291 -30.36 10.87 -7.94
C THR B 291 -30.28 12.36 -7.65
N GLU B 292 -29.25 12.81 -6.92
CA GLU B 292 -29.06 14.22 -6.59
C GLU B 292 -28.95 15.09 -7.85
N TRP B 293 -28.34 14.58 -8.93
CA TRP B 293 -28.04 15.42 -10.08
C TRP B 293 -28.99 15.15 -11.26
N PHE B 294 -29.61 13.96 -11.28
CA PHE B 294 -30.50 13.56 -12.35
C PHE B 294 -31.14 12.23 -11.92
N ASP B 295 -32.43 12.05 -12.20
CA ASP B 295 -33.10 10.81 -11.79
C ASP B 295 -33.85 10.23 -12.98
N GLY B 296 -33.57 10.76 -14.18
CA GLY B 296 -34.02 10.14 -15.41
C GLY B 296 -33.25 8.85 -15.67
N ASP B 297 -33.92 7.93 -16.36
CA ASP B 297 -33.28 6.75 -16.91
C ASP B 297 -32.41 7.18 -18.09
N GLY B 298 -31.17 6.66 -18.11
CA GLY B 298 -30.25 6.89 -19.21
C GLY B 298 -29.22 7.98 -18.90
N PRO B 299 -28.45 8.41 -19.93
CA PRO B 299 -27.30 9.29 -19.72
C PRO B 299 -27.68 10.60 -19.06
N MET B 300 -26.65 11.30 -18.55
CA MET B 300 -26.82 12.60 -17.95
C MET B 300 -26.84 13.67 -19.04
N PRO B 301 -27.75 14.68 -18.94
CA PRO B 301 -27.72 15.81 -19.87
C PRO B 301 -26.62 16.79 -19.47
N ALA B 302 -26.26 17.66 -20.41
CA ALA B 302 -25.17 18.61 -20.24
C ALA B 302 -25.46 19.59 -19.10
N GLU B 303 -26.75 19.86 -18.82
CA GLU B 303 -27.14 20.80 -17.77
C GLU B 303 -26.76 20.23 -16.40
N ALA B 304 -26.93 18.92 -16.23
CA ALA B 304 -26.54 18.22 -15.01
C ALA B 304 -25.04 18.38 -14.78
N ILE B 305 -24.27 18.09 -15.84
CA ILE B 305 -22.81 18.16 -15.83
C ILE B 305 -22.37 19.54 -15.36
N GLU B 306 -23.02 20.60 -15.88
CA GLU B 306 -22.68 21.98 -15.56
C GLU B 306 -23.08 22.31 -14.12
N ARG B 307 -24.18 21.70 -13.65
CA ARG B 307 -24.61 21.89 -12.27
C ARG B 307 -23.57 21.27 -11.34
N MET B 308 -23.06 20.10 -11.74
CA MET B 308 -22.05 19.38 -10.97
C MET B 308 -20.78 20.23 -10.89
N LYS B 309 -20.36 20.76 -12.05
CA LYS B 309 -19.19 21.62 -12.13
C LYS B 309 -19.37 22.82 -11.21
N LYS B 310 -20.50 23.54 -11.33
CA LYS B 310 -20.69 24.80 -10.62
C LYS B 310 -20.83 24.56 -9.13
N ASP B 311 -21.60 23.52 -8.74
CA ASP B 311 -21.89 23.25 -7.34
C ASP B 311 -20.60 22.85 -6.60
N LEU B 312 -19.86 21.89 -7.16
CA LEU B 312 -18.64 21.38 -6.54
C LEU B 312 -17.47 22.30 -6.86
N ASP B 313 -17.60 23.16 -7.87
CA ASP B 313 -16.58 24.11 -8.26
C ASP B 313 -15.38 23.36 -8.83
N LEU B 314 -15.60 22.64 -9.94
CA LEU B 314 -14.62 21.76 -10.55
C LEU B 314 -14.76 21.79 -12.07
N GLY B 315 -13.62 21.64 -12.77
CA GLY B 315 -13.59 21.48 -14.21
C GLY B 315 -14.14 20.11 -14.65
N PHE B 316 -14.26 19.88 -15.96
CA PHE B 316 -14.67 18.59 -16.48
C PHE B 316 -13.55 17.57 -16.26
N TRP B 317 -12.31 18.03 -16.43
CA TRP B 317 -11.12 17.29 -16.04
C TRP B 317 -10.48 17.97 -14.84
N ASN B 318 -9.96 17.16 -13.91
CA ASN B 318 -9.34 17.68 -12.71
C ASN B 318 -8.04 16.91 -12.47
N PHE B 319 -6.94 17.66 -12.36
CA PHE B 319 -5.63 17.06 -12.28
C PHE B 319 -5.13 17.10 -10.84
N TYR B 320 -4.51 16.01 -10.39
CA TYR B 320 -4.00 15.90 -9.04
C TYR B 320 -2.53 15.49 -9.11
N GLY B 321 -1.67 16.34 -8.56
CA GLY B 321 -0.25 16.06 -8.43
C GLY B 321 0.18 16.26 -6.99
N THR B 322 1.38 15.78 -6.66
CA THR B 322 1.97 16.03 -5.37
C THR B 322 3.47 16.26 -5.57
N LEU B 323 4.04 17.14 -4.75
CA LEU B 323 5.45 17.48 -4.82
C LEU B 323 6.10 17.14 -3.48
N TYR B 324 7.36 16.70 -3.56
CA TYR B 324 8.08 16.26 -2.38
C TYR B 324 9.43 16.95 -2.34
N GLY B 325 9.88 17.34 -1.14
CA GLY B 325 11.23 17.84 -0.95
C GLY B 325 11.27 18.96 0.09
N PRO B 326 12.42 19.66 0.24
CA PRO B 326 12.48 20.89 1.04
C PRO B 326 11.62 21.96 0.38
N PRO B 327 10.94 22.85 1.16
CA PRO B 327 10.06 23.89 0.59
C PRO B 327 10.58 24.74 -0.58
N PRO B 328 11.89 25.10 -0.65
CA PRO B 328 12.44 25.72 -1.87
C PRO B 328 12.13 24.94 -3.16
N LEU B 329 12.47 23.65 -3.16
CA LEU B 329 12.30 22.77 -4.32
C LEU B 329 10.81 22.64 -4.67
N ILE B 330 9.96 22.57 -3.63
CA ILE B 330 8.53 22.48 -3.81
C ILE B 330 8.02 23.73 -4.53
N GLU B 331 8.45 24.91 -4.05
CA GLU B 331 8.05 26.17 -4.64
C GLU B 331 8.58 26.24 -6.08
N MET B 332 9.87 25.91 -6.26
CA MET B 332 10.53 25.99 -7.56
C MET B 332 9.78 25.14 -8.58
N TYR B 333 9.32 23.95 -8.16
CA TYR B 333 8.64 23.02 -9.05
C TYR B 333 7.19 23.43 -9.24
N TYR B 334 6.53 23.89 -8.17
CA TYR B 334 5.14 24.28 -8.27
C TYR B 334 5.00 25.43 -9.26
N GLY B 335 5.98 26.35 -9.24
CA GLY B 335 6.06 27.44 -10.19
C GLY B 335 6.14 26.92 -11.63
N MET B 336 7.09 26.02 -11.86
CA MET B 336 7.29 25.45 -13.19
C MET B 336 5.98 24.84 -13.70
N ILE B 337 5.23 24.22 -12.78
CA ILE B 337 3.98 23.54 -13.10
C ILE B 337 2.88 24.57 -13.39
N LYS B 338 2.88 25.68 -12.64
CA LYS B 338 1.89 26.73 -12.84
C LYS B 338 2.13 27.41 -14.19
N GLU B 339 3.40 27.72 -14.47
CA GLU B 339 3.78 28.37 -15.73
C GLU B 339 3.38 27.45 -16.89
N ALA B 340 3.46 26.12 -16.67
CA ALA B 340 3.31 25.14 -17.73
C ALA B 340 1.84 24.95 -18.10
N PHE B 341 1.01 24.66 -17.10
CA PHE B 341 -0.41 24.42 -17.32
C PHE B 341 -1.15 25.75 -17.41
N GLY B 342 -0.51 26.83 -16.92
CA GLY B 342 -1.06 28.17 -17.00
C GLY B 342 -1.36 28.59 -18.44
N LYS B 343 -0.73 27.94 -19.43
CA LYS B 343 -0.94 28.27 -20.82
C LYS B 343 -2.27 27.71 -21.35
N ILE B 344 -3.16 27.23 -20.47
CA ILE B 344 -4.46 26.77 -20.90
C ILE B 344 -5.54 27.69 -20.32
N PRO B 345 -6.33 28.35 -21.20
CA PRO B 345 -7.48 29.15 -20.77
C PRO B 345 -8.40 28.44 -19.78
N GLY B 346 -8.52 29.01 -18.58
CA GLY B 346 -9.54 28.60 -17.63
C GLY B 346 -9.01 27.57 -16.63
N ALA B 347 -7.69 27.62 -16.43
CA ALA B 347 -7.00 26.69 -15.58
C ALA B 347 -6.81 27.33 -14.20
N ARG B 348 -7.59 26.92 -13.21
CA ARG B 348 -7.39 27.38 -11.85
C ARG B 348 -6.57 26.36 -11.07
N PHE B 349 -5.83 26.85 -10.05
CA PHE B 349 -4.90 26.06 -9.25
C PHE B 349 -5.26 26.19 -7.76
N PHE B 350 -5.23 25.07 -7.05
CA PHE B 350 -5.59 25.05 -5.64
C PHE B 350 -4.72 24.02 -4.92
N THR B 351 -4.17 24.42 -3.77
CA THR B 351 -3.46 23.49 -2.91
C THR B 351 -4.44 22.80 -1.96
N HIS B 352 -3.92 21.88 -1.13
CA HIS B 352 -4.72 21.12 -0.18
C HIS B 352 -5.13 22.00 1.01
N GLU B 353 -4.55 23.20 1.10
CA GLU B 353 -4.96 24.20 2.08
C GLU B 353 -6.17 24.98 1.58
N GLU B 354 -6.19 25.30 0.28
CA GLU B 354 -7.09 26.31 -0.26
C GLU B 354 -8.51 25.78 -0.47
N ARG B 355 -8.76 24.47 -0.27
CA ARG B 355 -10.08 23.93 -0.53
C ARG B 355 -10.40 22.80 0.43
N ASP B 356 -11.41 23.02 1.27
CA ASP B 356 -12.05 21.95 2.01
C ASP B 356 -13.56 22.04 1.82
N ASP B 357 -13.99 22.64 0.71
CA ASP B 357 -15.37 22.56 0.26
C ASP B 357 -15.66 21.11 -0.15
N ARG B 358 -16.84 20.87 -0.74
CA ARG B 358 -17.30 19.51 -1.00
C ARG B 358 -16.72 18.97 -2.31
N GLY B 359 -16.26 19.87 -3.19
CA GLY B 359 -15.57 19.47 -4.41
C GLY B 359 -14.11 19.11 -4.15
N GLY B 360 -13.55 19.65 -3.07
CA GLY B 360 -12.17 19.43 -2.69
C GLY B 360 -12.02 18.16 -1.83
N HIS B 361 -13.08 17.35 -1.74
CA HIS B 361 -13.04 16.06 -1.05
C HIS B 361 -11.96 15.18 -1.69
N VAL B 362 -12.01 15.07 -3.02
CA VAL B 362 -11.07 14.24 -3.75
C VAL B 362 -9.65 14.72 -3.52
N LEU B 363 -9.42 16.03 -3.64
CA LEU B 363 -8.11 16.61 -3.38
C LEU B 363 -7.59 16.20 -2.00
N GLN B 364 -8.46 16.17 -0.98
CA GLN B 364 -8.05 15.76 0.36
C GLN B 364 -7.64 14.29 0.34
N ASP B 365 -8.37 13.48 -0.45
CA ASP B 365 -8.15 12.04 -0.52
C ASP B 365 -6.85 11.74 -1.26
N ARG B 366 -6.60 12.43 -2.38
CA ARG B 366 -5.40 12.17 -3.16
C ARG B 366 -4.17 12.71 -2.43
N HIS B 367 -4.35 13.71 -1.55
CA HIS B 367 -3.28 14.15 -0.68
C HIS B 367 -2.84 13.01 0.25
N LYS B 368 -3.81 12.23 0.75
CA LYS B 368 -3.50 11.08 1.59
C LYS B 368 -2.78 9.99 0.78
N ILE B 369 -3.37 9.63 -0.36
CA ILE B 369 -2.91 8.51 -1.17
C ILE B 369 -1.51 8.80 -1.69
N ASN B 370 -1.30 10.03 -2.19
CA ASN B 370 -0.04 10.39 -2.83
C ASN B 370 1.04 10.54 -1.77
N ASN B 371 0.71 10.28 -0.49
CA ASN B 371 1.66 10.38 0.60
C ASN B 371 1.78 9.07 1.37
N GLY B 372 1.20 7.98 0.82
CA GLY B 372 1.33 6.67 1.45
C GLY B 372 0.49 6.51 2.71
N ILE B 373 -0.69 7.11 2.66
CA ILE B 373 -1.67 7.02 3.74
C ILE B 373 -2.89 6.25 3.21
N PRO B 374 -3.04 4.96 3.57
CA PRO B 374 -4.15 4.16 3.05
C PRO B 374 -5.50 4.77 3.44
N SER B 375 -6.44 4.84 2.49
CA SER B 375 -7.80 5.24 2.79
C SER B 375 -8.79 4.15 2.38
N LEU B 376 -10.07 4.37 2.73
CA LEU B 376 -11.18 3.63 2.18
C LEU B 376 -12.19 4.61 1.61
N ASP B 377 -11.72 5.81 1.24
CA ASP B 377 -12.61 6.88 0.84
C ASP B 377 -13.35 6.48 -0.43
N ASP B 378 -12.73 5.64 -1.27
CA ASP B 378 -13.26 5.37 -2.59
C ASP B 378 -14.40 4.35 -2.52
N LEU B 379 -14.71 3.83 -1.33
CA LEU B 379 -15.90 2.98 -1.17
C LEU B 379 -17.18 3.80 -1.33
N GLN B 380 -17.06 5.10 -1.01
CA GLN B 380 -18.18 6.03 -1.10
C GLN B 380 -18.63 6.17 -2.55
N LEU B 381 -17.77 5.78 -3.50
CA LEU B 381 -18.14 5.83 -4.91
C LEU B 381 -19.22 4.77 -5.19
N LEU B 382 -19.43 3.80 -4.28
CA LEU B 382 -20.46 2.78 -4.50
C LEU B 382 -21.85 3.27 -4.13
N ASP B 383 -21.97 4.46 -3.52
CA ASP B 383 -23.26 5.03 -3.15
C ASP B 383 -23.82 5.88 -4.28
N TRP B 384 -23.09 5.99 -5.40
CA TRP B 384 -23.56 6.66 -6.61
C TRP B 384 -24.91 6.08 -7.05
N VAL B 385 -25.02 4.74 -7.01
CA VAL B 385 -26.28 4.06 -7.27
C VAL B 385 -26.50 3.04 -6.17
N PRO B 386 -27.72 2.50 -5.98
CA PRO B 386 -27.96 1.53 -4.91
C PRO B 386 -27.34 0.18 -5.24
N ASN B 387 -26.91 -0.53 -4.18
CA ASN B 387 -26.28 -1.84 -4.32
C ASN B 387 -25.05 -1.72 -5.21
N GLY B 388 -24.42 -0.55 -5.20
CA GLY B 388 -23.35 -0.21 -6.12
C GLY B 388 -22.20 -1.22 -6.03
N GLY B 389 -21.73 -1.66 -7.21
CA GLY B 389 -20.49 -2.39 -7.35
C GLY B 389 -19.77 -1.91 -8.61
N HIS B 390 -18.58 -2.43 -8.91
CA HIS B 390 -17.81 -1.86 -9.99
C HIS B 390 -16.97 -2.90 -10.73
N ILE B 391 -16.68 -2.56 -11.99
CA ILE B 391 -15.77 -3.32 -12.84
C ILE B 391 -14.78 -2.32 -13.45
N GLY B 392 -13.52 -2.75 -13.55
CA GLY B 392 -12.45 -1.91 -14.07
C GLY B 392 -12.14 -2.22 -15.53
N PHE B 393 -11.71 -1.20 -16.25
CA PHE B 393 -11.25 -1.36 -17.62
C PHE B 393 -10.17 -0.33 -17.87
N VAL B 394 -8.93 -0.76 -18.17
CA VAL B 394 -7.83 0.19 -18.19
C VAL B 394 -6.92 -0.08 -19.39
N PRO B 395 -7.25 0.43 -20.59
CA PRO B 395 -6.35 0.30 -21.74
C PRO B 395 -5.09 1.14 -21.62
N VAL B 396 -4.04 0.73 -22.36
CA VAL B 396 -2.73 1.34 -22.30
C VAL B 396 -2.36 1.84 -23.69
N SER B 397 -1.71 3.02 -23.74
CA SER B 397 -1.45 3.74 -24.97
C SER B 397 -0.30 4.71 -24.76
N ALA B 398 0.11 5.36 -25.86
CA ALA B 398 1.12 6.40 -25.78
C ALA B 398 0.52 7.63 -25.14
N PRO B 399 1.29 8.43 -24.36
CA PRO B 399 0.77 9.64 -23.73
C PRO B 399 0.76 10.81 -24.70
N ASP B 400 -0.26 10.84 -25.56
CA ASP B 400 -0.44 11.83 -26.61
C ASP B 400 -1.89 12.33 -26.57
N GLY B 401 -2.06 13.65 -26.68
CA GLY B 401 -3.36 14.30 -26.54
C GLY B 401 -4.39 13.76 -27.53
N ARG B 402 -4.04 13.74 -28.83
CA ARG B 402 -4.92 13.24 -29.88
C ARG B 402 -5.36 11.82 -29.55
N GLU B 403 -4.41 11.02 -29.06
CA GLU B 403 -4.64 9.62 -28.74
C GLU B 403 -5.59 9.55 -27.56
N ALA B 404 -5.41 10.45 -26.59
CA ALA B 404 -6.28 10.54 -25.42
C ALA B 404 -7.68 10.92 -25.86
N MET B 405 -7.77 11.92 -26.73
CA MET B 405 -9.05 12.45 -27.16
C MET B 405 -9.83 11.36 -27.89
N LYS B 406 -9.10 10.54 -28.65
CA LYS B 406 -9.68 9.46 -29.43
C LYS B 406 -10.27 8.41 -28.50
N GLN B 407 -9.56 8.13 -27.39
CA GLN B 407 -10.00 7.17 -26.39
C GLN B 407 -11.23 7.69 -25.65
N PHE B 408 -11.19 8.96 -25.23
CA PHE B 408 -12.30 9.62 -24.57
C PHE B 408 -13.58 9.46 -25.39
N GLU B 409 -13.52 9.85 -26.67
CA GLU B 409 -14.67 9.76 -27.56
C GLU B 409 -15.11 8.31 -27.70
N MET B 410 -14.13 7.43 -27.98
CA MET B 410 -14.38 6.02 -28.21
C MET B 410 -15.17 5.39 -27.08
N VAL B 411 -14.69 5.59 -25.84
CA VAL B 411 -15.26 4.94 -24.67
C VAL B 411 -16.59 5.60 -24.29
N ARG B 412 -16.58 6.93 -24.06
CA ARG B 412 -17.79 7.63 -23.66
C ARG B 412 -18.94 7.30 -24.61
N ASN B 413 -18.65 7.29 -25.91
CA ASN B 413 -19.62 6.90 -26.93
C ASN B 413 -20.27 5.56 -26.55
N ARG B 414 -19.48 4.49 -26.52
CA ARG B 414 -20.01 3.14 -26.30
C ARG B 414 -20.59 2.99 -24.90
N ALA B 415 -20.16 3.85 -23.96
CA ALA B 415 -20.65 3.82 -22.59
C ALA B 415 -22.09 4.32 -22.53
N ASN B 416 -22.38 5.37 -23.30
CA ASN B 416 -23.69 5.99 -23.29
C ASN B 416 -24.69 5.08 -24.02
N GLU B 417 -24.21 4.33 -25.03
CA GLU B 417 -25.03 3.34 -25.72
C GLU B 417 -25.55 2.31 -24.71
N TYR B 418 -24.78 2.05 -23.64
CA TYR B 418 -25.19 1.07 -22.64
C TYR B 418 -25.75 1.77 -21.40
N ASN B 419 -26.07 3.07 -21.52
CA ASN B 419 -26.78 3.83 -20.50
C ASN B 419 -25.95 3.93 -19.22
N LYS B 420 -24.62 4.01 -19.38
CA LYS B 420 -23.73 4.05 -18.22
C LYS B 420 -22.90 5.32 -18.28
N ASP B 421 -22.38 5.70 -17.12
CA ASP B 421 -21.68 6.98 -16.96
C ASP B 421 -20.20 6.78 -17.23
N TYR B 422 -19.62 7.79 -17.90
CA TYR B 422 -18.19 7.85 -18.17
C TYR B 422 -17.46 8.37 -16.93
N MET B 423 -17.26 7.47 -15.96
CA MET B 423 -16.38 7.71 -14.83
C MET B 423 -14.98 7.29 -15.27
N ALA B 424 -14.19 8.24 -15.77
CA ALA B 424 -12.90 7.90 -16.35
C ALA B 424 -11.81 8.85 -15.87
N GLY B 425 -10.56 8.36 -15.99
CA GLY B 425 -9.38 9.19 -15.78
C GLY B 425 -8.28 8.81 -16.76
N PHE B 426 -7.29 9.69 -16.88
CA PHE B 426 -6.04 9.39 -17.54
C PHE B 426 -4.93 9.54 -16.50
N THR B 427 -4.02 8.57 -16.40
CA THR B 427 -2.81 8.77 -15.61
C THR B 427 -1.62 8.37 -16.47
N ILE B 428 -0.42 8.73 -16.01
CA ILE B 428 0.80 8.50 -16.76
C ILE B 428 1.88 8.00 -15.82
N GLY B 429 2.52 6.90 -16.21
CA GLY B 429 3.63 6.37 -15.43
C GLY B 429 4.90 7.15 -15.68
N LEU B 430 5.62 6.78 -16.75
CA LEU B 430 6.75 7.55 -17.24
C LEU B 430 6.52 7.89 -18.71
N ARG B 431 6.36 6.83 -19.52
CA ARG B 431 6.23 6.94 -20.96
C ARG B 431 5.02 6.16 -21.46
N GLU B 432 3.98 6.05 -20.64
CA GLU B 432 2.86 5.14 -20.86
C GLU B 432 1.59 5.85 -20.42
N MET B 433 0.44 5.54 -21.05
CA MET B 433 -0.78 6.20 -20.64
C MET B 433 -1.86 5.17 -20.33
N TYR B 434 -2.50 5.36 -19.18
CA TYR B 434 -3.60 4.54 -18.74
C TYR B 434 -4.89 5.32 -18.93
N HIS B 435 -5.92 4.62 -19.44
CA HIS B 435 -7.26 5.19 -19.51
C HIS B 435 -8.11 4.50 -18.46
N VAL B 436 -8.06 5.04 -17.23
CA VAL B 436 -8.65 4.38 -16.07
C VAL B 436 -10.15 4.64 -16.06
N CYS B 437 -10.91 3.69 -16.64
CA CYS B 437 -12.36 3.75 -16.67
C CYS B 437 -12.91 2.83 -15.56
N LEU B 438 -13.87 3.38 -14.80
CA LEU B 438 -14.55 2.66 -13.73
C LEU B 438 -16.05 2.75 -14.00
N PHE B 439 -16.75 1.62 -13.89
CA PHE B 439 -18.18 1.59 -14.21
C PHE B 439 -18.93 1.02 -13.02
N ILE B 440 -19.90 1.79 -12.51
CA ILE B 440 -20.61 1.44 -11.29
C ILE B 440 -22.03 1.02 -11.67
N TYR B 441 -22.58 0.03 -10.96
CA TYR B 441 -23.76 -0.67 -11.42
C TYR B 441 -24.46 -1.35 -10.25
N ASP B 442 -25.76 -1.61 -10.44
CA ASP B 442 -26.58 -2.26 -9.44
C ASP B 442 -26.22 -3.75 -9.40
N THR B 443 -25.66 -4.21 -8.28
CA THR B 443 -25.18 -5.59 -8.19
C THR B 443 -26.32 -6.56 -7.91
N ALA B 444 -27.49 -6.05 -7.50
CA ALA B 444 -28.62 -6.89 -7.15
C ALA B 444 -29.57 -7.09 -8.34
N ASP B 445 -29.24 -6.49 -9.50
CA ASP B 445 -30.10 -6.48 -10.67
C ASP B 445 -29.45 -7.30 -11.78
N PRO B 446 -29.85 -8.58 -12.01
CA PRO B 446 -29.26 -9.42 -13.06
C PRO B 446 -29.11 -8.81 -14.44
N GLU B 447 -30.04 -7.93 -14.85
CA GLU B 447 -29.93 -7.22 -16.12
C GLU B 447 -28.68 -6.33 -16.11
N ALA B 448 -28.56 -5.51 -15.06
CA ALA B 448 -27.47 -4.56 -14.96
C ALA B 448 -26.13 -5.28 -15.08
N ARG B 449 -26.03 -6.47 -14.46
CA ARG B 449 -24.80 -7.23 -14.44
C ARG B 449 -24.46 -7.72 -15.85
N GLU B 450 -25.46 -8.30 -16.53
CA GLU B 450 -25.28 -8.78 -17.88
C GLU B 450 -24.86 -7.62 -18.80
N GLU B 451 -25.45 -6.44 -18.59
CA GLU B 451 -25.19 -5.28 -19.44
C GLU B 451 -23.72 -4.88 -19.34
N ILE B 452 -23.24 -4.76 -18.10
CA ILE B 452 -21.87 -4.38 -17.81
C ILE B 452 -20.90 -5.35 -18.47
N LEU B 453 -21.14 -6.65 -18.28
CA LEU B 453 -20.27 -7.69 -18.81
C LEU B 453 -20.12 -7.49 -20.31
N GLN B 454 -21.25 -7.39 -21.01
CA GLN B 454 -21.23 -7.26 -22.46
C GLN B 454 -20.49 -5.98 -22.85
N MET B 455 -20.76 -4.90 -22.10
CA MET B 455 -20.22 -3.60 -22.44
C MET B 455 -18.70 -3.63 -22.44
N THR B 456 -18.12 -4.13 -21.35
CA THR B 456 -16.67 -4.17 -21.23
C THR B 456 -16.11 -5.04 -22.35
N LYS B 457 -16.69 -6.24 -22.56
CA LYS B 457 -16.24 -7.15 -23.62
C LYS B 457 -16.15 -6.41 -24.95
N VAL B 458 -17.08 -5.47 -25.16
CA VAL B 458 -17.10 -4.73 -26.41
C VAL B 458 -16.02 -3.64 -26.36
N LEU B 459 -15.93 -2.92 -25.23
CA LEU B 459 -14.91 -1.91 -25.04
C LEU B 459 -13.52 -2.50 -25.25
N VAL B 460 -13.32 -3.73 -24.76
CA VAL B 460 -12.06 -4.43 -24.85
C VAL B 460 -11.74 -4.74 -26.30
N ARG B 461 -12.69 -5.38 -27.00
CA ARG B 461 -12.54 -5.72 -28.41
C ARG B 461 -12.21 -4.46 -29.21
N GLU B 462 -12.97 -3.38 -28.95
CA GLU B 462 -12.85 -2.16 -29.74
C GLU B 462 -11.49 -1.51 -29.49
N ALA B 463 -11.13 -1.34 -28.21
CA ALA B 463 -9.84 -0.77 -27.82
C ALA B 463 -8.71 -1.53 -28.49
N ALA B 464 -8.77 -2.87 -28.42
CA ALA B 464 -7.73 -3.71 -29.00
C ALA B 464 -7.59 -3.43 -30.49
N GLU B 465 -8.71 -3.16 -31.16
CA GLU B 465 -8.70 -2.91 -32.60
C GLU B 465 -8.02 -1.58 -32.92
N ALA B 466 -8.01 -0.67 -31.94
CA ALA B 466 -7.33 0.63 -32.08
C ALA B 466 -5.91 0.59 -31.52
N GLY B 467 -5.46 -0.58 -31.02
CA GLY B 467 -4.09 -0.77 -30.58
C GLY B 467 -3.91 -0.61 -29.07
N TYR B 468 -4.99 -0.80 -28.31
CA TYR B 468 -4.98 -0.53 -26.88
C TYR B 468 -5.30 -1.81 -26.10
N GLY B 469 -4.33 -2.25 -25.29
CA GLY B 469 -4.49 -3.45 -24.49
C GLY B 469 -4.62 -3.13 -23.00
N GLU B 470 -5.29 -4.03 -22.26
CA GLU B 470 -5.56 -3.83 -20.85
C GLU B 470 -4.35 -4.32 -20.07
N TYR B 471 -4.03 -3.63 -18.97
CA TYR B 471 -2.84 -3.95 -18.18
C TYR B 471 -3.23 -5.01 -17.16
N ARG B 472 -4.54 -5.11 -16.90
CA ARG B 472 -5.11 -5.99 -15.90
C ARG B 472 -6.61 -6.06 -16.11
N THR B 473 -7.26 -7.21 -15.79
CA THR B 473 -8.69 -7.33 -15.99
C THR B 473 -9.38 -8.16 -14.90
N HIS B 474 -10.72 -8.14 -14.96
CA HIS B 474 -11.59 -8.87 -14.05
C HIS B 474 -11.51 -10.37 -14.36
N ASN B 475 -11.80 -11.17 -13.33
CA ASN B 475 -11.88 -12.61 -13.46
C ASN B 475 -12.62 -12.97 -14.74
N ALA B 476 -13.71 -12.25 -15.00
CA ALA B 476 -14.71 -12.64 -15.99
C ALA B 476 -14.21 -12.48 -17.42
N LEU B 477 -13.14 -11.69 -17.63
CA LEU B 477 -12.74 -11.32 -18.98
C LEU B 477 -11.31 -11.74 -19.26
N MET B 478 -10.80 -12.70 -18.47
CA MET B 478 -9.40 -13.08 -18.59
C MET B 478 -9.14 -13.68 -19.97
N ASP B 479 -10.03 -14.60 -20.37
CA ASP B 479 -9.87 -15.30 -21.65
C ASP B 479 -9.89 -14.29 -22.79
N ASP B 480 -10.85 -13.35 -22.71
CA ASP B 480 -11.07 -12.35 -23.73
C ASP B 480 -9.86 -11.45 -23.86
N VAL B 481 -9.35 -10.93 -22.72
CA VAL B 481 -8.24 -10.00 -22.75
C VAL B 481 -6.98 -10.69 -23.29
N MET B 482 -6.72 -11.93 -22.86
CA MET B 482 -5.52 -12.61 -23.33
C MET B 482 -5.61 -12.80 -24.85
N ALA B 483 -6.84 -12.94 -25.38
CA ALA B 483 -7.05 -13.08 -26.81
C ALA B 483 -6.64 -11.81 -27.56
N THR B 484 -6.61 -10.65 -26.91
CA THR B 484 -6.15 -9.44 -27.59
C THR B 484 -4.64 -9.43 -27.79
N PHE B 485 -3.88 -10.21 -27.00
CA PHE B 485 -2.41 -10.19 -27.09
C PHE B 485 -1.92 -11.32 -27.99
N ASN B 486 -2.43 -11.37 -29.22
CA ASN B 486 -2.38 -12.60 -30.01
C ASN B 486 -1.41 -12.50 -31.19
N TRP B 487 -0.48 -11.54 -31.18
CA TRP B 487 0.55 -11.44 -32.22
C TRP B 487 1.25 -12.77 -32.41
N GLY B 488 1.70 -13.03 -33.65
CA GLY B 488 2.33 -14.29 -34.01
C GLY B 488 1.37 -15.48 -33.84
N ASP B 489 0.07 -15.23 -34.02
CA ASP B 489 -0.96 -16.24 -33.91
C ASP B 489 -0.99 -16.79 -32.48
N GLY B 490 -1.13 -15.87 -31.50
CA GLY B 490 -1.25 -16.21 -30.10
C GLY B 490 0.00 -16.91 -29.56
N ALA B 491 1.18 -16.37 -29.94
CA ALA B 491 2.48 -16.90 -29.55
C ALA B 491 2.66 -16.82 -28.03
N LEU B 492 2.26 -15.67 -27.47
CA LEU B 492 2.47 -15.39 -26.06
C LEU B 492 1.75 -16.43 -25.20
N LEU B 493 0.49 -16.73 -25.51
CA LEU B 493 -0.28 -17.66 -24.70
C LEU B 493 0.30 -19.06 -24.82
N LYS B 494 0.80 -19.43 -26.01
CA LYS B 494 1.34 -20.77 -26.19
C LYS B 494 2.55 -20.98 -25.29
N PHE B 495 3.31 -19.90 -25.11
CA PHE B 495 4.48 -19.89 -24.27
C PHE B 495 4.08 -20.11 -22.81
N HIS B 496 3.10 -19.32 -22.38
CA HIS B 496 2.59 -19.41 -21.02
C HIS B 496 2.16 -20.85 -20.74
N GLU B 497 1.52 -21.48 -21.73
CA GLU B 497 0.93 -22.79 -21.55
C GLU B 497 2.04 -23.85 -21.40
N LYS B 498 3.08 -23.72 -22.22
CA LYS B 498 4.19 -24.66 -22.16
C LYS B 498 4.77 -24.67 -20.74
N ILE B 499 4.92 -23.47 -20.16
CA ILE B 499 5.52 -23.33 -18.84
C ILE B 499 4.55 -23.83 -17.78
N LYS B 500 3.29 -23.40 -17.89
CA LYS B 500 2.25 -23.86 -16.97
C LYS B 500 2.24 -25.37 -16.89
N ASP B 501 2.39 -26.06 -18.04
CA ASP B 501 2.26 -27.51 -18.03
C ASP B 501 3.51 -28.17 -17.48
N ALA B 502 4.65 -27.48 -17.60
CA ALA B 502 5.90 -28.04 -17.11
C ALA B 502 5.98 -27.95 -15.58
N LEU B 503 5.53 -26.85 -14.98
CA LEU B 503 5.61 -26.71 -13.54
C LEU B 503 4.41 -27.34 -12.85
N ASP B 504 3.27 -27.40 -13.55
CA ASP B 504 2.02 -27.82 -12.94
C ASP B 504 1.38 -28.94 -13.75
N PRO B 505 2.00 -30.14 -13.80
CA PRO B 505 1.50 -31.24 -14.61
C PRO B 505 0.12 -31.77 -14.23
N ASN B 506 -0.27 -31.60 -12.97
CA ASN B 506 -1.59 -32.04 -12.55
C ASN B 506 -2.63 -30.92 -12.67
N GLY B 507 -2.21 -29.73 -13.14
CA GLY B 507 -3.14 -28.63 -13.37
C GLY B 507 -3.85 -28.22 -12.08
N ILE B 508 -3.06 -27.94 -11.04
CA ILE B 508 -3.59 -27.69 -9.71
C ILE B 508 -3.86 -26.21 -9.48
N ILE B 509 -2.92 -25.33 -9.85
CA ILE B 509 -2.95 -23.97 -9.35
C ILE B 509 -3.80 -23.09 -10.26
N ALA B 510 -4.77 -22.40 -9.64
CA ALA B 510 -5.57 -21.34 -10.24
C ALA B 510 -5.74 -21.53 -11.75
N PRO B 511 -6.35 -22.63 -12.20
CA PRO B 511 -6.58 -22.83 -13.63
C PRO B 511 -7.39 -21.67 -14.21
N GLY B 512 -6.89 -21.10 -15.31
CA GLY B 512 -7.59 -20.07 -16.06
C GLY B 512 -7.04 -18.67 -15.81
N LYS B 513 -6.29 -18.49 -14.72
CA LYS B 513 -5.79 -17.18 -14.34
C LYS B 513 -5.07 -16.57 -15.53
N SER B 514 -5.44 -15.34 -15.88
CA SER B 514 -4.83 -14.62 -16.99
C SER B 514 -5.01 -15.38 -18.30
N GLY B 515 -6.01 -16.27 -18.33
CA GLY B 515 -6.39 -17.00 -19.53
C GLY B 515 -5.51 -18.22 -19.75
N ILE B 516 -4.74 -18.63 -18.74
CA ILE B 516 -3.77 -19.70 -18.90
C ILE B 516 -4.36 -20.95 -18.25
N TRP B 517 -4.70 -21.92 -19.10
CA TRP B 517 -5.27 -23.17 -18.64
C TRP B 517 -4.25 -24.29 -18.79
N PRO B 518 -4.17 -25.21 -17.80
CA PRO B 518 -3.34 -26.40 -17.96
C PRO B 518 -3.99 -27.41 -18.89
N GLN B 519 -3.16 -28.29 -19.48
CA GLN B 519 -3.58 -29.28 -20.46
C GLN B 519 -4.98 -29.85 -20.17
N ARG B 520 -5.23 -30.31 -18.93
CA ARG B 520 -6.43 -31.08 -18.67
C ARG B 520 -7.69 -30.24 -18.80
N PHE B 521 -7.58 -28.90 -18.90
CA PHE B 521 -8.76 -28.06 -19.05
C PHE B 521 -8.82 -27.44 -20.46
N ARG B 522 -8.00 -27.93 -21.41
CA ARG B 522 -7.99 -27.41 -22.78
C ARG B 522 -8.54 -28.42 -23.79
N THR C 2 40.73 -33.01 -37.30
CA THR C 2 40.43 -32.59 -38.69
C THR C 2 39.34 -31.54 -38.63
N ARG C 3 38.16 -31.97 -38.15
CA ARG C 3 36.92 -31.26 -38.40
C ARG C 3 36.05 -31.31 -37.16
N THR C 4 35.75 -30.13 -36.60
CA THR C 4 34.91 -30.05 -35.41
C THR C 4 33.48 -30.41 -35.81
N LEU C 5 32.84 -31.27 -35.02
CA LEU C 5 31.49 -31.73 -35.29
C LEU C 5 30.67 -31.53 -34.03
N PRO C 6 29.34 -31.27 -34.17
CA PRO C 6 28.47 -31.20 -33.00
C PRO C 6 28.35 -32.56 -32.34
N PRO C 7 28.27 -32.62 -30.98
CA PRO C 7 27.99 -33.87 -30.27
C PRO C 7 26.98 -34.80 -30.94
N GLY C 8 27.44 -36.01 -31.27
CA GLY C 8 26.56 -37.08 -31.74
C GLY C 8 26.04 -36.85 -33.15
N VAL C 9 26.71 -36.01 -33.94
CA VAL C 9 26.29 -35.77 -35.30
C VAL C 9 27.36 -36.29 -36.26
N SER C 10 26.93 -37.13 -37.22
CA SER C 10 27.84 -37.71 -38.18
C SER C 10 28.26 -36.65 -39.21
N ASP C 11 29.42 -36.86 -39.82
CA ASP C 11 29.92 -36.04 -40.92
C ASP C 11 28.85 -35.82 -41.98
N GLU C 12 28.01 -36.85 -42.20
CA GLU C 12 27.01 -36.82 -43.26
C GLU C 12 25.87 -35.88 -42.88
N ARG C 13 25.30 -36.11 -41.70
CA ARG C 13 24.14 -35.36 -41.23
C ARG C 13 24.49 -33.87 -41.15
N PHE C 14 25.73 -33.58 -40.76
CA PHE C 14 26.20 -32.20 -40.63
C PHE C 14 26.27 -31.54 -42.01
N ASP C 15 26.69 -32.31 -43.02
CA ASP C 15 26.77 -31.83 -44.39
C ASP C 15 25.38 -31.51 -44.91
N ALA C 16 24.40 -32.38 -44.58
CA ALA C 16 23.01 -32.11 -44.88
C ALA C 16 22.58 -30.78 -44.25
N ALA C 17 22.71 -30.72 -42.92
CA ALA C 17 22.27 -29.55 -42.18
C ALA C 17 22.92 -28.28 -42.74
N LEU C 18 24.26 -28.31 -42.94
CA LEU C 18 24.98 -27.19 -43.52
C LEU C 18 24.30 -26.74 -44.80
N GLN C 19 23.91 -27.71 -45.63
CA GLN C 19 23.26 -27.43 -46.89
C GLN C 19 21.96 -26.67 -46.62
N ARG C 20 21.17 -27.19 -45.66
CA ARG C 20 19.88 -26.60 -45.35
C ARG C 20 20.08 -25.20 -44.79
N PHE C 21 21.17 -24.98 -44.03
CA PHE C 21 21.53 -23.67 -43.50
C PHE C 21 21.84 -22.69 -44.63
N ARG C 22 22.67 -23.13 -45.59
CA ARG C 22 22.99 -22.32 -46.76
C ARG C 22 21.71 -21.95 -47.52
N ASP C 23 20.81 -22.93 -47.66
CA ASP C 23 19.50 -22.69 -48.28
C ASP C 23 18.74 -21.55 -47.59
N VAL C 24 18.90 -21.39 -46.28
CA VAL C 24 18.17 -20.37 -45.54
C VAL C 24 18.85 -19.01 -45.73
N VAL C 25 20.15 -18.92 -45.42
CA VAL C 25 20.79 -17.61 -45.29
C VAL C 25 21.60 -17.25 -46.54
N GLY C 26 22.16 -18.27 -47.21
CA GLY C 26 22.97 -18.04 -48.40
C GLY C 26 24.42 -18.48 -48.19
N ASP C 27 25.01 -19.02 -49.24
CA ASP C 27 26.30 -19.72 -49.18
C ASP C 27 27.35 -18.83 -48.52
N LYS C 28 27.31 -17.52 -48.82
CA LYS C 28 28.30 -16.56 -48.34
C LYS C 28 28.37 -16.53 -46.81
N TRP C 29 27.23 -16.73 -46.15
CA TRP C 29 27.10 -16.44 -44.72
C TRP C 29 27.04 -17.70 -43.87
N VAL C 30 27.41 -18.84 -44.45
CA VAL C 30 27.61 -20.06 -43.69
C VAL C 30 29.08 -20.43 -43.83
N LEU C 31 29.81 -20.38 -42.71
CA LEU C 31 31.20 -20.81 -42.63
C LEU C 31 31.25 -22.21 -42.01
N SER C 32 32.11 -23.08 -42.58
CA SER C 32 32.33 -24.41 -42.04
C SER C 32 33.59 -25.05 -42.61
N THR C 33 34.71 -24.30 -42.60
CA THR C 33 36.02 -24.84 -42.95
C THR C 33 37.04 -24.20 -42.02
N ALA C 34 38.23 -24.80 -41.97
CA ALA C 34 39.28 -24.38 -41.05
C ALA C 34 39.60 -22.90 -41.24
N ASP C 35 39.92 -22.52 -42.49
CA ASP C 35 40.31 -21.15 -42.77
C ASP C 35 39.20 -20.19 -42.34
N GLU C 36 37.96 -20.48 -42.74
CA GLU C 36 36.82 -19.65 -42.45
C GLU C 36 36.57 -19.52 -40.94
N LEU C 37 36.80 -20.62 -40.19
CA LEU C 37 36.46 -20.68 -38.78
C LEU C 37 37.60 -20.15 -37.91
N GLU C 38 38.72 -19.75 -38.51
CA GLU C 38 39.85 -19.20 -37.77
C GLU C 38 39.41 -17.92 -37.05
N ALA C 39 39.61 -17.89 -35.73
CA ALA C 39 39.13 -16.82 -34.85
C ALA C 39 37.61 -16.66 -34.94
N ALA C 48 43.10 -17.53 -24.73
CA ALA C 48 41.92 -18.37 -24.40
C ALA C 48 41.74 -18.40 -22.88
N ALA C 49 40.57 -17.98 -22.37
CA ALA C 49 40.31 -18.11 -20.94
C ALA C 49 39.87 -19.54 -20.58
N GLU C 50 39.05 -20.21 -21.43
CA GLU C 50 38.57 -21.57 -21.15
C GLU C 50 38.48 -22.43 -22.41
N ALA C 51 37.27 -22.84 -22.86
CA ALA C 51 37.11 -23.86 -23.90
C ALA C 51 36.23 -23.34 -25.03
N ASN C 52 36.41 -23.86 -26.27
CA ASN C 52 35.95 -23.17 -27.48
C ASN C 52 36.45 -23.84 -28.75
N LEU C 53 35.55 -24.29 -29.64
CA LEU C 53 35.88 -24.60 -31.04
C LEU C 53 34.58 -24.79 -31.85
N PRO C 54 34.20 -23.84 -32.74
CA PRO C 54 32.85 -23.88 -33.35
C PRO C 54 32.77 -24.75 -34.59
N SER C 55 31.64 -25.44 -34.77
CA SER C 55 31.51 -26.37 -35.89
C SER C 55 31.08 -25.64 -37.16
N ALA C 56 30.38 -24.52 -36.99
CA ALA C 56 30.04 -23.64 -38.10
C ALA C 56 29.68 -22.27 -37.55
N VAL C 57 29.62 -21.28 -38.44
CA VAL C 57 29.02 -20.00 -38.10
C VAL C 57 27.96 -19.68 -39.16
N VAL C 58 26.80 -19.25 -38.70
CA VAL C 58 25.65 -18.96 -39.56
C VAL C 58 25.19 -17.53 -39.27
N SER C 59 25.18 -16.66 -40.28
CA SER C 59 24.81 -15.26 -40.09
C SER C 59 23.46 -14.99 -40.75
N PRO C 60 22.33 -15.03 -40.01
CA PRO C 60 21.03 -14.73 -40.61
C PRO C 60 20.82 -13.21 -40.61
N GLU C 61 19.84 -12.82 -41.45
CA GLU C 61 19.58 -11.43 -41.76
C GLU C 61 18.17 -11.04 -41.34
N SER C 62 17.32 -12.04 -41.08
CA SER C 62 15.96 -11.80 -40.64
C SER C 62 15.60 -12.70 -39.46
N THR C 63 14.64 -12.23 -38.66
CA THR C 63 13.94 -13.10 -37.73
C THR C 63 13.57 -14.41 -38.41
N GLU C 64 12.99 -14.34 -39.61
CA GLU C 64 12.39 -15.51 -40.26
C GLU C 64 13.46 -16.55 -40.52
N GLN C 65 14.66 -16.08 -40.83
CA GLN C 65 15.80 -16.95 -41.06
C GLN C 65 16.20 -17.65 -39.77
N VAL C 66 16.32 -16.84 -38.69
CA VAL C 66 16.62 -17.34 -37.37
C VAL C 66 15.65 -18.49 -37.05
N GLN C 67 14.36 -18.31 -37.36
CA GLN C 67 13.36 -19.34 -37.10
C GLN C 67 13.70 -20.61 -37.88
N ASP C 68 14.08 -20.45 -39.16
CA ASP C 68 14.32 -21.58 -40.02
C ASP C 68 15.54 -22.36 -39.51
N ILE C 69 16.62 -21.63 -39.20
CA ILE C 69 17.83 -22.24 -38.63
C ILE C 69 17.46 -23.08 -37.41
N VAL C 70 16.66 -22.51 -36.51
CA VAL C 70 16.34 -23.18 -35.26
C VAL C 70 15.57 -24.47 -35.57
N ARG C 71 14.60 -24.41 -36.49
CA ARG C 71 13.83 -25.58 -36.90
C ARG C 71 14.76 -26.68 -37.44
N ILE C 72 15.76 -26.27 -38.24
CA ILE C 72 16.72 -27.19 -38.81
C ILE C 72 17.55 -27.81 -37.69
N ALA C 73 18.05 -26.96 -36.79
CA ALA C 73 18.88 -27.41 -35.69
C ALA C 73 18.10 -28.41 -34.84
N ASN C 74 16.79 -28.16 -34.63
CA ASN C 74 15.95 -29.09 -33.89
C ASN C 74 15.98 -30.48 -34.54
N GLU C 75 15.74 -30.54 -35.86
CA GLU C 75 15.67 -31.79 -36.59
C GLU C 75 16.95 -32.62 -36.39
N TYR C 76 18.11 -31.94 -36.51
CA TYR C 76 19.41 -32.60 -36.56
C TYR C 76 20.03 -32.68 -35.17
N GLY C 77 19.44 -32.04 -34.16
CA GLY C 77 19.99 -32.02 -32.81
C GLY C 77 21.31 -31.23 -32.71
N ILE C 78 21.49 -30.23 -33.57
CA ILE C 78 22.68 -29.38 -33.54
C ILE C 78 22.54 -28.35 -32.42
N PRO C 79 23.49 -28.24 -31.48
CA PRO C 79 23.50 -27.14 -30.51
C PRO C 79 23.82 -25.81 -31.19
N LEU C 80 23.07 -24.77 -30.79
CA LEU C 80 23.26 -23.44 -31.34
C LEU C 80 23.81 -22.53 -30.25
N HIS C 81 24.79 -21.70 -30.63
CA HIS C 81 25.28 -20.65 -29.74
C HIS C 81 24.96 -19.27 -30.29
N PRO C 82 23.83 -18.63 -29.86
CA PRO C 82 23.51 -17.27 -30.31
C PRO C 82 24.45 -16.22 -29.78
N VAL C 83 24.91 -15.32 -30.67
CA VAL C 83 25.72 -14.17 -30.31
C VAL C 83 25.22 -12.93 -31.05
N SER C 84 25.40 -11.75 -30.44
CA SER C 84 25.11 -10.48 -31.07
C SER C 84 26.34 -9.99 -31.82
N THR C 85 27.26 -9.34 -31.10
CA THR C 85 28.46 -8.77 -31.69
C THR C 85 29.64 -9.71 -31.46
N GLY C 86 29.71 -10.30 -30.26
CA GLY C 86 30.75 -11.25 -29.91
C GLY C 86 32.08 -10.57 -29.64
N LYS C 87 32.05 -9.38 -29.04
CA LYS C 87 33.26 -8.71 -28.55
C LYS C 87 33.20 -8.61 -27.03
N ASN C 88 32.68 -9.66 -26.37
CA ASN C 88 32.30 -9.60 -24.96
C ASN C 88 33.51 -9.78 -24.04
N ASN C 89 34.04 -8.65 -23.55
CA ASN C 89 35.30 -8.63 -22.84
C ASN C 89 35.06 -8.53 -21.34
N GLY C 90 35.64 -9.48 -20.60
CA GLY C 90 35.64 -9.48 -19.15
C GLY C 90 34.95 -10.73 -18.62
N TYR C 91 34.20 -11.41 -19.50
CA TYR C 91 33.40 -12.55 -19.08
C TYR C 91 33.46 -13.71 -20.08
N GLY C 92 34.41 -13.68 -21.01
CA GLY C 92 34.62 -14.79 -21.93
C GLY C 92 34.60 -14.41 -23.40
N GLY C 93 33.41 -14.01 -23.89
CA GLY C 93 33.26 -13.60 -25.27
C GLY C 93 32.35 -14.55 -26.06
N ALA C 94 32.75 -14.82 -27.29
CA ALA C 94 31.87 -15.40 -28.29
C ALA C 94 31.99 -16.91 -28.31
N ALA C 95 32.65 -17.48 -27.28
CA ALA C 95 32.98 -18.89 -27.30
C ALA C 95 31.82 -19.72 -26.76
N PRO C 96 31.39 -20.79 -27.48
CA PRO C 96 30.28 -21.63 -27.03
C PRO C 96 30.64 -22.55 -25.87
N ARG C 97 29.81 -22.51 -24.83
CA ARG C 97 29.98 -23.34 -23.65
C ARG C 97 30.23 -24.80 -24.03
N LEU C 98 29.68 -25.26 -25.15
CA LEU C 98 29.87 -26.63 -25.59
C LEU C 98 30.49 -26.63 -26.99
N SER C 99 31.60 -27.36 -27.14
CA SER C 99 32.41 -27.27 -28.33
C SER C 99 31.72 -28.09 -29.43
N GLY C 100 31.88 -27.68 -30.69
CA GLY C 100 31.15 -28.29 -31.79
C GLY C 100 29.79 -27.64 -32.03
N SER C 101 29.47 -26.57 -31.28
CA SER C 101 28.22 -25.84 -31.47
C SER C 101 28.30 -24.93 -32.69
N VAL C 102 27.13 -24.73 -33.32
CA VAL C 102 27.01 -23.78 -34.42
C VAL C 102 26.73 -22.39 -33.84
N ILE C 103 27.61 -21.42 -34.14
CA ILE C 103 27.39 -20.05 -33.73
C ILE C 103 26.40 -19.39 -34.68
N VAL C 104 25.32 -18.82 -34.13
CA VAL C 104 24.40 -17.99 -34.88
C VAL C 104 24.78 -16.53 -34.64
N LYS C 105 25.39 -15.90 -35.64
CA LYS C 105 25.83 -14.52 -35.50
C LYS C 105 24.70 -13.62 -35.99
N THR C 106 23.85 -13.18 -35.07
CA THR C 106 22.67 -12.42 -35.43
C THR C 106 23.09 -11.00 -35.81
N GLY C 107 24.13 -10.49 -35.15
CA GLY C 107 24.49 -9.08 -35.26
C GLY C 107 25.26 -8.77 -36.54
N GLU C 108 25.74 -9.80 -37.26
CA GLU C 108 26.47 -9.57 -38.50
C GLU C 108 25.54 -8.82 -39.46
N ARG C 109 24.33 -9.35 -39.67
CA ARG C 109 23.42 -8.79 -40.66
C ARG C 109 22.23 -8.07 -39.99
N MET C 110 21.85 -8.48 -38.79
CA MET C 110 20.77 -7.83 -38.07
C MET C 110 21.35 -6.76 -37.13
N ASN C 111 21.69 -5.60 -37.72
CA ASN C 111 22.40 -4.55 -37.00
C ASN C 111 21.78 -3.18 -37.24
N ARG C 112 20.47 -3.17 -37.58
CA ARG C 112 19.76 -1.93 -37.85
C ARG C 112 19.32 -1.26 -36.53
N ILE C 113 19.41 0.08 -36.52
CA ILE C 113 18.76 0.92 -35.52
C ILE C 113 17.36 1.20 -36.03
N LEU C 114 16.40 0.34 -35.67
CA LEU C 114 15.09 0.29 -36.29
C LEU C 114 14.30 1.55 -36.02
N GLU C 115 14.60 2.23 -34.92
CA GLU C 115 13.82 3.40 -34.55
C GLU C 115 14.49 4.10 -33.37
N VAL C 116 14.48 5.42 -33.40
CA VAL C 116 14.81 6.21 -32.23
C VAL C 116 13.76 7.32 -32.16
N ASN C 117 13.19 7.51 -30.98
CA ASN C 117 12.01 8.34 -30.81
C ASN C 117 12.29 9.40 -29.76
N GLU C 118 12.38 10.66 -30.21
CA GLU C 118 12.81 11.76 -29.38
C GLU C 118 11.70 12.12 -28.40
N LYS C 119 10.45 12.02 -28.87
CA LYS C 119 9.31 12.49 -28.10
C LYS C 119 9.15 11.64 -26.83
N TYR C 120 9.14 10.31 -26.99
CA TYR C 120 8.90 9.40 -25.89
C TYR C 120 10.20 8.88 -25.30
N GLY C 121 11.31 9.06 -26.00
CA GLY C 121 12.62 8.81 -25.39
C GLY C 121 12.93 7.31 -25.28
N TYR C 122 12.96 6.63 -26.43
CA TYR C 122 13.32 5.23 -26.51
C TYR C 122 14.01 4.94 -27.84
N ALA C 123 14.59 3.75 -27.94
CA ALA C 123 15.08 3.20 -29.20
C ALA C 123 14.66 1.74 -29.31
N LEU C 124 14.50 1.27 -30.55
CA LEU C 124 14.27 -0.14 -30.82
C LEU C 124 15.42 -0.65 -31.69
N LEU C 125 16.12 -1.69 -31.21
CA LEU C 125 17.41 -2.07 -31.77
C LEU C 125 17.41 -3.53 -32.17
N GLU C 126 18.32 -3.85 -33.09
CA GLU C 126 18.67 -5.22 -33.43
C GLU C 126 19.96 -5.55 -32.70
N PRO C 127 20.34 -6.86 -32.63
CA PRO C 127 21.51 -7.29 -31.86
C PRO C 127 22.85 -6.67 -32.28
N GLY C 128 22.99 -6.31 -33.57
CA GLY C 128 24.27 -5.84 -34.10
C GLY C 128 24.58 -4.38 -33.70
N VAL C 129 23.59 -3.64 -33.19
CA VAL C 129 23.82 -2.25 -32.86
C VAL C 129 24.76 -2.16 -31.67
N THR C 130 25.94 -1.57 -31.87
CA THR C 130 26.87 -1.32 -30.78
C THR C 130 26.59 0.05 -30.15
N TYR C 131 27.25 0.33 -29.03
CA TYR C 131 27.10 1.59 -28.32
C TYR C 131 27.74 2.72 -29.12
N PHE C 132 28.77 2.38 -29.91
CA PHE C 132 29.35 3.34 -30.83
C PHE C 132 28.34 3.64 -31.94
N ASP C 133 27.80 2.58 -32.56
CA ASP C 133 26.81 2.72 -33.61
C ASP C 133 25.70 3.67 -33.16
N LEU C 134 25.21 3.48 -31.93
CA LEU C 134 24.07 4.24 -31.43
C LEU C 134 24.47 5.69 -31.13
N TYR C 135 25.64 5.86 -30.50
CA TYR C 135 26.10 7.18 -30.10
C TYR C 135 26.29 8.07 -31.33
N GLU C 136 26.90 7.47 -32.37
CA GLU C 136 27.05 8.12 -33.66
C GLU C 136 25.68 8.59 -34.16
N TYR C 137 24.69 7.70 -34.13
CA TYR C 137 23.37 8.04 -34.62
C TYR C 137 22.86 9.28 -33.88
N LEU C 138 23.00 9.26 -32.56
CA LEU C 138 22.50 10.33 -31.71
C LEU C 138 23.20 11.65 -32.02
N GLN C 139 24.51 11.62 -32.25
CA GLN C 139 25.26 12.82 -32.60
C GLN C 139 24.88 13.27 -34.00
N SER C 140 24.94 12.34 -34.97
CA SER C 140 24.61 12.62 -36.35
C SER C 140 23.28 13.36 -36.46
N HIS C 141 22.26 12.86 -35.75
CA HIS C 141 20.89 13.36 -35.90
C HIS C 141 20.55 14.38 -34.82
N ASP C 142 21.58 14.91 -34.14
CA ASP C 142 21.41 15.90 -33.09
C ASP C 142 20.21 15.55 -32.20
N SER C 143 20.34 14.45 -31.46
CA SER C 143 19.28 14.04 -30.55
C SER C 143 19.33 14.87 -29.27
N GLY C 144 18.21 14.91 -28.54
CA GLY C 144 18.17 15.43 -27.19
C GLY C 144 18.29 14.31 -26.15
N LEU C 145 18.57 13.08 -26.62
CA LEU C 145 18.63 11.89 -25.80
C LEU C 145 20.09 11.52 -25.55
N MET C 146 20.35 10.84 -24.43
CA MET C 146 21.65 10.26 -24.17
C MET C 146 21.50 8.78 -23.85
N LEU C 147 22.51 8.02 -24.27
CA LEU C 147 22.53 6.60 -23.96
C LEU C 147 23.27 6.44 -22.65
N ASP C 148 23.27 5.19 -22.15
CA ASP C 148 24.00 4.80 -20.95
C ASP C 148 24.90 3.63 -21.34
N CYS C 149 26.20 3.82 -21.22
CA CYS C 149 27.13 2.87 -21.80
C CYS C 149 27.86 2.13 -20.69
N PRO C 150 28.26 0.86 -20.94
CA PRO C 150 29.23 0.17 -20.09
C PRO C 150 30.61 0.74 -20.38
N ASP C 151 31.64 0.19 -19.73
CA ASP C 151 32.96 0.78 -19.81
C ASP C 151 33.47 0.69 -21.25
N LEU C 152 33.27 -0.48 -21.88
CA LEU C 152 33.71 -0.70 -23.26
C LEU C 152 32.49 -0.67 -24.17
N GLY C 153 32.49 0.31 -25.08
CA GLY C 153 31.33 0.59 -25.93
C GLY C 153 31.26 -0.26 -27.20
N TRP C 154 32.21 -1.17 -27.43
CA TRP C 154 32.20 -1.89 -28.71
C TRP C 154 31.20 -3.03 -28.71
N GLY C 155 30.58 -3.30 -27.55
CA GLY C 155 29.65 -4.41 -27.44
C GLY C 155 28.25 -4.03 -27.91
N SER C 156 27.39 -5.05 -28.11
CA SER C 156 25.97 -4.89 -28.39
C SER C 156 25.22 -4.27 -27.22
N VAL C 157 24.23 -3.43 -27.56
CA VAL C 157 23.38 -2.83 -26.56
C VAL C 157 22.40 -3.91 -26.10
N VAL C 158 21.92 -4.72 -27.03
CA VAL C 158 21.03 -5.83 -26.69
C VAL C 158 21.79 -6.86 -25.86
N GLY C 159 22.92 -7.33 -26.39
CA GLY C 159 23.74 -8.28 -25.67
C GLY C 159 23.93 -7.85 -24.21
N ASN C 160 24.39 -6.61 -24.01
CA ASN C 160 24.69 -6.09 -22.68
C ASN C 160 23.41 -6.16 -21.85
N THR C 161 22.34 -5.58 -22.37
CA THR C 161 21.10 -5.49 -21.63
C THR C 161 20.69 -6.87 -21.14
N LEU C 162 20.84 -7.89 -22.00
CA LEU C 162 20.33 -9.23 -21.70
C LEU C 162 21.27 -9.99 -20.79
N ASP C 163 22.48 -9.47 -20.51
CA ASP C 163 23.30 -10.00 -19.43
C ASP C 163 23.08 -9.17 -18.16
N ARG C 164 22.03 -8.33 -18.15
CA ARG C 164 21.71 -7.41 -17.06
C ARG C 164 22.93 -6.57 -16.71
N GLY C 165 23.60 -6.09 -17.76
CA GLY C 165 24.75 -5.20 -17.60
C GLY C 165 24.33 -3.86 -17.04
N VAL C 166 25.32 -3.06 -16.63
CA VAL C 166 25.04 -1.81 -15.94
C VAL C 166 25.95 -0.73 -16.50
N GLY C 167 25.54 0.51 -16.26
CA GLY C 167 26.31 1.70 -16.62
C GLY C 167 26.21 2.70 -15.48
N TYR C 168 26.57 3.96 -15.73
CA TYR C 168 26.89 4.85 -14.62
C TYR C 168 26.10 6.16 -14.65
N THR C 169 25.25 6.35 -15.66
CA THR C 169 24.32 7.47 -15.69
C THR C 169 23.15 7.07 -14.78
N PRO C 170 22.16 7.95 -14.52
CA PRO C 170 20.96 7.55 -13.79
C PRO C 170 20.14 6.45 -14.46
N TYR C 171 20.31 6.24 -15.77
CA TYR C 171 19.69 5.09 -16.43
C TYR C 171 20.65 3.89 -16.45
N GLY C 172 21.35 3.67 -15.34
CA GLY C 172 22.45 2.72 -15.28
C GLY C 172 21.99 1.27 -15.17
N ASP C 173 20.73 1.04 -14.76
CA ASP C 173 20.18 -0.30 -14.71
C ASP C 173 19.53 -0.60 -16.05
N HIS C 174 20.28 -1.19 -16.97
CA HIS C 174 19.84 -1.38 -18.34
C HIS C 174 18.56 -2.18 -18.42
N PHE C 175 18.50 -3.33 -17.74
CA PHE C 175 17.33 -4.22 -17.81
C PHE C 175 16.08 -3.45 -17.36
N MET C 176 16.21 -2.56 -16.37
CA MET C 176 15.10 -1.77 -15.88
C MET C 176 14.43 -0.99 -17.01
N TRP C 177 15.25 -0.49 -17.94
CA TRP C 177 14.80 0.40 -19.01
C TRP C 177 14.47 -0.37 -20.28
N GLN C 178 14.95 -1.62 -20.38
CA GLN C 178 14.54 -2.52 -21.45
C GLN C 178 13.01 -2.55 -21.48
N THR C 179 12.44 -2.29 -22.65
CA THR C 179 11.01 -2.33 -22.83
C THR C 179 10.74 -3.00 -24.16
N GLY C 180 10.07 -4.16 -24.10
CA GLY C 180 9.70 -4.92 -25.28
C GLY C 180 10.90 -5.68 -25.86
N LEU C 181 10.67 -6.94 -26.23
CA LEU C 181 11.58 -7.62 -27.12
C LEU C 181 10.81 -8.62 -28.01
N GLU C 182 11.47 -9.01 -29.10
CA GLU C 182 11.05 -10.07 -29.99
C GLU C 182 12.07 -11.20 -29.83
N VAL C 183 11.58 -12.42 -29.66
CA VAL C 183 12.49 -13.54 -29.44
C VAL C 183 11.97 -14.76 -30.19
N VAL C 184 12.93 -15.53 -30.71
CA VAL C 184 12.69 -16.84 -31.31
C VAL C 184 12.92 -17.89 -30.24
N LEU C 185 11.88 -18.64 -29.91
CA LEU C 185 11.94 -19.66 -28.88
C LEU C 185 12.68 -20.88 -29.40
N PRO C 186 13.05 -21.84 -28.53
CA PRO C 186 13.96 -22.93 -28.93
C PRO C 186 13.48 -23.93 -29.99
N GLN C 187 12.16 -24.00 -30.23
CA GLN C 187 11.65 -24.86 -31.29
C GLN C 187 11.30 -24.05 -32.53
N GLY C 188 11.62 -22.75 -32.54
CA GLY C 188 11.56 -21.94 -33.75
C GLY C 188 10.40 -20.97 -33.77
N GLU C 189 9.44 -21.16 -32.85
CA GLU C 189 8.35 -20.21 -32.67
C GLU C 189 8.94 -18.83 -32.41
N VAL C 190 8.14 -17.79 -32.69
CA VAL C 190 8.56 -16.42 -32.48
C VAL C 190 7.53 -15.75 -31.58
N MET C 191 8.01 -14.84 -30.73
CA MET C 191 7.17 -14.21 -29.73
C MET C 191 7.60 -12.77 -29.50
N ARG C 192 6.61 -11.97 -29.11
CA ARG C 192 6.83 -10.60 -28.67
C ARG C 192 6.25 -10.45 -27.28
N THR C 193 6.97 -9.69 -26.45
CA THR C 193 6.58 -9.46 -25.07
C THR C 193 5.89 -8.12 -24.94
N GLY C 194 5.09 -8.01 -23.87
CA GLY C 194 4.53 -6.73 -23.49
C GLY C 194 3.52 -6.26 -24.53
N MET C 195 3.52 -4.95 -24.81
CA MET C 195 2.52 -4.39 -25.69
C MET C 195 2.85 -4.71 -27.15
N GLY C 196 4.04 -5.26 -27.38
CA GLY C 196 4.40 -5.84 -28.67
C GLY C 196 3.51 -7.03 -29.04
N ALA C 197 2.89 -7.66 -28.04
CA ALA C 197 2.08 -8.84 -28.26
C ALA C 197 0.66 -8.46 -28.69
N LEU C 198 0.36 -7.16 -28.61
CA LEU C 198 -0.90 -6.64 -29.12
C LEU C 198 -0.70 -5.97 -30.48
N PRO C 199 -1.22 -6.53 -31.59
CA PRO C 199 -0.89 -5.99 -32.91
C PRO C 199 -1.43 -4.57 -32.97
N GLY C 200 -0.60 -3.64 -33.44
CA GLY C 200 -1.00 -2.25 -33.63
C GLY C 200 -0.57 -1.32 -32.49
N SER C 201 -0.29 -1.86 -31.29
CA SER C 201 0.03 -1.04 -30.14
C SER C 201 1.33 -0.29 -30.37
N ASP C 202 1.32 0.99 -29.98
CA ASP C 202 2.47 1.86 -30.04
C ASP C 202 3.22 1.84 -28.70
N ALA C 203 2.77 1.02 -27.75
CA ALA C 203 3.31 1.10 -26.40
C ALA C 203 4.37 0.03 -26.14
N TRP C 204 4.82 -0.68 -27.19
CA TRP C 204 5.82 -1.74 -27.07
C TRP C 204 7.04 -1.28 -26.29
N GLN C 205 7.48 -0.04 -26.52
CA GLN C 205 8.63 0.53 -25.84
C GLN C 205 8.19 1.57 -24.79
N LEU C 206 6.94 1.52 -24.34
CA LEU C 206 6.42 2.55 -23.44
C LEU C 206 5.98 1.92 -22.12
N PHE C 207 5.52 0.66 -22.19
CA PHE C 207 5.04 -0.09 -21.04
C PHE C 207 5.62 -1.51 -21.10
N PRO C 208 6.49 -1.91 -20.14
CA PRO C 208 7.19 -3.19 -20.23
C PRO C 208 6.36 -4.46 -20.03
N TYR C 209 5.29 -4.38 -19.23
CA TYR C 209 4.73 -5.55 -18.57
C TYR C 209 3.69 -6.26 -19.44
N GLY C 210 2.97 -5.51 -20.29
CA GLY C 210 1.86 -6.13 -20.99
C GLY C 210 0.85 -6.75 -20.02
N PHE C 211 0.39 -7.96 -20.33
CA PHE C 211 -0.66 -8.63 -19.58
C PHE C 211 -0.33 -10.11 -19.40
N GLY C 212 -0.71 -10.66 -18.24
CA GLY C 212 -0.34 -12.01 -17.87
C GLY C 212 1.08 -12.04 -17.31
N PRO C 213 1.67 -13.22 -17.02
CA PRO C 213 3.00 -13.27 -16.43
C PRO C 213 4.04 -12.52 -17.26
N PHE C 214 4.93 -11.79 -16.58
CA PHE C 214 5.89 -10.89 -17.20
C PHE C 214 7.18 -11.65 -17.49
N PRO C 215 7.43 -12.03 -18.76
CA PRO C 215 8.52 -12.95 -19.10
C PRO C 215 9.89 -12.40 -19.48
N ASP C 216 10.02 -11.10 -19.73
CA ASP C 216 11.26 -10.58 -20.31
C ASP C 216 12.46 -11.06 -19.50
N GLY C 217 12.40 -10.89 -18.18
CA GLY C 217 13.49 -11.30 -17.31
C GLY C 217 14.02 -12.70 -17.63
N MET C 218 13.12 -13.63 -18.00
CA MET C 218 13.50 -15.00 -18.28
C MET C 218 14.40 -15.09 -19.52
N PHE C 219 14.54 -14.00 -20.30
CA PHE C 219 15.43 -14.01 -21.45
C PHE C 219 16.73 -13.26 -21.16
N THR C 220 16.99 -12.94 -19.89
CA THR C 220 18.27 -12.36 -19.48
C THR C 220 19.11 -13.44 -18.82
N GLN C 221 20.41 -13.48 -19.10
CA GLN C 221 21.29 -14.54 -18.63
C GLN C 221 20.62 -15.89 -18.86
N SER C 222 20.16 -16.09 -20.08
CA SER C 222 19.21 -17.14 -20.40
C SER C 222 19.64 -17.87 -21.68
N ASN C 223 19.09 -19.08 -21.82
CA ASN C 223 19.27 -19.87 -23.03
C ASN C 223 17.88 -20.31 -23.48
N LEU C 224 16.89 -19.44 -23.30
CA LEU C 224 15.52 -19.80 -23.59
C LEU C 224 15.07 -19.27 -24.95
N GLY C 225 15.92 -18.51 -25.65
CA GLY C 225 15.65 -18.17 -27.04
C GLY C 225 16.76 -17.31 -27.66
N ILE C 226 16.47 -16.75 -28.84
CA ILE C 226 17.37 -15.81 -29.49
C ILE C 226 16.62 -14.51 -29.74
N VAL C 227 17.09 -13.42 -29.12
CA VAL C 227 16.45 -12.12 -29.24
C VAL C 227 16.82 -11.51 -30.59
N THR C 228 15.80 -11.04 -31.33
CA THR C 228 15.99 -10.50 -32.66
C THR C 228 15.74 -8.99 -32.69
N LYS C 229 14.98 -8.50 -31.71
CA LYS C 229 14.71 -7.08 -31.55
C LYS C 229 14.47 -6.81 -30.07
N MET C 230 14.85 -5.62 -29.59
CA MET C 230 14.70 -5.26 -28.19
C MET C 230 14.64 -3.75 -28.06
N GLY C 231 13.73 -3.26 -27.21
CA GLY C 231 13.61 -1.83 -26.96
C GLY C 231 14.30 -1.43 -25.66
N ILE C 232 14.71 -0.16 -25.59
CA ILE C 232 15.41 0.42 -24.44
C ILE C 232 15.04 1.90 -24.35
N ALA C 233 14.76 2.38 -23.14
CA ALA C 233 14.49 3.79 -22.94
C ALA C 233 15.81 4.56 -22.96
N LEU C 234 15.72 5.82 -23.40
CA LEU C 234 16.86 6.73 -23.39
C LEU C 234 16.46 8.00 -22.63
N MET C 235 17.25 8.33 -21.60
CA MET C 235 17.04 9.56 -20.83
C MET C 235 17.38 10.76 -21.70
N GLN C 236 16.75 11.90 -21.41
CA GLN C 236 17.06 13.18 -22.07
C GLN C 236 18.31 13.78 -21.48
N ARG C 237 19.19 14.27 -22.37
CA ARG C 237 20.44 14.93 -22.00
C ARG C 237 20.11 16.08 -21.04
N PRO C 238 20.76 16.15 -19.85
CA PRO C 238 20.58 17.28 -18.94
C PRO C 238 21.17 18.59 -19.45
N PRO C 239 20.81 19.74 -18.85
CA PRO C 239 21.35 21.03 -19.25
C PRO C 239 22.88 21.10 -19.14
N ALA C 240 23.43 20.48 -18.09
CA ALA C 240 24.85 20.57 -17.80
C ALA C 240 25.23 19.54 -16.74
N SER C 241 26.54 19.31 -16.58
CA SER C 241 27.03 18.23 -15.73
C SER C 241 28.41 18.54 -15.16
N GLN C 242 28.69 17.98 -13.99
CA GLN C 242 29.96 18.17 -13.33
C GLN C 242 30.36 16.83 -12.72
N SER C 243 31.56 16.35 -13.07
CA SER C 243 32.13 15.15 -12.45
C SER C 243 33.11 15.60 -11.36
N PHE C 244 33.44 14.69 -10.42
CA PHE C 244 34.32 15.08 -9.32
C PHE C 244 34.98 13.88 -8.65
N LEU C 245 36.14 14.13 -8.03
CA LEU C 245 36.95 13.13 -7.36
C LEU C 245 37.04 13.48 -5.88
N ILE C 246 37.12 12.46 -5.02
CA ILE C 246 37.39 12.62 -3.60
C ILE C 246 38.43 11.58 -3.17
N THR C 247 39.62 12.07 -2.80
CA THR C 247 40.74 11.22 -2.43
C THR C 247 40.72 11.02 -0.92
N PHE C 248 40.88 9.77 -0.49
CA PHE C 248 40.91 9.44 0.93
C PHE C 248 42.22 8.71 1.20
N ASP C 249 42.99 9.19 2.17
CA ASP C 249 44.35 8.71 2.38
C ASP C 249 44.35 7.27 2.89
N LYS C 250 43.62 7.03 3.99
CA LYS C 250 43.79 5.80 4.76
C LYS C 250 43.02 4.65 4.11
N GLU C 251 43.63 3.47 4.11
CA GLU C 251 42.97 2.25 3.64
C GLU C 251 41.73 1.98 4.49
N GLU C 252 41.71 2.51 5.72
CA GLU C 252 40.62 2.25 6.66
C GLU C 252 39.48 3.26 6.46
N ASP C 253 39.67 4.24 5.56
CA ASP C 253 38.63 5.22 5.29
C ASP C 253 37.39 4.57 4.65
N LEU C 254 37.57 3.39 4.03
CA LEU C 254 36.51 2.62 3.40
C LEU C 254 35.24 2.62 4.24
N GLU C 255 35.38 2.26 5.52
CA GLU C 255 34.24 2.05 6.41
C GLU C 255 33.32 3.25 6.40
N GLN C 256 33.88 4.43 6.67
CA GLN C 256 33.10 5.66 6.81
C GLN C 256 32.67 6.17 5.42
N ILE C 257 33.43 5.83 4.36
CA ILE C 257 33.10 6.26 3.00
C ILE C 257 31.79 5.60 2.59
N VAL C 258 31.72 4.27 2.74
CA VAL C 258 30.53 3.50 2.42
C VAL C 258 29.35 4.06 3.21
N ASP C 259 29.50 4.11 4.55
CA ASP C 259 28.40 4.47 5.43
C ASP C 259 27.90 5.88 5.14
N ILE C 260 28.70 6.71 4.44
CA ILE C 260 28.30 8.07 4.11
C ILE C 260 27.72 8.11 2.69
N MET C 261 28.20 7.25 1.78
CA MET C 261 27.72 7.32 0.41
C MET C 261 26.29 6.79 0.31
N LEU C 262 25.98 5.73 1.09
CA LEU C 262 24.67 5.09 1.00
C LEU C 262 23.56 6.15 1.12
N PRO C 263 23.45 6.89 2.25
CA PRO C 263 22.35 7.83 2.43
C PRO C 263 22.34 9.02 1.49
N LEU C 264 23.45 9.24 0.77
CA LEU C 264 23.50 10.27 -0.27
C LEU C 264 22.95 9.74 -1.59
N ARG C 265 22.96 8.41 -1.76
CA ARG C 265 22.57 7.77 -2.99
C ARG C 265 21.10 7.33 -2.98
N ILE C 266 20.64 6.75 -1.87
CA ILE C 266 19.41 5.95 -1.86
C ILE C 266 18.20 6.73 -2.41
N ASN C 267 18.22 8.06 -2.33
CA ASN C 267 17.13 8.87 -2.86
C ASN C 267 17.53 9.51 -4.18
N MET C 268 18.46 8.88 -4.90
CA MET C 268 18.89 9.28 -6.23
C MET C 268 19.33 10.75 -6.24
N ALA C 269 19.56 11.29 -5.04
CA ALA C 269 20.12 12.63 -4.86
C ALA C 269 20.66 12.75 -3.43
N PRO C 270 21.77 13.49 -3.21
CA PRO C 270 22.46 14.23 -4.28
C PRO C 270 23.37 13.43 -5.22
N LEU C 271 23.64 12.15 -4.91
CA LEU C 271 24.38 11.28 -5.81
C LEU C 271 23.44 10.70 -6.87
N GLN C 272 23.43 11.34 -8.04
CA GLN C 272 22.42 11.08 -9.05
C GLN C 272 22.88 10.00 -10.03
N ASN C 273 24.21 9.86 -10.16
CA ASN C 273 24.82 8.78 -10.92
C ASN C 273 25.13 7.63 -9.96
N VAL C 274 25.67 6.54 -10.50
CA VAL C 274 26.13 5.42 -9.68
C VAL C 274 27.45 5.80 -8.99
N PRO C 275 27.49 5.96 -7.65
CA PRO C 275 28.75 6.23 -6.96
C PRO C 275 29.72 5.07 -7.12
N VAL C 276 30.94 5.39 -7.57
CA VAL C 276 31.99 4.41 -7.77
C VAL C 276 33.23 4.86 -6.99
N LEU C 277 33.77 3.94 -6.20
CA LEU C 277 34.92 4.18 -5.37
C LEU C 277 35.96 3.13 -5.71
N GLN C 278 37.13 3.56 -6.20
CA GLN C 278 38.07 2.57 -6.65
C GLN C 278 39.47 2.90 -6.19
N ASN C 279 40.23 1.82 -5.96
CA ASN C 279 41.45 1.91 -5.18
C ASN C 279 42.57 2.41 -6.09
N ILE C 280 43.75 2.59 -5.47
CA ILE C 280 44.89 3.24 -6.07
C ILE C 280 45.44 2.38 -7.22
N PHE C 281 45.59 1.06 -7.01
CA PHE C 281 46.10 0.15 -8.03
C PHE C 281 45.31 0.31 -9.32
N MET C 282 44.01 0.61 -9.20
CA MET C 282 43.15 0.78 -10.35
C MET C 282 43.59 1.98 -11.19
N HIS C 283 44.08 3.02 -10.51
CA HIS C 283 44.49 4.26 -11.16
C HIS C 283 45.89 4.15 -11.76
N ALA C 284 46.76 3.40 -11.08
CA ALA C 284 48.11 3.15 -11.58
C ALA C 284 48.04 2.46 -12.94
N ALA C 285 47.25 1.36 -13.02
CA ALA C 285 47.19 0.57 -14.24
C ALA C 285 46.69 1.40 -15.41
N ALA C 286 45.82 2.38 -15.12
CA ALA C 286 45.22 3.23 -16.13
C ALA C 286 46.29 3.97 -16.94
N VAL C 287 47.38 4.35 -16.27
CA VAL C 287 48.37 5.22 -16.88
C VAL C 287 49.70 4.47 -17.05
N SER C 288 50.16 3.77 -16.00
CA SER C 288 51.54 3.30 -15.93
C SER C 288 51.66 1.79 -16.12
N LYS C 289 52.92 1.33 -16.16
CA LYS C 289 53.29 -0.07 -16.14
C LYS C 289 53.62 -0.46 -14.69
N ARG C 290 53.56 -1.77 -14.39
CA ARG C 290 53.77 -2.25 -13.03
C ARG C 290 55.25 -2.08 -12.63
N THR C 291 56.15 -2.33 -13.59
CA THR C 291 57.59 -2.26 -13.37
C THR C 291 57.97 -0.87 -12.83
N GLU C 292 57.20 0.17 -13.16
CA GLU C 292 57.46 1.53 -12.72
C GLU C 292 57.44 1.63 -11.19
N TRP C 293 56.58 0.86 -10.51
CA TRP C 293 56.36 1.04 -9.09
C TRP C 293 57.03 -0.05 -8.25
N PHE C 294 57.30 -1.20 -8.87
CA PHE C 294 57.96 -2.31 -8.20
C PHE C 294 58.28 -3.34 -9.28
N ASP C 295 59.42 -4.01 -9.14
CA ASP C 295 59.96 -4.87 -10.18
C ASP C 295 60.06 -6.31 -9.69
N GLY C 296 59.66 -6.56 -8.44
CA GLY C 296 59.54 -7.93 -7.95
C GLY C 296 58.28 -8.57 -8.51
N ASP C 297 58.35 -9.85 -8.88
CA ASP C 297 57.14 -10.64 -9.06
C ASP C 297 56.60 -10.97 -7.68
N GLY C 298 55.27 -10.86 -7.50
CA GLY C 298 54.66 -10.98 -6.19
C GLY C 298 54.24 -9.63 -5.64
N PRO C 299 53.57 -9.58 -4.46
CA PRO C 299 52.80 -8.41 -4.06
C PRO C 299 53.66 -7.15 -3.91
N MET C 300 53.00 -5.99 -3.93
CA MET C 300 53.70 -4.73 -3.78
C MET C 300 53.88 -4.42 -2.29
N PRO C 301 55.04 -3.91 -1.87
CA PRO C 301 55.25 -3.47 -0.49
C PRO C 301 54.59 -2.12 -0.24
N ALA C 302 54.43 -1.78 1.04
CA ALA C 302 53.72 -0.57 1.48
C ALA C 302 54.38 0.71 0.95
N GLU C 303 55.72 0.67 0.74
CA GLU C 303 56.47 1.83 0.30
C GLU C 303 56.05 2.19 -1.14
N ALA C 304 55.85 1.15 -1.96
CA ALA C 304 55.38 1.31 -3.33
C ALA C 304 54.03 2.00 -3.35
N ILE C 305 53.09 1.49 -2.52
CA ILE C 305 51.75 2.00 -2.41
C ILE C 305 51.78 3.50 -2.11
N GLU C 306 52.66 3.89 -1.18
CA GLU C 306 52.77 5.28 -0.74
C GLU C 306 53.39 6.14 -1.87
N ARG C 307 54.32 5.54 -2.62
CA ARG C 307 54.92 6.23 -3.76
C ARG C 307 53.86 6.48 -4.82
N MET C 308 52.97 5.49 -5.01
CA MET C 308 51.89 5.59 -5.99
C MET C 308 50.96 6.72 -5.60
N LYS C 309 50.59 6.74 -4.31
CA LYS C 309 49.73 7.79 -3.79
C LYS C 309 50.36 9.16 -4.03
N LYS C 310 51.62 9.32 -3.58
CA LYS C 310 52.26 10.62 -3.59
C LYS C 310 52.51 11.09 -5.04
N ASP C 311 52.97 10.20 -5.91
CA ASP C 311 53.34 10.55 -7.28
C ASP C 311 52.10 10.96 -8.07
N LEU C 312 51.05 10.14 -8.03
CA LEU C 312 49.82 10.42 -8.77
C LEU C 312 48.95 11.45 -8.05
N ASP C 313 49.22 11.63 -6.73
CA ASP C 313 48.49 12.58 -5.91
C ASP C 313 47.05 12.07 -5.74
N LEU C 314 46.92 10.90 -5.12
CA LEU C 314 45.67 10.17 -4.98
C LEU C 314 45.66 9.43 -3.65
N GLY C 315 44.46 9.28 -3.06
CA GLY C 315 44.28 8.45 -1.87
C GLY C 315 44.34 6.97 -2.21
N PHE C 316 44.26 6.12 -1.18
CA PHE C 316 44.19 4.67 -1.39
C PHE C 316 42.85 4.30 -2.02
N TRP C 317 41.79 4.98 -1.57
CA TRP C 317 40.48 4.92 -2.20
C TRP C 317 40.18 6.26 -2.87
N ASN C 318 39.54 6.23 -4.04
CA ASN C 318 39.24 7.44 -4.78
C ASN C 318 37.81 7.35 -5.29
N PHE C 319 37.00 8.35 -4.96
CA PHE C 319 35.56 8.34 -5.26
C PHE C 319 35.27 9.22 -6.48
N TYR C 320 34.40 8.74 -7.37
CA TYR C 320 34.02 9.47 -8.57
C TYR C 320 32.50 9.53 -8.66
N GLY C 321 31.96 10.75 -8.69
CA GLY C 321 30.54 10.96 -8.92
C GLY C 321 30.33 11.96 -10.05
N THR C 322 29.08 12.08 -10.50
CA THR C 322 28.70 13.11 -11.46
C THR C 322 27.33 13.66 -11.07
N LEU C 323 27.14 14.95 -11.31
CA LEU C 323 25.91 15.65 -11.00
C LEU C 323 25.32 16.24 -12.28
N TYR C 324 23.99 16.26 -12.37
CA TYR C 324 23.30 16.68 -13.58
C TYR C 324 22.22 17.67 -13.22
N GLY C 325 22.05 18.70 -14.06
CA GLY C 325 20.96 19.66 -13.91
C GLY C 325 21.40 21.07 -14.24
N PRO C 326 20.54 22.09 -13.96
CA PRO C 326 20.96 23.50 -14.03
C PRO C 326 22.04 23.76 -12.97
N PRO C 327 23.03 24.65 -13.25
CA PRO C 327 24.12 24.92 -12.30
C PRO C 327 23.79 25.22 -10.83
N PRO C 328 22.66 25.89 -10.51
CA PRO C 328 22.21 25.97 -9.10
C PRO C 328 22.15 24.62 -8.39
N LEU C 329 21.42 23.67 -9.01
CA LEU C 329 21.21 22.35 -8.44
C LEU C 329 22.54 21.59 -8.29
N ILE C 330 23.41 21.77 -9.27
CA ILE C 330 24.73 21.14 -9.25
C ILE C 330 25.53 21.67 -8.06
N GLU C 331 25.54 23.00 -7.89
CA GLU C 331 26.25 23.63 -6.78
C GLU C 331 25.63 23.17 -5.46
N MET C 332 24.29 23.21 -5.38
CA MET C 332 23.56 22.85 -4.17
C MET C 332 23.92 21.44 -3.73
N TYR C 333 24.03 20.52 -4.71
CA TYR C 333 24.30 19.11 -4.43
C TYR C 333 25.78 18.91 -4.13
N TYR C 334 26.65 19.60 -4.90
CA TYR C 334 28.09 19.44 -4.72
C TYR C 334 28.47 19.86 -3.29
N GLY C 335 27.84 20.94 -2.81
CA GLY C 335 28.02 21.40 -1.45
C GLY C 335 27.65 20.32 -0.44
N MET C 336 26.44 19.79 -0.59
CA MET C 336 25.94 18.78 0.32
C MET C 336 26.94 17.61 0.39
N ILE C 337 27.55 17.28 -0.77
CA ILE C 337 28.48 16.17 -0.90
C ILE C 337 29.81 16.53 -0.22
N LYS C 338 30.24 17.80 -0.34
CA LYS C 338 31.46 18.24 0.31
C LYS C 338 31.30 18.23 1.83
N GLU C 339 30.16 18.75 2.31
CA GLU C 339 29.88 18.79 3.73
C GLU C 339 29.84 17.35 4.27
N ALA C 340 29.37 16.41 3.44
CA ALA C 340 29.10 15.04 3.87
C ALA C 340 30.38 14.25 4.03
N PHE C 341 31.20 14.22 2.96
CA PHE C 341 32.44 13.48 2.96
C PHE C 341 33.54 14.27 3.65
N GLY C 342 33.31 15.58 3.80
CA GLY C 342 34.23 16.47 4.50
C GLY C 342 34.51 16.00 5.94
N LYS C 343 33.60 15.20 6.50
CA LYS C 343 33.74 14.72 7.88
C LYS C 343 34.79 13.60 7.98
N ILE C 344 35.57 13.34 6.92
CA ILE C 344 36.57 12.28 6.98
C ILE C 344 37.96 12.89 6.88
N PRO C 345 38.83 12.63 7.90
CA PRO C 345 40.24 13.00 7.88
C PRO C 345 40.95 12.77 6.56
N GLY C 346 41.38 13.85 5.90
CA GLY C 346 42.32 13.78 4.79
C GLY C 346 41.63 13.75 3.44
N ALA C 347 40.42 14.29 3.39
CA ALA C 347 39.56 14.16 2.23
C ALA C 347 39.69 15.40 1.35
N ARG C 348 40.41 15.29 0.23
CA ARG C 348 40.51 16.39 -0.73
C ARG C 348 39.47 16.19 -1.86
N PHE C 349 39.04 17.31 -2.47
CA PHE C 349 38.00 17.35 -3.49
C PHE C 349 38.50 18.07 -4.74
N PHE C 350 38.19 17.51 -5.92
CA PHE C 350 38.63 18.08 -7.19
C PHE C 350 37.55 17.85 -8.25
N THR C 351 37.25 18.88 -9.05
CA THR C 351 36.37 18.75 -10.21
C THR C 351 37.16 18.33 -11.45
N HIS C 352 36.47 18.15 -12.59
CA HIS C 352 37.09 17.73 -13.83
C HIS C 352 37.88 18.88 -14.47
N GLU C 353 37.71 20.09 -13.93
CA GLU C 353 38.50 21.26 -14.31
C GLU C 353 39.84 21.26 -13.58
N GLU C 354 39.82 20.89 -12.28
CA GLU C 354 40.92 21.16 -11.37
C GLU C 354 42.10 20.18 -11.54
N ARG C 355 41.95 19.13 -12.35
CA ARG C 355 43.01 18.14 -12.50
C ARG C 355 42.99 17.53 -13.89
N ASP C 356 44.05 17.76 -14.66
CA ASP C 356 44.34 16.90 -15.80
C ASP C 356 45.79 16.46 -15.73
N ASP C 357 46.32 16.38 -14.50
CA ASP C 357 47.56 15.67 -14.24
C ASP C 357 47.35 14.17 -14.52
N ARG C 358 48.33 13.34 -14.15
CA ARG C 358 48.34 11.94 -14.54
C ARG C 358 47.47 11.10 -13.59
N GLY C 359 47.20 11.61 -12.38
CA GLY C 359 46.29 10.96 -11.46
C GLY C 359 44.82 11.25 -11.80
N GLY C 360 44.59 12.38 -12.49
CA GLY C 360 43.25 12.79 -12.89
C GLY C 360 42.84 12.23 -14.24
N HIS C 361 43.62 11.27 -14.78
CA HIS C 361 43.28 10.63 -16.04
C HIS C 361 41.94 9.91 -15.88
N VAL C 362 41.82 9.14 -14.79
CA VAL C 362 40.62 8.39 -14.49
C VAL C 362 39.43 9.33 -14.42
N LEU C 363 39.57 10.41 -13.65
CA LEU C 363 38.51 11.41 -13.53
C LEU C 363 38.04 11.90 -14.90
N GLN C 364 38.97 12.12 -15.85
CA GLN C 364 38.61 12.57 -17.18
C GLN C 364 37.78 11.49 -17.87
N ASP C 365 38.14 10.22 -17.63
CA ASP C 365 37.50 9.08 -18.28
C ASP C 365 36.11 8.86 -17.72
N ARG C 366 35.96 8.94 -16.39
CA ARG C 366 34.68 8.73 -15.74
C ARG C 366 33.73 9.88 -16.08
N HIS C 367 34.29 11.07 -16.36
CA HIS C 367 33.48 12.18 -16.83
C HIS C 367 32.82 11.85 -18.18
N LYS C 368 33.54 11.17 -19.07
CA LYS C 368 32.98 10.74 -20.34
C LYS C 368 31.91 9.67 -20.15
N ILE C 369 32.25 8.63 -19.37
CA ILE C 369 31.39 7.46 -19.20
C ILE C 369 30.10 7.88 -18.50
N ASN C 370 30.22 8.71 -17.44
CA ASN C 370 29.10 9.10 -16.61
C ASN C 370 28.18 10.05 -17.40
N ASN C 371 28.55 10.36 -18.66
CA ASN C 371 27.79 11.27 -19.49
C ASN C 371 27.33 10.60 -20.78
N GLY C 372 27.47 9.27 -20.88
CA GLY C 372 26.93 8.53 -22.01
C GLY C 372 27.81 8.69 -23.25
N ILE C 373 29.13 8.77 -23.02
CA ILE C 373 30.11 8.87 -24.08
C ILE C 373 30.94 7.60 -24.11
N PRO C 374 30.66 6.65 -25.06
CA PRO C 374 31.39 5.40 -25.11
C PRO C 374 32.89 5.64 -25.35
N SER C 375 33.73 4.97 -24.57
CA SER C 375 35.16 5.02 -24.75
C SER C 375 35.67 3.59 -24.87
N LEU C 376 36.99 3.46 -25.09
CA LEU C 376 37.69 2.20 -24.88
C LEU C 376 38.84 2.45 -23.90
N ASP C 377 38.73 3.52 -23.10
CA ASP C 377 39.84 3.98 -22.30
C ASP C 377 40.31 2.90 -21.31
N ASP C 378 39.43 2.00 -20.90
CA ASP C 378 39.72 1.05 -19.83
C ASP C 378 40.64 -0.07 -20.33
N LEU C 379 40.90 -0.13 -21.64
CA LEU C 379 41.82 -1.10 -22.21
C LEU C 379 43.25 -0.75 -21.79
N GLN C 380 43.50 0.54 -21.50
CA GLN C 380 44.81 1.00 -21.07
C GLN C 380 45.20 0.35 -19.75
N LEU C 381 44.24 -0.21 -19.01
CA LEU C 381 44.56 -0.97 -17.81
C LEU C 381 45.35 -2.24 -18.13
N LEU C 382 45.37 -2.63 -19.41
CA LEU C 382 46.06 -3.82 -19.89
C LEU C 382 47.56 -3.58 -20.04
N ASP C 383 48.04 -2.33 -19.90
CA ASP C 383 49.46 -2.02 -20.04
C ASP C 383 50.19 -2.16 -18.71
N TRP C 384 49.45 -2.49 -17.66
CA TRP C 384 50.00 -2.81 -16.35
C TRP C 384 51.08 -3.88 -16.44
N VAL C 385 50.79 -4.94 -17.21
CA VAL C 385 51.74 -6.01 -17.45
C VAL C 385 51.72 -6.30 -18.96
N PRO C 386 52.71 -7.04 -19.50
CA PRO C 386 52.75 -7.29 -20.95
C PRO C 386 51.68 -8.28 -21.36
N ASN C 387 51.16 -8.09 -22.58
CA ASN C 387 50.12 -8.93 -23.14
C ASN C 387 48.91 -8.93 -22.21
N GLY C 388 48.69 -7.81 -21.51
CA GLY C 388 47.68 -7.72 -20.47
C GLY C 388 46.29 -8.10 -21.00
N GLY C 389 45.58 -8.85 -20.16
CA GLY C 389 44.13 -9.01 -20.26
C GLY C 389 43.51 -8.92 -18.87
N HIS C 390 42.17 -9.04 -18.78
CA HIS C 390 41.48 -8.93 -17.51
C HIS C 390 40.33 -9.92 -17.36
N ILE C 391 40.07 -10.26 -16.09
CA ILE C 391 39.03 -11.21 -15.69
C ILE C 391 38.28 -10.58 -14.52
N GLY C 392 36.95 -10.66 -14.54
CA GLY C 392 36.14 -9.97 -13.55
C GLY C 392 35.62 -10.90 -12.46
N PHE C 393 35.43 -10.35 -11.26
CA PHE C 393 34.75 -11.04 -10.18
C PHE C 393 34.06 -9.99 -9.31
N VAL C 394 32.72 -10.05 -9.21
CA VAL C 394 31.97 -8.95 -8.63
C VAL C 394 30.89 -9.47 -7.68
N PRO C 395 31.21 -9.78 -6.42
CA PRO C 395 30.19 -10.17 -5.45
C PRO C 395 29.28 -9.03 -5.04
N VAL C 396 28.09 -9.39 -4.53
CA VAL C 396 27.05 -8.45 -4.15
C VAL C 396 26.74 -8.60 -2.67
N SER C 397 26.50 -7.47 -2.01
CA SER C 397 26.36 -7.41 -0.57
C SER C 397 25.58 -6.14 -0.18
N ALA C 398 25.27 -6.04 1.10
CA ALA C 398 24.63 -4.85 1.63
C ALA C 398 25.67 -3.72 1.68
N PRO C 399 25.28 -2.45 1.46
CA PRO C 399 26.20 -1.32 1.54
C PRO C 399 26.42 -0.88 2.98
N ASP C 400 27.30 -1.62 3.68
CA ASP C 400 27.68 -1.35 5.05
C ASP C 400 29.21 -1.36 5.16
N GLY C 401 29.76 -0.37 5.89
CA GLY C 401 31.20 -0.18 6.00
C GLY C 401 31.94 -1.42 6.52
N ARG C 402 31.49 -1.95 7.67
CA ARG C 402 32.10 -3.13 8.25
C ARG C 402 32.10 -4.28 7.24
N GLU C 403 31.00 -4.39 6.50
CA GLU C 403 30.83 -5.46 5.52
C GLU C 403 31.81 -5.23 4.39
N ALA C 404 32.00 -3.97 4.00
CA ALA C 404 32.96 -3.62 2.97
C ALA C 404 34.37 -3.95 3.44
N MET C 405 34.68 -3.58 4.68
CA MET C 405 36.00 -3.77 5.23
C MET C 405 36.34 -5.25 5.28
N LYS C 406 35.32 -6.06 5.57
CA LYS C 406 35.48 -7.51 5.68
C LYS C 406 35.79 -8.09 4.31
N GLN C 407 35.16 -7.54 3.25
CA GLN C 407 35.38 -7.97 1.88
C GLN C 407 36.79 -7.58 1.42
N PHE C 408 37.18 -6.33 1.69
CA PHE C 408 38.52 -5.83 1.42
C PHE C 408 39.58 -6.77 1.98
N GLU C 409 39.51 -7.06 3.27
CA GLU C 409 40.47 -7.93 3.93
C GLU C 409 40.43 -9.32 3.29
N MET C 410 39.22 -9.86 3.14
CA MET C 410 39.00 -11.20 2.62
C MET C 410 39.71 -11.38 1.28
N VAL C 411 39.44 -10.46 0.34
CA VAL C 411 39.92 -10.57 -1.03
C VAL C 411 41.41 -10.28 -1.08
N ARG C 412 41.83 -9.10 -0.61
CA ARG C 412 43.24 -8.72 -0.67
C ARG C 412 44.13 -9.81 -0.07
N ASN C 413 43.70 -10.38 1.06
CA ASN C 413 44.39 -11.51 1.67
C ASN C 413 44.64 -12.61 0.63
N ARG C 414 43.57 -13.22 0.11
CA ARG C 414 43.69 -14.34 -0.81
C ARG C 414 44.34 -13.93 -2.13
N ALA C 415 44.31 -12.63 -2.46
CA ALA C 415 44.92 -12.11 -3.66
C ALA C 415 46.45 -12.13 -3.54
N ASN C 416 46.96 -11.81 -2.35
CA ASN C 416 48.38 -11.79 -2.09
C ASN C 416 48.93 -13.22 -2.05
N GLU C 417 48.13 -14.16 -1.56
CA GLU C 417 48.50 -15.57 -1.56
C GLU C 417 48.75 -16.04 -3.00
N TYR C 418 48.08 -15.42 -3.99
CA TYR C 418 48.28 -15.79 -5.38
C TYR C 418 49.17 -14.78 -6.10
N ASN C 419 49.88 -13.94 -5.32
CA ASN C 419 50.93 -13.07 -5.81
C ASN C 419 50.37 -12.00 -6.75
N LYS C 420 49.13 -11.56 -6.47
CA LYS C 420 48.49 -10.57 -7.33
C LYS C 420 48.14 -9.33 -6.54
N ASP C 421 47.95 -8.23 -7.28
CA ASP C 421 47.57 -6.96 -6.70
C ASP C 421 46.05 -6.87 -6.62
N TYR C 422 45.60 -6.23 -5.53
CA TYR C 422 44.19 -5.96 -5.27
C TYR C 422 43.75 -4.73 -6.08
N MET C 423 43.42 -4.96 -7.36
CA MET C 423 42.75 -3.94 -8.17
C MET C 423 41.25 -4.07 -7.92
N ALA C 424 40.71 -3.27 -7.00
CA ALA C 424 39.34 -3.44 -6.56
C ALA C 424 38.62 -2.10 -6.47
N GLY C 425 37.28 -2.17 -6.50
CA GLY C 425 36.43 -1.03 -6.25
C GLY C 425 35.16 -1.45 -5.52
N PHE C 426 34.49 -0.46 -4.91
CA PHE C 426 33.12 -0.64 -4.44
C PHE C 426 32.24 0.35 -5.20
N THR C 427 31.11 -0.11 -5.73
CA THR C 427 30.12 0.81 -6.26
C THR C 427 28.77 0.44 -5.66
N ILE C 428 27.78 1.33 -5.82
CA ILE C 428 26.48 1.17 -5.19
C ILE C 428 25.40 1.54 -6.20
N GLY C 429 24.41 0.64 -6.36
CA GLY C 429 23.31 0.89 -7.26
C GLY C 429 22.31 1.82 -6.61
N LEU C 430 21.40 1.23 -5.81
CA LEU C 430 20.50 1.97 -4.95
C LEU C 430 20.69 1.49 -3.51
N ARG C 431 20.47 0.19 -3.28
CA ARG C 431 20.52 -0.39 -1.95
C ARG C 431 21.36 -1.67 -1.97
N GLU C 432 22.39 -1.69 -2.82
CA GLU C 432 23.14 -2.91 -3.13
C GLU C 432 24.61 -2.50 -3.25
N MET C 433 25.52 -3.40 -2.89
CA MET C 433 26.93 -3.07 -3.00
C MET C 433 27.65 -4.10 -3.86
N TYR C 434 28.43 -3.57 -4.80
CA TYR C 434 29.27 -4.38 -5.67
C TYR C 434 30.70 -4.27 -5.19
N HIS C 435 31.40 -5.41 -5.14
CA HIS C 435 32.82 -5.41 -4.88
C HIS C 435 33.54 -5.74 -6.19
N VAL C 436 33.78 -4.70 -6.98
CA VAL C 436 34.29 -4.85 -8.33
C VAL C 436 35.80 -5.13 -8.28
N CYS C 437 36.17 -6.42 -8.29
CA CYS C 437 37.55 -6.85 -8.31
C CYS C 437 37.92 -7.21 -9.75
N LEU C 438 39.07 -6.69 -10.19
CA LEU C 438 39.57 -6.83 -11.55
C LEU C 438 41.01 -7.36 -11.42
N PHE C 439 41.33 -8.40 -12.18
CA PHE C 439 42.67 -8.97 -12.14
C PHE C 439 43.26 -8.95 -13.55
N ILE C 440 44.51 -8.46 -13.63
CA ILE C 440 45.20 -8.31 -14.90
C ILE C 440 46.28 -9.39 -14.97
N TYR C 441 46.51 -9.92 -16.19
CA TYR C 441 47.32 -11.12 -16.34
C TYR C 441 47.90 -11.20 -17.76
N ASP C 442 48.99 -11.96 -17.88
CA ASP C 442 49.66 -12.19 -19.14
C ASP C 442 48.82 -13.15 -19.98
N THR C 443 48.27 -12.68 -21.11
CA THR C 443 47.36 -13.51 -21.90
C THR C 443 48.12 -14.47 -22.81
N ALA C 444 49.43 -14.28 -22.97
CA ALA C 444 50.23 -15.10 -23.87
C ALA C 444 50.90 -16.25 -23.12
N ASP C 445 50.68 -16.34 -21.79
CA ASP C 445 51.34 -17.31 -20.92
C ASP C 445 50.28 -18.29 -20.40
N PRO C 446 50.14 -19.51 -20.98
CA PRO C 446 49.12 -20.47 -20.53
C PRO C 446 49.03 -20.74 -19.04
N GLU C 447 50.18 -20.70 -18.33
CA GLU C 447 50.20 -20.84 -16.88
C GLU C 447 49.42 -19.72 -16.22
N ALA C 448 49.75 -18.47 -16.61
CA ALA C 448 49.13 -17.29 -16.03
C ALA C 448 47.61 -17.39 -16.14
N ARG C 449 47.12 -17.86 -17.29
CA ARG C 449 45.69 -17.94 -17.57
C ARG C 449 45.05 -18.95 -16.61
N GLU C 450 45.65 -20.13 -16.52
CA GLU C 450 45.15 -21.18 -15.63
C GLU C 450 45.14 -20.67 -14.17
N GLU C 451 46.16 -19.91 -13.78
CA GLU C 451 46.31 -19.44 -12.40
C GLU C 451 45.16 -18.50 -12.04
N ILE C 452 44.90 -17.54 -12.94
CA ILE C 452 43.84 -16.55 -12.76
C ILE C 452 42.50 -17.27 -12.58
N LEU C 453 42.23 -18.21 -13.48
CA LEU C 453 40.97 -18.93 -13.48
C LEU C 453 40.76 -19.59 -12.12
N GLN C 454 41.75 -20.32 -11.65
CA GLN C 454 41.64 -21.01 -10.37
C GLN C 454 41.45 -20.01 -9.25
N MET C 455 42.17 -18.88 -9.33
CA MET C 455 42.13 -17.91 -8.25
C MET C 455 40.70 -17.37 -8.06
N THR C 456 40.09 -16.93 -9.17
CA THR C 456 38.73 -16.40 -9.12
C THR C 456 37.79 -17.48 -8.58
N LYS C 457 37.89 -18.72 -9.10
CA LYS C 457 37.09 -19.84 -8.62
C LYS C 457 37.14 -19.93 -7.10
N VAL C 458 38.30 -19.62 -6.53
CA VAL C 458 38.47 -19.70 -5.09
C VAL C 458 37.83 -18.48 -4.44
N LEU C 459 38.09 -17.30 -5.02
CA LEU C 459 37.51 -16.06 -4.52
C LEU C 459 35.97 -16.15 -4.51
N VAL C 460 35.42 -16.79 -5.55
CA VAL C 460 33.98 -16.98 -5.71
C VAL C 460 33.45 -17.88 -4.60
N ARG C 461 34.06 -19.06 -4.43
CA ARG C 461 33.68 -20.00 -3.40
C ARG C 461 33.75 -19.32 -2.03
N GLU C 462 34.82 -18.55 -1.77
CA GLU C 462 35.01 -17.94 -0.47
C GLU C 462 33.95 -16.87 -0.22
N ALA C 463 33.75 -15.97 -1.18
CA ALA C 463 32.73 -14.94 -1.09
C ALA C 463 31.37 -15.56 -0.78
N ALA C 464 31.04 -16.61 -1.53
CA ALA C 464 29.76 -17.28 -1.37
C ALA C 464 29.61 -17.80 0.05
N GLU C 465 30.70 -18.25 0.67
CA GLU C 465 30.68 -18.80 2.02
C GLU C 465 30.37 -17.70 3.03
N ALA C 466 30.71 -16.45 2.69
CA ALA C 466 30.44 -15.30 3.54
C ALA C 466 29.12 -14.63 3.20
N GLY C 467 28.38 -15.18 2.22
CA GLY C 467 27.04 -14.72 1.90
C GLY C 467 27.01 -13.75 0.72
N TYR C 468 28.03 -13.82 -0.14
CA TYR C 468 28.19 -12.87 -1.23
C TYR C 468 28.15 -13.62 -2.56
N GLY C 469 27.13 -13.36 -3.37
CA GLY C 469 26.97 -13.98 -4.68
C GLY C 469 27.34 -13.04 -5.82
N GLU C 470 27.72 -13.63 -6.96
CA GLU C 470 28.15 -12.85 -8.12
C GLU C 470 26.91 -12.44 -8.89
N TYR C 471 26.90 -11.23 -9.45
CA TYR C 471 25.74 -10.80 -10.22
C TYR C 471 25.94 -11.28 -11.65
N ARG C 472 27.23 -11.50 -11.97
CA ARG C 472 27.64 -11.91 -13.30
C ARG C 472 29.06 -12.46 -13.21
N THR C 473 29.34 -13.46 -14.06
CA THR C 473 30.62 -14.15 -14.04
C THR C 473 31.09 -14.48 -15.45
N HIS C 474 32.33 -15.00 -15.51
CA HIS C 474 32.98 -15.44 -16.72
C HIS C 474 32.31 -16.73 -17.22
N ASN C 475 32.41 -16.95 -18.53
CA ASN C 475 31.90 -18.17 -19.14
C ASN C 475 32.34 -19.37 -18.29
N ALA C 476 33.60 -19.32 -17.85
CA ALA C 476 34.27 -20.47 -17.28
C ALA C 476 33.74 -20.87 -15.92
N LEU C 477 33.00 -19.99 -15.23
CA LEU C 477 32.65 -20.21 -13.83
C LEU C 477 31.13 -20.23 -13.66
N MET C 478 30.39 -20.39 -14.76
CA MET C 478 28.93 -20.37 -14.70
C MET C 478 28.42 -21.52 -13.84
N ASP C 479 28.93 -22.74 -14.05
CA ASP C 479 28.47 -23.90 -13.29
C ASP C 479 28.76 -23.68 -11.80
N ASP C 480 29.95 -23.16 -11.50
CA ASP C 480 30.38 -22.93 -10.14
C ASP C 480 29.48 -21.90 -9.45
N VAL C 481 29.27 -20.76 -10.10
CA VAL C 481 28.44 -19.69 -9.54
C VAL C 481 27.02 -20.17 -9.30
N MET C 482 26.41 -20.88 -10.28
CA MET C 482 25.04 -21.33 -10.12
C MET C 482 24.96 -22.27 -8.92
N ALA C 483 26.04 -23.01 -8.65
CA ALA C 483 26.07 -23.92 -7.51
C ALA C 483 26.03 -23.16 -6.19
N THR C 484 26.43 -21.88 -6.17
CA THR C 484 26.36 -21.12 -4.93
C THR C 484 24.93 -20.72 -4.60
N PHE C 485 24.01 -20.69 -5.59
CA PHE C 485 22.65 -20.25 -5.36
C PHE C 485 21.74 -21.45 -5.12
N ASN C 486 22.11 -22.22 -4.09
CA ASN C 486 21.60 -23.57 -3.95
C ASN C 486 20.63 -23.70 -2.78
N TRP C 487 20.06 -22.58 -2.31
CA TRP C 487 19.05 -22.64 -1.25
C TRP C 487 17.97 -23.66 -1.58
N GLY C 488 17.42 -24.31 -0.54
CA GLY C 488 16.41 -25.34 -0.71
C GLY C 488 16.92 -26.55 -1.49
N ASP C 489 18.21 -26.82 -1.35
CA ASP C 489 18.86 -27.94 -2.02
C ASP C 489 18.79 -27.74 -3.53
N GLY C 490 19.27 -26.57 -3.99
CA GLY C 490 19.37 -26.26 -5.41
C GLY C 490 18.00 -26.20 -6.07
N ALA C 491 17.03 -25.57 -5.39
CA ALA C 491 15.67 -25.41 -5.86
C ALA C 491 15.63 -24.55 -7.12
N LEU C 492 16.41 -23.48 -7.10
CA LEU C 492 16.38 -22.51 -8.18
C LEU C 492 16.81 -23.15 -9.48
N LEU C 493 17.91 -23.92 -9.48
CA LEU C 493 18.40 -24.51 -10.72
C LEU C 493 17.42 -25.58 -11.20
N LYS C 494 16.75 -26.28 -10.29
CA LYS C 494 15.84 -27.34 -10.70
C LYS C 494 14.69 -26.71 -11.48
N PHE C 495 14.30 -25.52 -11.05
CA PHE C 495 13.22 -24.78 -11.68
C PHE C 495 13.66 -24.36 -13.08
N HIS C 496 14.85 -23.78 -13.18
CA HIS C 496 15.42 -23.37 -14.45
C HIS C 496 15.45 -24.56 -15.41
N GLU C 497 15.77 -25.74 -14.90
CA GLU C 497 15.93 -26.92 -15.73
C GLU C 497 14.56 -27.39 -16.23
N LYS C 498 13.56 -27.37 -15.37
CA LYS C 498 12.21 -27.78 -15.76
C LYS C 498 11.77 -26.88 -16.91
N ILE C 499 12.05 -25.58 -16.85
CA ILE C 499 11.64 -24.64 -17.89
C ILE C 499 12.49 -24.85 -19.14
N LYS C 500 13.79 -24.96 -18.98
CA LYS C 500 14.69 -25.23 -20.10
C LYS C 500 14.21 -26.46 -20.86
N ASP C 501 13.78 -27.50 -20.15
CA ASP C 501 13.40 -28.74 -20.80
C ASP C 501 12.03 -28.61 -21.46
N ALA C 502 11.19 -27.70 -20.95
CA ALA C 502 9.85 -27.53 -21.50
C ALA C 502 9.91 -26.72 -22.79
N LEU C 503 10.76 -25.69 -22.85
CA LEU C 503 10.81 -24.84 -24.04
C LEU C 503 11.78 -25.44 -25.07
N ASP C 504 12.77 -26.22 -24.60
CA ASP C 504 13.84 -26.69 -25.45
C ASP C 504 13.98 -28.20 -25.30
N PRO C 505 12.97 -28.99 -25.70
CA PRO C 505 13.01 -30.45 -25.53
C PRO C 505 14.12 -31.18 -26.29
N ASN C 506 14.62 -30.58 -27.37
CA ASN C 506 15.71 -31.17 -28.13
C ASN C 506 17.06 -30.66 -27.63
N GLY C 507 17.08 -29.75 -26.65
CA GLY C 507 18.31 -29.30 -26.05
C GLY C 507 19.21 -28.59 -27.05
N ILE C 508 18.64 -27.59 -27.73
CA ILE C 508 19.32 -26.93 -28.83
C ILE C 508 20.11 -25.70 -28.35
N ILE C 509 19.51 -24.84 -27.52
CA ILE C 509 20.03 -23.49 -27.37
C ILE C 509 21.07 -23.42 -26.27
N ALA C 510 22.25 -22.88 -26.61
CA ALA C 510 23.31 -22.51 -25.67
C ALA C 510 23.36 -23.40 -24.43
N PRO C 511 23.53 -24.72 -24.59
CA PRO C 511 23.54 -25.62 -23.43
C PRO C 511 24.65 -25.21 -22.46
N GLY C 512 24.30 -25.08 -21.18
CA GLY C 512 25.24 -24.79 -20.12
C GLY C 512 25.20 -23.32 -19.65
N LYS C 513 24.65 -22.43 -20.47
CA LYS C 513 24.63 -21.01 -20.16
C LYS C 513 24.02 -20.82 -18.78
N SER C 514 24.74 -20.07 -17.92
CA SER C 514 24.28 -19.79 -16.57
C SER C 514 24.11 -21.09 -15.77
N GLY C 515 24.78 -22.15 -16.24
CA GLY C 515 24.79 -23.43 -15.55
C GLY C 515 23.55 -24.27 -15.82
N ILE C 516 22.78 -23.88 -16.86
CA ILE C 516 21.51 -24.55 -17.13
C ILE C 516 21.68 -25.46 -18.33
N TRP C 517 21.62 -26.78 -18.08
CA TRP C 517 21.81 -27.77 -19.13
C TRP C 517 20.51 -28.47 -19.41
N PRO C 518 20.19 -28.79 -20.70
CA PRO C 518 19.01 -29.59 -21.00
C PRO C 518 19.23 -31.07 -20.70
N GLN C 519 18.14 -31.82 -20.49
CA GLN C 519 18.16 -33.23 -20.11
C GLN C 519 19.26 -33.99 -20.85
N ARG C 520 19.34 -33.87 -22.17
CA ARG C 520 20.19 -34.76 -22.94
C ARG C 520 21.67 -34.51 -22.66
N PHE C 521 22.02 -33.41 -21.97
CA PHE C 521 23.42 -33.17 -21.66
C PHE C 521 23.73 -33.39 -20.19
N ARG C 522 22.75 -33.85 -19.40
CA ARG C 522 22.93 -34.11 -17.98
C ARG C 522 23.23 -35.61 -17.79
N GLY C 523 23.84 -35.95 -16.65
CA GLY C 523 24.02 -37.35 -16.26
C GLY C 523 22.73 -37.90 -15.68
N GLN C 524 22.80 -39.03 -14.94
CA GLN C 524 21.74 -39.52 -14.06
C GLN C 524 22.34 -40.08 -12.76
#